data_7RMW
#
_entry.id   7RMW
#
_cell.length_a   60.264
_cell.length_b   90.969
_cell.length_c   98.708
_cell.angle_alpha   62.750
_cell.angle_beta   75.360
_cell.angle_gamma   78.530
#
_symmetry.space_group_name_H-M   'P 1'
#
loop_
_entity.id
_entity.type
_entity.pdbx_description
1 polymer 'Pur operon repressor'
2 non-polymer "GUANOSINE-5',3'-TETRAPHOSPHATE"
3 water water
#
_entity_poly.entity_id   1
_entity_poly.type   'polypeptide(L)'
_entity_poly.pdbx_seq_one_letter_code
;MKFRRSGRLVDLTNYLLTHPHELIPLTFFSERYESAKSSISEDLTIIKQTFEQQGIGTLLTVPGAAGGVKYIPKMKQAEA
EEFVQTLGQSLANPERILPGGYVYLTDILGKPSVLSKVGKLFASVFAEREIDVVMTVATKGIPLAYAAASYLNVPVVIVR
KDNKVTEGSTVSINYVSGSSNRIQTMSLAKRSMKTGSNVLIIDDFMKAGGTINGMINLLDEFNANVAGIGVLVEAEGVDE
RLVDEYMSLLTLSTINMKEKSIEIQNGNFLRFFKDNLLKNGETES
;
_entity_poly.pdbx_strand_id   A,B,C,D,E,F
#
loop_
_chem_comp.id
_chem_comp.type
_chem_comp.name
_chem_comp.formula
G4P RNA linking GUANOSINE-5',3'-TETRAPHOSPHATE 'C10 H17 N5 O17 P4'
#
# COMPACT_ATOMS: atom_id res chain seq x y z
N LYS A 2 -4.77 5.71 23.65
CA LYS A 2 -4.68 5.38 22.23
C LYS A 2 -5.32 4.02 21.95
N PHE A 3 -4.46 3.02 21.75
CA PHE A 3 -4.89 1.67 21.42
C PHE A 3 -3.85 0.69 21.93
N ARG A 4 -4.27 -0.24 22.77
CA ARG A 4 -3.49 -1.44 23.04
C ARG A 4 -3.78 -2.48 21.97
N ARG A 5 -2.97 -3.53 21.95
CA ARG A 5 -3.08 -4.52 20.88
C ARG A 5 -4.46 -5.16 20.84
N SER A 6 -5.04 -5.45 22.01
CA SER A 6 -6.33 -6.15 22.05
C SER A 6 -7.42 -5.35 21.34
N GLY A 7 -7.54 -4.07 21.68
CA GLY A 7 -8.48 -3.22 20.99
C GLY A 7 -8.12 -2.98 19.54
N ARG A 8 -6.82 -2.92 19.24
CA ARG A 8 -6.39 -2.70 17.87
C ARG A 8 -6.87 -3.82 16.96
N LEU A 9 -6.87 -5.06 17.46
CA LEU A 9 -7.32 -6.17 16.65
C LEU A 9 -8.83 -6.12 16.45
N VAL A 10 -9.57 -5.70 17.48
CA VAL A 10 -11.02 -5.62 17.36
C VAL A 10 -11.38 -4.58 16.31
N ASP A 11 -10.71 -3.42 16.35
CA ASP A 11 -10.97 -2.33 15.41
C ASP A 11 -10.50 -2.71 14.02
N LEU A 12 -9.28 -3.25 13.91
CA LEU A 12 -8.79 -3.77 12.64
C LEU A 12 -9.77 -4.76 12.03
N THR A 13 -10.25 -5.70 12.83
CA THR A 13 -11.19 -6.68 12.32
C THR A 13 -12.47 -6.01 11.83
N ASN A 14 -12.95 -4.99 12.54
CA ASN A 14 -14.22 -4.38 12.16
C ASN A 14 -14.05 -3.47 10.95
N TYR A 15 -12.86 -2.89 10.82
CA TYR A 15 -12.62 -2.00 9.69
C TYR A 15 -12.53 -2.80 8.40
N LEU A 16 -11.79 -3.90 8.42
CA LEU A 16 -11.69 -4.77 7.26
C LEU A 16 -13.05 -5.32 6.87
N LEU A 17 -13.80 -5.84 7.84
CA LEU A 17 -15.08 -6.47 7.54
C LEU A 17 -16.07 -5.47 6.95
N THR A 18 -15.97 -4.20 7.31
CA THR A 18 -16.87 -3.20 6.77
C THR A 18 -16.33 -2.52 5.52
N HIS A 19 -15.08 -2.78 5.11
CA HIS A 19 -14.53 -2.28 3.84
C HIS A 19 -14.01 -3.40 2.94
N PRO A 20 -14.84 -4.38 2.59
CA PRO A 20 -14.38 -5.47 1.72
C PRO A 20 -14.00 -4.96 0.33
N HIS A 21 -13.03 -5.64 -0.29
CA HIS A 21 -12.53 -5.31 -1.64
C HIS A 21 -12.05 -3.87 -1.79
N GLU A 22 -11.70 -3.20 -0.69
CA GLU A 22 -11.04 -1.90 -0.75
C GLU A 22 -9.58 -2.10 -0.38
N LEU A 23 -8.69 -1.43 -1.12
CA LEU A 23 -7.26 -1.52 -0.87
C LEU A 23 -6.89 -0.47 0.15
N ILE A 24 -6.47 -0.91 1.34
CA ILE A 24 -6.13 0.01 2.42
C ILE A 24 -4.61 0.01 2.58
N PRO A 25 -3.96 1.17 2.54
CA PRO A 25 -2.51 1.21 2.74
C PRO A 25 -2.14 0.96 4.19
N LEU A 26 -1.02 0.27 4.37
CA LEU A 26 -0.56 -0.03 5.73
C LEU A 26 -0.33 1.23 6.55
N THR A 27 0.05 2.34 5.91
CA THR A 27 0.27 3.58 6.64
C THR A 27 -1.02 4.11 7.23
N PHE A 28 -2.17 3.80 6.60
CA PHE A 28 -3.45 4.19 7.18
C PHE A 28 -3.65 3.55 8.56
N PHE A 29 -3.46 2.23 8.65
CA PHE A 29 -3.58 1.57 9.94
C PHE A 29 -2.47 2.00 10.90
N SER A 30 -1.25 2.10 10.39
CA SER A 30 -0.12 2.50 11.22
C SER A 30 -0.37 3.87 11.86
N GLU A 31 -0.84 4.84 11.07
CA GLU A 31 -1.09 6.14 11.65
C GLU A 31 -2.30 6.11 12.58
N ARG A 32 -3.25 5.20 12.31
CA ARG A 32 -4.48 5.17 13.08
C ARG A 32 -4.25 4.64 14.48
N TYR A 33 -3.40 3.63 14.62
CA TYR A 33 -3.13 3.00 15.90
C TYR A 33 -1.82 3.46 16.54
N GLU A 34 -1.09 4.37 15.89
CA GLU A 34 0.16 4.90 16.42
C GLU A 34 1.15 3.77 16.70
N SER A 35 1.36 2.94 15.68
CA SER A 35 2.17 1.73 15.78
C SER A 35 3.01 1.61 14.52
N ALA A 36 4.01 0.74 14.59
CA ALA A 36 4.89 0.55 13.45
C ALA A 36 4.19 -0.29 12.39
N LYS A 37 4.59 -0.09 11.13
CA LYS A 37 4.01 -0.88 10.05
C LYS A 37 4.31 -2.37 10.22
N SER A 38 5.40 -2.72 10.90
CA SER A 38 5.71 -4.13 11.12
C SER A 38 4.77 -4.74 12.14
N SER A 39 4.40 -3.97 13.17
CA SER A 39 3.42 -4.45 14.13
C SER A 39 2.04 -4.58 13.49
N ILE A 40 1.67 -3.67 12.59
CA ILE A 40 0.41 -3.81 11.87
C ILE A 40 0.41 -5.08 11.03
N SER A 41 1.54 -5.37 10.37
CA SER A 41 1.60 -6.49 9.45
C SER A 41 1.44 -7.82 10.17
N GLU A 42 1.93 -7.90 11.42
CA GLU A 42 1.71 -9.11 12.22
C GLU A 42 0.27 -9.21 12.70
N ASP A 43 -0.33 -8.09 13.11
CA ASP A 43 -1.77 -8.11 13.39
C ASP A 43 -2.56 -8.57 12.17
N LEU A 44 -2.16 -8.15 10.96
CA LEU A 44 -2.83 -8.62 9.75
C LEU A 44 -2.57 -10.10 9.47
N THR A 45 -1.48 -10.66 9.99
CA THR A 45 -1.21 -12.09 9.83
C THR A 45 -2.17 -12.92 10.67
N ILE A 46 -2.44 -12.46 11.90
CA ILE A 46 -3.37 -13.17 12.78
C ILE A 46 -4.79 -13.09 12.24
N ILE A 47 -5.23 -11.89 11.84
CA ILE A 47 -6.55 -11.75 11.22
C ILE A 47 -6.66 -12.67 10.01
N LYS A 48 -5.60 -12.72 9.21
CA LYS A 48 -5.61 -13.58 8.03
C LYS A 48 -5.89 -15.03 8.39
N GLN A 49 -5.03 -15.61 9.24
CA GLN A 49 -5.16 -17.02 9.61
C GLN A 49 -6.53 -17.31 10.21
N THR A 50 -7.01 -16.43 11.09
CA THR A 50 -8.33 -16.60 11.68
C THR A 50 -9.43 -16.54 10.62
N PHE A 51 -9.39 -15.52 9.75
CA PHE A 51 -10.37 -15.44 8.67
C PHE A 51 -10.40 -16.72 7.83
N GLU A 52 -9.22 -17.26 7.50
CA GLU A 52 -9.16 -18.48 6.69
C GLU A 52 -9.68 -19.68 7.46
N GLN A 53 -9.23 -19.84 8.72
CA GLN A 53 -9.63 -20.97 9.53
C GLN A 53 -11.14 -20.98 9.75
N GLN A 54 -11.71 -19.80 10.02
CA GLN A 54 -13.14 -19.69 10.28
C GLN A 54 -13.98 -19.55 9.01
N GLY A 55 -13.40 -19.59 7.82
CA GLY A 55 -14.21 -19.48 6.62
C GLY A 55 -14.80 -18.12 6.35
N ILE A 56 -14.26 -17.07 6.98
CA ILE A 56 -14.74 -15.71 6.76
C ILE A 56 -14.26 -15.19 5.41
N GLY A 57 -12.97 -15.33 5.14
CA GLY A 57 -12.40 -14.81 3.92
C GLY A 57 -10.88 -14.85 3.98
N THR A 58 -10.26 -13.99 3.17
CA THR A 58 -8.81 -13.91 3.11
C THR A 58 -8.39 -12.45 3.05
N LEU A 59 -7.14 -12.21 3.43
CA LEU A 59 -6.50 -10.91 3.33
C LEU A 59 -5.43 -11.01 2.26
N LEU A 60 -5.55 -10.19 1.21
CA LEU A 60 -4.51 -10.08 0.21
C LEU A 60 -3.64 -8.88 0.54
N THR A 61 -2.34 -9.06 0.47
CA THR A 61 -1.38 -7.98 0.61
C THR A 61 -0.84 -7.68 -0.79
N VAL A 62 -1.15 -6.50 -1.32
CA VAL A 62 -0.55 -6.03 -2.56
C VAL A 62 0.72 -5.27 -2.19
N PRO A 63 1.87 -5.66 -2.70
CA PRO A 63 3.13 -5.00 -2.33
C PRO A 63 3.25 -3.65 -3.02
N GLY A 64 4.20 -2.87 -2.53
CA GLY A 64 4.51 -1.58 -3.10
C GLY A 64 3.98 -0.43 -2.26
N ALA A 65 4.49 0.76 -2.58
CA ALA A 65 4.05 1.97 -1.90
C ALA A 65 2.58 2.25 -2.17
N ALA A 66 2.13 1.98 -3.39
CA ALA A 66 0.71 2.13 -3.74
C ALA A 66 -0.03 0.84 -3.46
N GLY A 67 0.46 0.07 -2.48
CA GLY A 67 -0.17 -1.17 -2.10
C GLY A 67 -0.89 -1.09 -0.77
N GLY A 68 -1.07 -2.22 -0.13
CA GLY A 68 -1.70 -2.31 1.17
C GLY A 68 -2.41 -3.65 1.29
N VAL A 69 -3.49 -3.67 2.08
CA VAL A 69 -4.22 -4.89 2.36
C VAL A 69 -5.66 -4.76 1.87
N LYS A 70 -6.24 -5.89 1.48
CA LYS A 70 -7.60 -5.95 0.94
C LYS A 70 -8.29 -7.16 1.54
N TYR A 71 -9.39 -6.95 2.24
CA TYR A 71 -10.17 -8.07 2.72
C TYR A 71 -11.09 -8.57 1.61
N ILE A 72 -11.14 -9.89 1.42
CA ILE A 72 -11.89 -10.56 0.35
C ILE A 72 -12.82 -11.60 0.95
N PRO A 73 -14.13 -11.37 0.96
CA PRO A 73 -15.06 -12.36 1.53
C PRO A 73 -15.04 -13.62 0.68
N LYS A 74 -14.91 -14.76 1.34
CA LYS A 74 -14.90 -16.04 0.63
C LYS A 74 -15.71 -17.03 1.44
N MET A 75 -16.25 -18.03 0.76
CA MET A 75 -17.02 -19.08 1.42
C MET A 75 -16.37 -20.42 1.12
N LYS A 76 -16.22 -21.25 2.16
CA LYS A 76 -15.71 -22.59 1.96
C LYS A 76 -16.76 -23.47 1.27
N GLN A 77 -16.26 -24.41 0.47
CA GLN A 77 -17.14 -25.34 -0.23
C GLN A 77 -18.03 -26.11 0.73
N ALA A 78 -17.52 -26.42 1.93
CA ALA A 78 -18.32 -27.14 2.91
C ALA A 78 -19.51 -26.31 3.35
N GLU A 79 -19.28 -25.06 3.78
CA GLU A 79 -20.39 -24.20 4.15
C GLU A 79 -21.30 -23.91 2.97
N ALA A 80 -20.78 -23.96 1.75
CA ALA A 80 -21.62 -23.62 0.60
C ALA A 80 -22.64 -24.72 0.33
N GLU A 81 -22.21 -25.98 0.27
CA GLU A 81 -23.16 -27.04 -0.09
C GLU A 81 -24.06 -27.40 1.09
N GLU A 82 -23.61 -27.20 2.33
CA GLU A 82 -24.53 -27.37 3.46
C GLU A 82 -25.61 -26.31 3.44
N PHE A 83 -25.24 -25.05 3.14
CA PHE A 83 -26.22 -23.98 3.09
C PHE A 83 -27.18 -24.16 1.92
N VAL A 84 -26.66 -24.55 0.76
CA VAL A 84 -27.53 -24.77 -0.39
C VAL A 84 -28.45 -25.96 -0.14
N GLN A 85 -27.96 -26.97 0.59
CA GLN A 85 -28.79 -28.12 0.92
C GLN A 85 -29.98 -27.70 1.78
N THR A 86 -29.69 -26.94 2.86
CA THR A 86 -30.74 -26.44 3.73
C THR A 86 -31.73 -25.57 2.95
N LEU A 87 -31.22 -24.66 2.13
CA LEU A 87 -32.07 -23.82 1.29
C LEU A 87 -33.02 -24.67 0.46
N GLY A 88 -32.48 -25.65 -0.27
CA GLY A 88 -33.32 -26.49 -1.10
C GLY A 88 -34.36 -27.27 -0.33
N GLN A 89 -34.00 -27.70 0.89
CA GLN A 89 -34.95 -28.45 1.71
C GLN A 89 -36.14 -27.59 2.10
N SER A 90 -35.90 -26.30 2.40
CA SER A 90 -36.99 -25.38 2.72
C SER A 90 -37.80 -25.02 1.48
N LEU A 91 -37.14 -24.89 0.34
CA LEU A 91 -37.88 -24.66 -0.89
C LEU A 91 -38.64 -25.89 -1.35
N ALA A 92 -38.33 -27.07 -0.80
CA ALA A 92 -39.03 -28.28 -1.20
C ALA A 92 -40.46 -28.33 -0.67
N ASN A 93 -40.78 -27.53 0.33
CA ASN A 93 -42.10 -27.52 0.95
C ASN A 93 -43.21 -27.35 -0.10
N PRO A 94 -44.15 -28.31 -0.19
CA PRO A 94 -45.22 -28.19 -1.20
C PRO A 94 -46.24 -27.10 -0.89
N GLU A 95 -46.28 -26.58 0.33
CA GLU A 95 -47.09 -25.41 0.62
C GLU A 95 -46.69 -24.19 -0.21
N ARG A 96 -45.50 -24.20 -0.78
CA ARG A 96 -45.06 -23.10 -1.62
C ARG A 96 -45.63 -23.15 -3.03
N ILE A 97 -46.38 -24.19 -3.38
CA ILE A 97 -46.86 -24.31 -4.75
C ILE A 97 -47.99 -23.31 -4.98
N LEU A 98 -47.92 -22.58 -6.08
CA LEU A 98 -48.89 -21.54 -6.42
C LEU A 98 -49.58 -21.90 -7.73
N PRO A 99 -50.75 -21.32 -8.01
CA PRO A 99 -51.39 -21.51 -9.31
C PRO A 99 -50.47 -21.17 -10.47
N GLY A 100 -50.47 -22.03 -11.48
CA GLY A 100 -49.60 -21.87 -12.62
C GLY A 100 -48.24 -22.51 -12.49
N GLY A 101 -48.00 -23.28 -11.43
CA GLY A 101 -46.72 -23.93 -11.25
C GLY A 101 -45.63 -23.06 -10.68
N TYR A 102 -45.99 -21.94 -10.07
CA TYR A 102 -45.02 -21.05 -9.44
C TYR A 102 -44.66 -21.55 -8.03
N VAL A 103 -43.49 -21.12 -7.57
CA VAL A 103 -42.99 -21.42 -6.23
C VAL A 103 -42.91 -20.13 -5.42
N TYR A 104 -43.42 -20.17 -4.18
CA TYR A 104 -43.40 -19.01 -3.30
C TYR A 104 -42.06 -18.97 -2.58
N LEU A 105 -41.23 -17.98 -2.91
CA LEU A 105 -39.90 -17.87 -2.30
C LEU A 105 -39.66 -16.53 -1.64
N THR A 106 -40.68 -15.66 -1.54
CA THR A 106 -40.42 -14.29 -1.15
C THR A 106 -40.18 -14.18 0.35
N ASP A 107 -40.63 -15.18 1.12
CA ASP A 107 -40.20 -15.21 2.51
C ASP A 107 -38.69 -15.43 2.60
N ILE A 108 -38.11 -16.21 1.68
CA ILE A 108 -36.68 -16.50 1.75
C ILE A 108 -35.85 -15.30 1.33
N LEU A 109 -36.22 -14.66 0.21
CA LEU A 109 -35.58 -13.44 -0.22
C LEU A 109 -35.71 -12.30 0.79
N GLY A 110 -36.45 -12.48 1.88
CA GLY A 110 -36.59 -11.44 2.86
C GLY A 110 -35.81 -11.65 4.16
N LYS A 111 -35.36 -12.88 4.42
CA LYS A 111 -34.70 -13.14 5.69
C LYS A 111 -33.24 -12.66 5.65
N PRO A 112 -32.78 -11.92 6.66
CA PRO A 112 -31.44 -11.32 6.56
C PRO A 112 -30.33 -12.36 6.58
N SER A 113 -30.44 -13.36 7.44
CA SER A 113 -29.42 -14.39 7.51
C SER A 113 -29.26 -15.12 6.18
N VAL A 114 -30.38 -15.42 5.51
CA VAL A 114 -30.32 -16.15 4.25
C VAL A 114 -29.71 -15.28 3.16
N LEU A 115 -30.10 -14.00 3.09
CA LEU A 115 -29.62 -13.13 2.03
C LEU A 115 -28.13 -12.90 2.14
N SER A 116 -27.62 -12.74 3.36
CA SER A 116 -26.20 -12.48 3.52
C SER A 116 -25.35 -13.67 3.09
N LYS A 117 -25.89 -14.87 3.20
CA LYS A 117 -25.11 -16.05 2.81
C LYS A 117 -25.16 -16.28 1.32
N VAL A 118 -26.33 -16.06 0.70
CA VAL A 118 -26.41 -16.07 -0.76
C VAL A 118 -25.54 -14.97 -1.35
N GLY A 119 -25.56 -13.78 -0.75
CA GLY A 119 -24.72 -12.71 -1.25
C GLY A 119 -23.25 -13.01 -1.07
N LYS A 120 -22.89 -13.61 0.06
CA LYS A 120 -21.51 -13.99 0.28
C LYS A 120 -21.08 -15.06 -0.72
N LEU A 121 -21.92 -16.08 -0.92
CA LEU A 121 -21.63 -17.12 -1.91
C LEU A 121 -21.36 -16.50 -3.27
N PHE A 122 -22.28 -15.66 -3.75
CA PHE A 122 -22.07 -14.99 -5.04
C PHE A 122 -20.75 -14.22 -5.04
N ALA A 123 -20.51 -13.41 -4.00
CA ALA A 123 -19.29 -12.63 -3.96
C ALA A 123 -18.06 -13.53 -3.87
N SER A 124 -18.18 -14.68 -3.23
CA SER A 124 -17.04 -15.59 -3.15
C SER A 124 -16.67 -16.10 -4.54
N VAL A 125 -17.66 -16.55 -5.29
CA VAL A 125 -17.42 -17.13 -6.61
C VAL A 125 -16.85 -16.10 -7.60
N PHE A 126 -17.35 -14.86 -7.58
CA PHE A 126 -16.94 -13.82 -8.52
C PHE A 126 -15.92 -12.87 -7.94
N ALA A 127 -15.30 -13.24 -6.81
CA ALA A 127 -14.36 -12.39 -6.08
C ALA A 127 -13.23 -11.86 -6.96
N GLU A 128 -12.72 -12.66 -7.87
CA GLU A 128 -11.49 -12.32 -8.58
C GLU A 128 -11.75 -11.84 -10.00
N ARG A 129 -13.01 -11.61 -10.36
CA ARG A 129 -13.31 -10.92 -11.59
C ARG A 129 -13.37 -9.41 -11.33
N GLU A 130 -13.25 -8.64 -12.40
CA GLU A 130 -13.30 -7.19 -12.29
C GLU A 130 -14.75 -6.77 -12.51
N ILE A 131 -15.43 -6.41 -11.42
CA ILE A 131 -16.83 -6.04 -11.44
C ILE A 131 -16.92 -4.56 -11.06
N ASP A 132 -17.52 -3.76 -11.93
CA ASP A 132 -17.82 -2.38 -11.59
C ASP A 132 -19.18 -2.23 -10.92
N VAL A 133 -20.14 -3.09 -11.24
CA VAL A 133 -21.52 -2.87 -10.84
C VAL A 133 -22.24 -4.21 -10.84
N VAL A 134 -23.21 -4.35 -9.95
CA VAL A 134 -24.13 -5.49 -9.96
C VAL A 134 -25.45 -5.01 -10.56
N MET A 135 -26.05 -5.83 -11.42
CA MET A 135 -27.27 -5.46 -12.10
C MET A 135 -28.33 -6.55 -11.97
N THR A 136 -29.58 -6.13 -11.77
CA THR A 136 -30.72 -7.04 -11.76
C THR A 136 -31.93 -6.31 -12.33
N VAL A 137 -33.02 -7.03 -12.54
CA VAL A 137 -34.28 -6.44 -12.97
C VAL A 137 -35.26 -6.51 -11.80
N ALA A 138 -36.03 -5.44 -11.62
CA ALA A 138 -37.10 -5.44 -10.62
C ALA A 138 -38.07 -6.57 -10.89
N THR A 139 -38.54 -7.23 -9.84
CA THR A 139 -38.43 -6.75 -8.46
C THR A 139 -37.69 -7.70 -7.51
N LYS A 140 -37.89 -9.02 -7.64
CA LYS A 140 -37.44 -9.96 -6.62
C LYS A 140 -35.95 -10.22 -6.66
N GLY A 141 -35.29 -9.92 -7.79
CA GLY A 141 -33.84 -10.02 -7.81
C GLY A 141 -33.12 -9.00 -6.94
N ILE A 142 -33.78 -7.93 -6.52
CA ILE A 142 -33.15 -6.75 -5.90
C ILE A 142 -32.52 -7.11 -4.56
N PRO A 143 -33.20 -7.81 -3.65
CA PRO A 143 -32.50 -8.22 -2.41
C PRO A 143 -31.20 -8.96 -2.70
N LEU A 144 -31.24 -9.98 -3.57
CA LEU A 144 -30.03 -10.72 -3.92
C LEU A 144 -28.95 -9.80 -4.43
N ALA A 145 -29.31 -8.91 -5.36
CA ALA A 145 -28.32 -8.02 -5.97
C ALA A 145 -27.64 -7.18 -4.92
N TYR A 146 -28.38 -6.72 -3.90
CA TYR A 146 -27.77 -5.88 -2.88
C TYR A 146 -26.90 -6.67 -1.92
N ALA A 147 -27.28 -7.91 -1.61
CA ALA A 147 -26.43 -8.72 -0.74
C ALA A 147 -25.10 -8.98 -1.40
N ALA A 148 -25.14 -9.40 -2.66
CA ALA A 148 -23.92 -9.63 -3.42
C ALA A 148 -23.09 -8.35 -3.53
N ALA A 149 -23.74 -7.21 -3.81
CA ALA A 149 -22.97 -6.01 -4.06
C ALA A 149 -22.31 -5.45 -2.81
N SER A 150 -22.93 -5.64 -1.65
CA SER A 150 -22.31 -5.16 -0.41
C SER A 150 -20.99 -5.88 -0.11
N TYR A 151 -20.93 -7.20 -0.35
CA TYR A 151 -19.67 -7.91 -0.14
C TYR A 151 -18.63 -7.52 -1.19
N LEU A 152 -19.08 -7.20 -2.41
CA LEU A 152 -18.19 -6.82 -3.50
C LEU A 152 -17.84 -5.34 -3.49
N ASN A 153 -18.56 -4.52 -2.73
CA ASN A 153 -18.30 -3.08 -2.64
C ASN A 153 -18.50 -2.40 -4.01
N VAL A 154 -19.65 -2.64 -4.62
CA VAL A 154 -19.95 -2.05 -5.92
C VAL A 154 -21.40 -1.60 -5.96
N PRO A 155 -21.69 -0.56 -6.73
CA PRO A 155 -23.07 -0.09 -6.84
C PRO A 155 -23.98 -1.17 -7.42
N VAL A 156 -25.27 -1.03 -7.14
CA VAL A 156 -26.32 -1.84 -7.76
C VAL A 156 -27.06 -0.98 -8.78
N VAL A 157 -27.36 -1.58 -9.93
CA VAL A 157 -28.17 -0.98 -10.98
C VAL A 157 -29.42 -1.84 -11.16
N ILE A 158 -30.58 -1.20 -11.16
CA ILE A 158 -31.84 -1.90 -11.25
C ILE A 158 -32.46 -1.62 -12.63
N VAL A 159 -32.63 -2.68 -13.42
CA VAL A 159 -33.36 -2.63 -14.67
C VAL A 159 -34.85 -2.65 -14.36
N ARG A 160 -35.60 -1.77 -15.03
CA ARG A 160 -37.04 -1.65 -14.78
C ARG A 160 -37.80 -2.19 -15.99
N LYS A 161 -38.92 -2.85 -15.73
CA LYS A 161 -39.80 -3.28 -16.80
C LYS A 161 -40.84 -2.24 -17.16
N ASP A 162 -40.93 -1.14 -16.41
CA ASP A 162 -41.80 -0.04 -16.79
C ASP A 162 -40.95 1.09 -17.33
N ASN A 163 -41.45 1.77 -18.36
CA ASN A 163 -40.97 3.12 -18.68
C ASN A 163 -41.82 4.16 -18.01
N LYS A 164 -42.58 3.74 -16.98
CA LYS A 164 -43.30 4.65 -16.12
C LYS A 164 -42.41 5.70 -15.49
N VAL A 165 -41.12 5.42 -15.36
CA VAL A 165 -40.31 5.97 -14.27
C VAL A 165 -39.91 7.41 -14.53
N THR A 166 -39.55 8.08 -13.44
CA THR A 166 -39.03 9.44 -13.47
C THR A 166 -37.59 9.40 -12.94
N GLU A 167 -36.63 9.29 -13.86
CA GLU A 167 -35.24 9.32 -13.47
C GLU A 167 -34.36 9.71 -14.65
N GLY A 168 -34.83 10.69 -15.41
CA GLY A 168 -34.07 11.21 -16.53
C GLY A 168 -34.16 10.30 -17.72
N SER A 169 -33.34 10.63 -18.73
CA SER A 169 -33.38 9.92 -20.00
C SER A 169 -33.03 8.44 -19.82
N THR A 170 -33.67 7.61 -20.62
CA THR A 170 -33.66 6.16 -20.46
C THR A 170 -33.35 5.51 -21.80
N VAL A 171 -32.79 4.31 -21.73
CA VAL A 171 -32.62 3.46 -22.90
C VAL A 171 -33.43 2.20 -22.66
N SER A 172 -34.20 1.81 -23.65
CA SER A 172 -35.01 0.60 -23.56
C SER A 172 -34.65 -0.34 -24.68
N ILE A 173 -34.83 -1.64 -24.43
CA ILE A 173 -34.82 -2.64 -25.47
C ILE A 173 -36.06 -3.50 -25.34
N ASN A 174 -36.27 -4.35 -26.33
CA ASN A 174 -37.32 -5.33 -26.32
C ASN A 174 -36.68 -6.71 -26.23
N TYR A 175 -37.38 -7.64 -25.59
CA TYR A 175 -36.88 -8.99 -25.44
C TYR A 175 -38.06 -9.95 -25.38
N VAL A 176 -37.78 -11.22 -25.67
CA VAL A 176 -38.78 -12.28 -25.60
C VAL A 176 -38.48 -13.11 -24.35
N SER A 177 -39.44 -13.07 -23.41
CA SER A 177 -39.45 -14.09 -22.37
C SER A 177 -39.95 -15.41 -22.99
N GLY A 178 -39.81 -16.51 -22.26
CA GLY A 178 -40.38 -17.71 -22.84
C GLY A 178 -41.85 -17.96 -22.51
N SER A 179 -42.51 -16.97 -21.91
CA SER A 179 -43.70 -17.12 -21.09
C SER A 179 -44.98 -16.74 -21.81
N SER A 180 -45.35 -15.48 -21.60
CA SER A 180 -45.83 -14.63 -22.67
C SER A 180 -44.74 -14.59 -23.72
N ASN A 181 -44.98 -15.22 -24.87
CA ASN A 181 -44.03 -15.03 -25.94
C ASN A 181 -44.21 -13.62 -26.50
N ARG A 182 -45.00 -12.84 -25.78
CA ARG A 182 -45.05 -11.40 -25.92
C ARG A 182 -43.66 -10.80 -25.82
N ILE A 183 -43.48 -9.72 -26.56
CA ILE A 183 -42.28 -8.91 -26.50
C ILE A 183 -42.49 -7.87 -25.41
N GLN A 184 -41.83 -8.06 -24.28
CA GLN A 184 -41.87 -7.06 -23.23
C GLN A 184 -40.68 -6.12 -23.38
N THR A 185 -40.70 -5.02 -22.64
CA THR A 185 -39.66 -4.02 -22.70
C THR A 185 -39.00 -3.87 -21.33
N MET A 186 -37.69 -3.65 -21.33
CA MET A 186 -36.95 -3.30 -20.13
C MET A 186 -36.08 -2.09 -20.40
N SER A 187 -35.80 -1.33 -19.36
CA SER A 187 -35.22 -0.01 -19.56
C SER A 187 -34.25 0.31 -18.42
N LEU A 188 -33.39 1.29 -18.69
CA LEU A 188 -32.35 1.69 -17.75
C LEU A 188 -32.01 3.15 -18.00
N ALA A 189 -31.94 3.93 -16.92
CA ALA A 189 -31.52 5.31 -17.04
C ALA A 189 -30.12 5.39 -17.63
N LYS A 190 -29.94 6.32 -18.57
CA LYS A 190 -28.61 6.52 -19.15
C LYS A 190 -27.61 6.97 -18.10
N ARG A 191 -28.04 7.73 -17.10
CA ARG A 191 -27.13 8.25 -16.09
C ARG A 191 -26.91 7.28 -14.93
N SER A 192 -27.39 6.04 -15.01
CA SER A 192 -27.23 5.12 -13.91
C SER A 192 -26.13 4.09 -14.16
N MET A 193 -25.50 4.12 -15.34
CA MET A 193 -24.34 3.26 -15.55
C MET A 193 -23.34 3.91 -16.51
N LYS A 194 -22.08 3.93 -16.09
CA LYS A 194 -21.00 4.35 -16.97
C LYS A 194 -20.86 3.35 -18.11
N THR A 195 -20.61 3.87 -19.32
CA THR A 195 -20.34 2.98 -20.44
C THR A 195 -18.99 2.30 -20.28
N GLY A 196 -18.90 1.06 -20.74
CA GLY A 196 -17.70 0.27 -20.58
C GLY A 196 -17.57 -0.50 -19.28
N SER A 197 -18.54 -0.38 -18.37
CA SER A 197 -18.47 -1.06 -17.08
C SER A 197 -18.55 -2.57 -17.23
N ASN A 198 -17.98 -3.28 -16.26
CA ASN A 198 -18.07 -4.74 -16.18
C ASN A 198 -19.16 -5.10 -15.17
N VAL A 199 -20.21 -5.75 -15.67
CA VAL A 199 -21.44 -5.93 -14.92
C VAL A 199 -21.56 -7.38 -14.49
N LEU A 200 -21.84 -7.59 -13.20
CA LEU A 200 -22.26 -8.88 -12.71
C LEU A 200 -23.80 -8.90 -12.65
N ILE A 201 -24.41 -9.83 -13.38
CA ILE A 201 -25.87 -9.93 -13.43
C ILE A 201 -26.34 -10.91 -12.38
N ILE A 202 -27.30 -10.50 -11.56
CA ILE A 202 -27.89 -11.33 -10.51
C ILE A 202 -29.38 -11.37 -10.73
N ASP A 203 -29.99 -12.54 -10.57
CA ASP A 203 -31.44 -12.64 -10.62
C ASP A 203 -31.92 -13.77 -9.74
N ASP A 204 -33.17 -13.64 -9.30
CA ASP A 204 -33.77 -14.66 -8.46
C ASP A 204 -33.92 -15.97 -9.21
N PHE A 205 -34.35 -15.91 -10.47
CA PHE A 205 -34.89 -17.08 -11.14
C PHE A 205 -34.62 -17.00 -12.63
N MET A 206 -34.29 -18.14 -13.23
CA MET A 206 -34.10 -18.22 -14.68
C MET A 206 -34.69 -19.51 -15.21
N LYS A 207 -35.50 -19.42 -16.26
CA LYS A 207 -35.97 -20.61 -16.94
C LYS A 207 -35.11 -20.86 -18.18
N ALA A 208 -35.59 -20.43 -19.35
CA ALA A 208 -34.79 -20.50 -20.56
C ALA A 208 -33.92 -19.27 -20.76
N GLY A 209 -34.02 -18.27 -19.89
CA GLY A 209 -33.06 -17.19 -19.87
C GLY A 209 -33.42 -15.97 -20.68
N GLY A 210 -34.69 -15.80 -21.05
CA GLY A 210 -35.07 -14.67 -21.87
C GLY A 210 -34.84 -13.33 -21.20
N THR A 211 -35.09 -13.26 -19.88
CA THR A 211 -34.90 -12.00 -19.18
C THR A 211 -33.42 -11.66 -19.07
N ILE A 212 -32.59 -12.64 -18.75
CA ILE A 212 -31.17 -12.37 -18.62
C ILE A 212 -30.56 -12.02 -19.98
N ASN A 213 -30.97 -12.73 -21.03
CA ASN A 213 -30.51 -12.36 -22.36
C ASN A 213 -30.97 -10.96 -22.76
N GLY A 214 -32.14 -10.53 -22.29
CA GLY A 214 -32.54 -9.15 -22.52
C GLY A 214 -31.66 -8.16 -21.78
N MET A 215 -31.18 -8.55 -20.60
CA MET A 215 -30.26 -7.67 -19.87
C MET A 215 -28.92 -7.57 -20.61
N ILE A 216 -28.49 -8.69 -21.22
CA ILE A 216 -27.26 -8.71 -22.01
C ILE A 216 -27.34 -7.73 -23.18
N ASN A 217 -28.45 -7.79 -23.93
CA ASN A 217 -28.60 -6.90 -25.07
C ASN A 217 -28.74 -5.45 -24.61
N LEU A 218 -29.29 -5.23 -23.41
CA LEU A 218 -29.36 -3.88 -22.89
C LEU A 218 -27.98 -3.35 -22.57
N LEU A 219 -27.07 -4.24 -22.15
CA LEU A 219 -25.72 -3.80 -21.85
C LEU A 219 -24.98 -3.39 -23.12
N ASP A 220 -25.28 -4.01 -24.26
CA ASP A 220 -24.68 -3.59 -25.52
C ASP A 220 -24.95 -2.12 -25.82
N GLU A 221 -26.15 -1.63 -25.49
CA GLU A 221 -26.48 -0.22 -25.68
C GLU A 221 -25.68 0.69 -24.76
N PHE A 222 -24.96 0.14 -23.80
CA PHE A 222 -24.06 0.92 -22.95
C PHE A 222 -22.60 0.56 -23.22
N ASN A 223 -22.32 -0.24 -24.25
CA ASN A 223 -20.98 -0.78 -24.49
C ASN A 223 -20.36 -1.37 -23.22
N ALA A 224 -21.21 -1.99 -22.39
CA ALA A 224 -20.78 -2.65 -21.16
C ALA A 224 -20.59 -4.14 -21.39
N ASN A 225 -19.92 -4.79 -20.44
CA ASN A 225 -19.56 -6.19 -20.54
C ASN A 225 -20.11 -6.95 -19.35
N VAL A 226 -20.56 -8.18 -19.59
CA VAL A 226 -21.06 -9.03 -18.53
C VAL A 226 -19.86 -9.77 -17.95
N ALA A 227 -19.51 -9.42 -16.72
CA ALA A 227 -18.43 -10.09 -16.00
C ALA A 227 -18.85 -11.41 -15.39
N GLY A 228 -20.15 -11.69 -15.31
CA GLY A 228 -20.61 -12.91 -14.68
C GLY A 228 -22.11 -12.90 -14.61
N ILE A 229 -22.68 -14.09 -14.39
CA ILE A 229 -24.13 -14.25 -14.24
C ILE A 229 -24.38 -15.16 -13.04
N GLY A 230 -25.21 -14.69 -12.10
CA GLY A 230 -25.57 -15.49 -10.94
C GLY A 230 -27.06 -15.58 -10.76
N VAL A 231 -27.59 -16.78 -10.59
CA VAL A 231 -29.02 -16.97 -10.41
C VAL A 231 -29.23 -17.86 -9.20
N LEU A 232 -30.26 -17.55 -8.42
CA LEU A 232 -30.59 -18.36 -7.26
C LEU A 232 -31.19 -19.69 -7.67
N VAL A 233 -32.16 -19.66 -8.58
CA VAL A 233 -32.87 -20.86 -9.01
C VAL A 233 -32.90 -20.89 -10.54
N GLU A 234 -32.60 -22.04 -11.11
CA GLU A 234 -32.78 -22.27 -12.54
C GLU A 234 -33.81 -23.39 -12.75
N ALA A 235 -34.67 -23.21 -13.74
CA ALA A 235 -35.65 -24.23 -14.07
C ALA A 235 -35.08 -25.19 -15.11
N GLU A 236 -35.48 -26.46 -15.01
CA GLU A 236 -34.96 -27.50 -15.89
C GLU A 236 -35.55 -27.40 -17.30
N ARG A 241 -32.24 -22.92 -23.78
CA ARG A 241 -31.59 -22.04 -22.81
C ARG A 241 -30.72 -21.03 -23.54
N LEU A 242 -31.27 -19.85 -23.82
CA LEU A 242 -30.59 -18.89 -24.68
C LEU A 242 -29.32 -18.31 -24.07
N VAL A 243 -29.00 -18.63 -22.82
CA VAL A 243 -27.94 -17.94 -22.10
C VAL A 243 -26.62 -18.69 -22.24
N ASP A 244 -25.53 -18.02 -21.84
CA ASP A 244 -24.19 -18.57 -21.95
C ASP A 244 -23.74 -19.19 -20.63
N GLU A 245 -22.72 -18.60 -19.99
CA GLU A 245 -22.21 -19.10 -18.72
C GLU A 245 -22.92 -18.40 -17.56
N TYR A 246 -23.51 -19.19 -16.67
CA TYR A 246 -24.17 -18.67 -15.48
C TYR A 246 -23.83 -19.57 -14.31
N MET A 247 -23.82 -19.03 -13.06
CA MET A 247 -23.79 -19.84 -11.86
C MET A 247 -25.19 -19.90 -11.26
N SER A 248 -25.59 -21.08 -10.79
CA SER A 248 -26.88 -21.30 -10.18
C SER A 248 -26.69 -22.06 -8.88
N LEU A 249 -27.45 -21.67 -7.85
CA LEU A 249 -27.40 -22.43 -6.60
C LEU A 249 -28.33 -23.63 -6.63
N LEU A 250 -29.53 -23.47 -7.19
CA LEU A 250 -30.53 -24.52 -7.14
C LEU A 250 -31.06 -24.80 -8.53
N THR A 251 -31.56 -26.03 -8.70
CA THR A 251 -32.27 -26.45 -9.90
C THR A 251 -33.67 -26.91 -9.52
N LEU A 252 -34.67 -26.41 -10.23
CA LEU A 252 -36.06 -26.72 -9.95
C LEU A 252 -36.65 -27.56 -11.07
N SER A 253 -37.06 -28.78 -10.75
CA SER A 253 -37.83 -29.58 -11.69
C SER A 253 -39.30 -29.16 -11.64
N THR A 254 -39.90 -29.00 -12.82
CA THR A 254 -41.25 -28.45 -12.96
C THR A 254 -42.21 -29.01 -11.92
N ILE A 255 -43.02 -28.13 -11.35
CA ILE A 255 -43.99 -28.54 -10.34
C ILE A 255 -45.02 -29.46 -10.99
N ASN A 256 -45.05 -30.72 -10.56
CA ASN A 256 -46.16 -31.59 -10.94
C ASN A 256 -47.39 -31.13 -10.15
N MET A 257 -48.22 -30.32 -10.80
CA MET A 257 -49.32 -29.66 -10.12
C MET A 257 -50.35 -30.65 -9.59
N LYS A 258 -50.40 -31.87 -10.13
CA LYS A 258 -51.33 -32.86 -9.62
C LYS A 258 -50.84 -33.46 -8.30
N GLU A 259 -49.63 -34.00 -8.28
CA GLU A 259 -49.13 -34.67 -7.09
C GLU A 259 -48.78 -33.70 -5.95
N LYS A 260 -48.75 -32.39 -6.23
CA LYS A 260 -48.27 -31.40 -5.28
C LYS A 260 -46.88 -31.79 -4.79
N SER A 261 -45.89 -31.64 -5.67
CA SER A 261 -44.54 -32.09 -5.36
C SER A 261 -43.56 -31.09 -5.93
N ILE A 262 -42.71 -30.55 -5.06
CA ILE A 262 -41.58 -29.73 -5.45
C ILE A 262 -40.34 -30.60 -5.35
N GLU A 263 -39.62 -30.75 -6.44
CA GLU A 263 -38.38 -31.51 -6.46
C GLU A 263 -37.24 -30.59 -6.88
N ILE A 264 -36.26 -30.42 -5.98
CA ILE A 264 -35.17 -29.46 -6.14
C ILE A 264 -33.86 -30.15 -5.82
N GLN A 265 -32.84 -29.88 -6.63
CA GLN A 265 -31.50 -30.43 -6.47
C GLN A 265 -30.48 -29.28 -6.51
N ASN A 266 -29.21 -29.65 -6.39
CA ASN A 266 -28.15 -28.65 -6.45
C ASN A 266 -28.12 -28.00 -7.83
N GLY A 267 -27.56 -26.79 -7.87
CA GLY A 267 -27.20 -26.15 -9.12
C GLY A 267 -25.79 -26.51 -9.52
N ASN A 268 -25.25 -25.75 -10.47
CA ASN A 268 -23.90 -25.97 -10.95
C ASN A 268 -22.86 -25.24 -10.13
N PHE A 269 -23.20 -24.80 -8.91
CA PHE A 269 -22.29 -23.93 -8.18
C PHE A 269 -20.99 -24.64 -7.77
N LEU A 270 -21.03 -25.97 -7.56
CA LEU A 270 -19.84 -26.69 -7.11
C LEU A 270 -18.70 -26.59 -8.12
N ARG A 271 -19.05 -26.53 -9.42
CA ARG A 271 -18.08 -26.34 -10.48
C ARG A 271 -17.15 -25.16 -10.21
N PHE A 272 -17.56 -24.21 -9.38
CA PHE A 272 -16.80 -23.01 -9.10
C PHE A 272 -16.06 -23.08 -7.77
N PHE A 273 -15.84 -24.27 -7.22
CA PHE A 273 -15.20 -24.43 -5.93
C PHE A 273 -14.09 -25.47 -5.99
N LYS A 274 -13.38 -25.52 -7.12
CA LYS A 274 -12.39 -26.57 -7.34
C LYS A 274 -11.06 -26.21 -6.68
N ASP A 275 -10.47 -27.17 -5.99
CA ASP A 275 -9.17 -26.99 -5.35
C ASP A 275 -8.05 -27.44 -6.29
N LYS B 2 -9.83 -24.91 19.28
CA LYS B 2 -9.17 -24.06 20.28
C LYS B 2 -8.49 -22.88 19.64
N PHE B 3 -8.61 -21.72 20.28
CA PHE B 3 -8.04 -20.48 19.80
C PHE B 3 -7.20 -19.84 20.90
N ARG B 4 -6.09 -19.21 20.51
CA ARG B 4 -5.45 -18.30 21.43
C ARG B 4 -6.24 -17.00 21.49
N ARG B 5 -5.84 -16.14 22.42
CA ARG B 5 -6.63 -14.93 22.69
C ARG B 5 -6.79 -14.06 21.45
N SER B 6 -5.74 -13.95 20.63
CA SER B 6 -5.78 -13.07 19.47
C SER B 6 -6.80 -13.53 18.44
N GLY B 7 -6.77 -14.81 18.08
CA GLY B 7 -7.76 -15.34 17.15
C GLY B 7 -9.16 -15.34 17.73
N ARG B 8 -9.26 -15.43 19.06
CA ARG B 8 -10.57 -15.41 19.70
C ARG B 8 -11.21 -14.04 19.57
N LEU B 9 -10.43 -12.99 19.76
CA LEU B 9 -10.94 -11.63 19.60
C LEU B 9 -11.41 -11.38 18.17
N VAL B 10 -10.66 -11.88 17.17
CA VAL B 10 -11.04 -11.65 15.78
C VAL B 10 -12.33 -12.40 15.45
N ASP B 11 -12.40 -13.67 15.84
CA ASP B 11 -13.61 -14.46 15.61
C ASP B 11 -14.80 -13.88 16.38
N LEU B 12 -14.60 -13.57 17.66
CA LEU B 12 -15.66 -12.99 18.48
C LEU B 12 -16.21 -11.71 17.86
N THR B 13 -15.32 -10.82 17.40
CA THR B 13 -15.75 -9.60 16.72
C THR B 13 -16.59 -9.95 15.48
N ASN B 14 -16.09 -10.85 14.64
CA ASN B 14 -16.83 -11.22 13.44
C ASN B 14 -18.17 -11.83 13.80
N TYR B 15 -18.20 -12.67 14.82
CA TYR B 15 -19.44 -13.36 15.13
C TYR B 15 -20.48 -12.36 15.61
N LEU B 16 -20.08 -11.44 16.49
CA LEU B 16 -21.00 -10.44 16.99
C LEU B 16 -21.49 -9.52 15.88
N LEU B 17 -20.57 -9.07 15.01
CA LEU B 17 -20.96 -8.18 13.92
C LEU B 17 -21.96 -8.84 12.98
N THR B 18 -21.91 -10.16 12.83
CA THR B 18 -22.81 -10.84 11.91
C THR B 18 -24.03 -11.44 12.61
N HIS B 19 -24.18 -11.24 13.92
CA HIS B 19 -25.38 -11.67 14.64
C HIS B 19 -25.87 -10.54 15.54
N PRO B 20 -26.18 -9.37 14.98
CA PRO B 20 -26.68 -8.26 15.79
C PRO B 20 -28.09 -8.57 16.30
N HIS B 21 -28.43 -7.97 17.45
CA HIS B 21 -29.74 -8.14 18.11
C HIS B 21 -30.08 -9.60 18.45
N GLU B 22 -29.10 -10.50 18.51
CA GLU B 22 -29.32 -11.88 18.96
C GLU B 22 -28.72 -12.04 20.34
N LEU B 23 -29.52 -12.51 21.29
CA LEU B 23 -28.98 -12.82 22.61
C LEU B 23 -28.20 -14.13 22.51
N ILE B 24 -26.90 -14.06 22.72
CA ILE B 24 -26.02 -15.22 22.59
C ILE B 24 -25.60 -15.63 24.00
N PRO B 25 -25.83 -16.89 24.40
CA PRO B 25 -25.43 -17.29 25.76
C PRO B 25 -23.92 -17.40 25.86
N LEU B 26 -23.38 -16.96 26.99
CA LEU B 26 -21.95 -17.06 27.22
C LEU B 26 -21.45 -18.50 27.06
N THR B 27 -22.32 -19.49 27.28
CA THR B 27 -21.90 -20.88 27.14
C THR B 27 -21.70 -21.27 25.69
N PHE B 28 -22.35 -20.56 24.76
CA PHE B 28 -22.11 -20.85 23.34
C PHE B 28 -20.66 -20.57 22.97
N PHE B 29 -20.09 -19.51 23.52
CA PHE B 29 -18.72 -19.16 23.20
C PHE B 29 -17.73 -20.05 23.93
N SER B 30 -18.12 -20.58 25.10
CA SER B 30 -17.24 -21.49 25.84
C SER B 30 -17.02 -22.78 25.08
N GLU B 31 -18.12 -23.41 24.63
CA GLU B 31 -18.00 -24.58 23.76
C GLU B 31 -17.31 -24.23 22.44
N ARG B 32 -17.54 -23.02 21.93
CA ARG B 32 -16.97 -22.64 20.65
C ARG B 32 -15.46 -22.58 20.72
N TYR B 33 -14.92 -21.89 21.72
CA TYR B 33 -13.50 -21.61 21.83
C TYR B 33 -12.77 -22.54 22.79
N GLU B 34 -13.48 -23.39 23.52
CA GLU B 34 -12.87 -24.30 24.49
C GLU B 34 -12.06 -23.54 25.54
N SER B 35 -12.76 -22.63 26.23
CA SER B 35 -12.14 -21.78 27.24
C SER B 35 -13.20 -21.40 28.27
N ALA B 36 -12.73 -20.89 29.41
CA ALA B 36 -13.63 -20.54 30.50
C ALA B 36 -14.46 -19.32 30.18
N LYS B 37 -15.63 -19.23 30.82
CA LYS B 37 -16.42 -18.01 30.71
C LYS B 37 -15.73 -16.82 31.35
N SER B 38 -14.74 -17.07 32.21
CA SER B 38 -13.94 -15.98 32.77
C SER B 38 -13.07 -15.34 31.68
N SER B 39 -12.53 -16.17 30.79
CA SER B 39 -11.68 -15.62 29.75
C SER B 39 -12.52 -14.95 28.66
N ILE B 40 -13.70 -15.51 28.38
CA ILE B 40 -14.57 -14.92 27.37
C ILE B 40 -15.17 -13.61 27.86
N SER B 41 -15.44 -13.52 29.17
CA SER B 41 -15.97 -12.27 29.70
C SER B 41 -14.92 -11.18 29.66
N GLU B 42 -13.65 -11.55 29.76
CA GLU B 42 -12.57 -10.58 29.61
C GLU B 42 -12.53 -10.05 28.18
N ASP B 43 -12.78 -10.93 27.21
CA ASP B 43 -12.77 -10.52 25.80
C ASP B 43 -13.97 -9.65 25.47
N LEU B 44 -15.16 -10.04 25.94
CA LEU B 44 -16.35 -9.22 25.78
C LEU B 44 -16.13 -7.82 26.34
N THR B 45 -15.38 -7.72 27.43
CA THR B 45 -15.13 -6.42 28.03
C THR B 45 -14.28 -5.55 27.12
N ILE B 46 -13.28 -6.16 26.47
CA ILE B 46 -12.45 -5.42 25.53
C ILE B 46 -13.26 -5.03 24.29
N ILE B 47 -14.01 -5.99 23.74
CA ILE B 47 -14.84 -5.67 22.58
C ILE B 47 -15.81 -4.56 22.93
N LYS B 48 -16.41 -4.62 24.12
CA LYS B 48 -17.38 -3.60 24.53
C LYS B 48 -16.73 -2.23 24.53
N GLN B 49 -15.57 -2.10 25.15
CA GLN B 49 -14.89 -0.81 25.19
C GLN B 49 -14.55 -0.31 23.80
N THR B 50 -14.13 -1.21 22.92
CA THR B 50 -13.69 -0.79 21.59
C THR B 50 -14.88 -0.47 20.70
N PHE B 51 -15.95 -1.26 20.79
CA PHE B 51 -17.17 -0.94 20.07
C PHE B 51 -17.70 0.42 20.50
N GLU B 52 -17.59 0.74 21.79
CA GLU B 52 -18.13 2.02 22.25
C GLU B 52 -17.22 3.18 21.89
N GLN B 53 -15.91 3.02 22.08
CA GLN B 53 -14.97 4.08 21.70
C GLN B 53 -15.03 4.39 20.21
N GLN B 54 -15.15 3.36 19.38
CA GLN B 54 -15.10 3.54 17.93
C GLN B 54 -16.46 3.76 17.28
N GLY B 55 -17.54 3.87 18.05
CA GLY B 55 -18.83 4.16 17.45
C GLY B 55 -19.47 3.00 16.71
N ILE B 56 -19.05 1.78 16.99
CA ILE B 56 -19.61 0.61 16.32
C ILE B 56 -20.93 0.19 16.96
N GLY B 57 -21.03 0.27 18.28
CA GLY B 57 -22.26 -0.08 18.97
C GLY B 57 -21.99 -0.41 20.42
N THR B 58 -23.00 -0.98 21.06
CA THR B 58 -22.92 -1.36 22.46
C THR B 58 -23.01 -2.87 22.60
N LEU B 59 -22.23 -3.41 23.51
CA LEU B 59 -22.28 -4.81 23.82
C LEU B 59 -22.98 -4.93 25.16
N LEU B 60 -24.25 -5.35 25.14
CA LEU B 60 -25.03 -5.47 26.37
C LEU B 60 -24.89 -6.87 26.94
N THR B 61 -24.47 -6.97 28.19
CA THR B 61 -24.35 -8.24 28.91
C THR B 61 -25.48 -8.32 29.90
N VAL B 62 -26.33 -9.34 29.77
CA VAL B 62 -27.44 -9.57 30.69
C VAL B 62 -27.12 -10.83 31.50
N PRO B 63 -27.05 -10.76 32.81
CA PRO B 63 -26.67 -11.93 33.61
C PRO B 63 -27.83 -12.90 33.75
N GLY B 64 -27.50 -14.08 34.23
CA GLY B 64 -28.46 -15.15 34.42
C GLY B 64 -28.27 -16.27 33.42
N ALA B 65 -28.91 -17.41 33.73
CA ALA B 65 -28.88 -18.54 32.82
C ALA B 65 -29.62 -18.23 31.53
N ALA B 66 -30.73 -17.50 31.63
CA ALA B 66 -31.50 -17.10 30.45
C ALA B 66 -30.94 -15.87 29.75
N GLY B 67 -29.81 -15.34 30.22
CA GLY B 67 -29.22 -14.14 29.67
C GLY B 67 -28.08 -14.44 28.73
N GLY B 68 -27.10 -13.54 28.70
CA GLY B 68 -25.95 -13.69 27.82
C GLY B 68 -25.39 -12.38 27.29
N VAL B 69 -25.06 -12.34 26.01
CA VAL B 69 -24.46 -11.16 25.39
C VAL B 69 -25.25 -10.81 24.13
N LYS B 70 -25.39 -9.51 23.88
CA LYS B 70 -26.12 -9.02 22.71
C LYS B 70 -25.38 -7.84 22.10
N TYR B 71 -25.20 -7.85 20.78
CA TYR B 71 -24.56 -6.74 20.10
C TYR B 71 -25.64 -5.87 19.47
N ILE B 72 -25.64 -4.58 19.80
CA ILE B 72 -26.63 -3.65 19.28
C ILE B 72 -25.95 -2.57 18.45
N PRO B 73 -26.08 -2.59 17.13
CA PRO B 73 -25.49 -1.52 16.31
C PRO B 73 -26.04 -0.16 16.74
N LYS B 74 -25.15 0.77 17.00
CA LYS B 74 -25.53 2.11 17.39
C LYS B 74 -24.63 3.06 16.64
N MET B 75 -25.15 4.24 16.35
CA MET B 75 -24.40 5.30 15.73
C MET B 75 -24.30 6.46 16.71
N LYS B 76 -23.12 7.01 16.86
CA LYS B 76 -22.99 8.22 17.66
C LYS B 76 -23.53 9.44 16.92
N GLN B 77 -24.01 10.42 17.68
CA GLN B 77 -24.60 11.63 17.12
C GLN B 77 -23.64 12.35 16.18
N ALA B 78 -22.36 12.49 16.58
CA ALA B 78 -21.41 13.20 15.72
C ALA B 78 -21.33 12.56 14.34
N GLU B 79 -21.24 11.23 14.28
CA GLU B 79 -21.14 10.58 12.99
C GLU B 79 -22.43 10.75 12.20
N ALA B 80 -23.56 10.78 12.89
CA ALA B 80 -24.85 11.00 12.24
C ALA B 80 -24.96 12.42 11.69
N GLU B 81 -24.56 13.41 12.49
CA GLU B 81 -24.55 14.79 12.02
C GLU B 81 -23.66 14.94 10.79
N GLU B 82 -22.44 14.39 10.83
CA GLU B 82 -21.49 14.63 9.75
C GLU B 82 -21.88 13.86 8.49
N PHE B 83 -22.37 12.63 8.65
CA PHE B 83 -22.80 11.86 7.48
C PHE B 83 -24.03 12.49 6.83
N VAL B 84 -24.97 13.00 7.62
CA VAL B 84 -26.18 13.57 7.05
C VAL B 84 -25.85 14.88 6.36
N GLN B 85 -25.01 15.71 6.97
CA GLN B 85 -24.54 16.93 6.31
C GLN B 85 -23.85 16.59 5.00
N THR B 86 -22.98 15.57 5.03
CA THR B 86 -22.29 15.14 3.82
C THR B 86 -23.28 14.70 2.75
N LEU B 87 -24.24 13.86 3.14
CA LEU B 87 -25.24 13.40 2.19
C LEU B 87 -26.10 14.56 1.70
N GLY B 88 -26.42 15.51 2.58
CA GLY B 88 -27.24 16.63 2.18
C GLY B 88 -26.58 17.50 1.14
N GLN B 89 -25.30 17.79 1.32
CA GLN B 89 -24.66 18.66 0.33
C GLN B 89 -24.61 17.99 -1.03
N SER B 90 -24.24 16.69 -1.07
CA SER B 90 -24.10 16.02 -2.35
C SER B 90 -25.44 15.86 -3.07
N LEU B 91 -26.55 15.84 -2.32
CA LEU B 91 -27.86 15.82 -2.94
C LEU B 91 -28.31 17.19 -3.44
N ALA B 92 -27.73 18.26 -2.88
CA ALA B 92 -28.04 19.61 -3.35
C ALA B 92 -27.22 19.96 -4.58
N ASN B 93 -26.97 18.96 -5.44
CA ASN B 93 -26.31 19.18 -6.73
C ASN B 93 -27.35 19.51 -7.78
N PRO B 94 -27.24 20.64 -8.47
CA PRO B 94 -28.28 21.05 -9.43
C PRO B 94 -28.49 20.08 -10.59
N GLU B 95 -27.56 19.16 -10.85
CA GLU B 95 -27.75 18.20 -11.93
C GLU B 95 -28.81 17.15 -11.59
N ARG B 96 -29.16 17.01 -10.31
CA ARG B 96 -30.13 16.00 -9.89
C ARG B 96 -31.57 16.38 -10.19
N ILE B 97 -31.84 17.58 -10.68
CA ILE B 97 -33.20 18.01 -10.93
C ILE B 97 -33.73 17.39 -12.22
N LEU B 98 -34.93 16.87 -12.16
CA LEU B 98 -35.57 16.20 -13.27
C LEU B 98 -36.81 16.98 -13.69
N PRO B 99 -37.30 16.77 -14.91
CA PRO B 99 -38.58 17.37 -15.31
C PRO B 99 -39.67 17.06 -14.30
N GLY B 100 -40.50 18.07 -14.01
CA GLY B 100 -41.56 17.94 -13.04
C GLY B 100 -41.18 18.24 -11.61
N GLY B 101 -39.95 18.70 -11.37
CA GLY B 101 -39.48 19.01 -10.04
C GLY B 101 -38.97 17.82 -9.25
N TYR B 102 -38.74 16.68 -9.89
CA TYR B 102 -38.24 15.53 -9.16
C TYR B 102 -36.72 15.63 -9.01
N VAL B 103 -36.19 14.89 -8.03
CA VAL B 103 -34.76 14.89 -7.71
C VAL B 103 -34.22 13.48 -7.85
N TYR B 104 -33.18 13.34 -8.66
CA TYR B 104 -32.60 12.04 -8.97
C TYR B 104 -31.80 11.52 -7.77
N LEU B 105 -32.30 10.44 -7.17
CA LEU B 105 -31.67 9.79 -6.02
C LEU B 105 -31.07 8.43 -6.37
N THR B 106 -31.25 7.95 -7.60
CA THR B 106 -31.01 6.54 -7.90
C THR B 106 -29.57 6.16 -7.62
N ASP B 107 -28.63 7.07 -7.86
CA ASP B 107 -27.23 6.73 -7.64
C ASP B 107 -26.92 6.60 -6.16
N ILE B 108 -27.36 7.57 -5.35
CA ILE B 108 -27.16 7.48 -3.90
C ILE B 108 -27.76 6.20 -3.34
N LEU B 109 -29.02 5.92 -3.68
CA LEU B 109 -29.70 4.74 -3.15
C LEU B 109 -29.09 3.46 -3.67
N GLY B 110 -28.01 3.58 -4.43
CA GLY B 110 -27.40 2.44 -5.05
C GLY B 110 -26.00 2.12 -4.52
N LYS B 111 -25.34 3.07 -3.87
CA LYS B 111 -23.98 2.82 -3.41
C LYS B 111 -24.01 2.01 -2.11
N PRO B 112 -23.15 1.01 -1.98
CA PRO B 112 -23.19 0.16 -0.78
C PRO B 112 -22.76 0.90 0.50
N SER B 113 -21.79 1.81 0.41
CA SER B 113 -21.27 2.43 1.62
C SER B 113 -22.23 3.48 2.17
N VAL B 114 -22.99 4.14 1.30
CA VAL B 114 -24.05 5.04 1.75
C VAL B 114 -25.17 4.26 2.43
N LEU B 115 -25.59 3.16 1.80
CA LEU B 115 -26.71 2.37 2.33
C LEU B 115 -26.38 1.78 3.70
N SER B 116 -25.17 1.27 3.88
CA SER B 116 -24.81 0.72 5.18
C SER B 116 -24.83 1.78 6.29
N LYS B 117 -24.62 3.06 5.95
CA LYS B 117 -24.65 4.08 6.99
C LYS B 117 -26.06 4.61 7.24
N VAL B 118 -26.88 4.70 6.18
CA VAL B 118 -28.29 5.03 6.35
C VAL B 118 -29.00 3.91 7.09
N GLY B 119 -28.76 2.66 6.68
CA GLY B 119 -29.33 1.53 7.38
C GLY B 119 -28.93 1.51 8.85
N LYS B 120 -27.64 1.77 9.13
CA LYS B 120 -27.17 1.78 10.52
C LYS B 120 -27.75 2.96 11.29
N LEU B 121 -27.95 4.08 10.62
CA LEU B 121 -28.62 5.19 11.29
C LEU B 121 -30.03 4.80 11.67
N PHE B 122 -30.82 4.27 10.73
CA PHE B 122 -32.18 3.85 11.06
C PHE B 122 -32.16 2.84 12.20
N ALA B 123 -31.28 1.84 12.12
CA ALA B 123 -31.22 0.81 13.15
C ALA B 123 -30.75 1.37 14.48
N SER B 124 -29.97 2.45 14.47
CA SER B 124 -29.55 2.97 15.74
C SER B 124 -30.71 3.69 16.43
N VAL B 125 -31.51 4.44 15.67
CA VAL B 125 -32.60 5.22 16.24
C VAL B 125 -33.71 4.33 16.76
N PHE B 126 -34.01 3.24 16.05
CA PHE B 126 -35.10 2.31 16.37
C PHE B 126 -34.60 1.07 17.10
N ALA B 127 -33.35 1.09 17.57
CA ALA B 127 -32.74 -0.09 18.16
C ALA B 127 -33.54 -0.65 19.33
N GLU B 128 -34.09 0.23 20.18
CA GLU B 128 -34.75 -0.23 21.39
C GLU B 128 -36.21 -0.59 21.20
N ARG B 129 -36.76 -0.45 20.00
CA ARG B 129 -38.18 -0.71 19.81
C ARG B 129 -38.40 -2.16 19.42
N GLU B 130 -39.63 -2.64 19.65
CA GLU B 130 -40.00 -4.01 19.34
C GLU B 130 -40.43 -4.07 17.87
N ILE B 131 -39.69 -4.85 17.08
CA ILE B 131 -39.85 -4.85 15.64
C ILE B 131 -39.79 -6.29 15.17
N ASP B 132 -40.77 -6.71 14.38
CA ASP B 132 -40.71 -8.03 13.81
C ASP B 132 -40.29 -8.03 12.36
N VAL B 133 -40.41 -6.90 11.66
CA VAL B 133 -40.30 -6.89 10.22
C VAL B 133 -40.18 -5.45 9.77
N VAL B 134 -39.37 -5.23 8.74
CA VAL B 134 -39.26 -3.95 8.05
C VAL B 134 -40.13 -4.01 6.80
N MET B 135 -40.89 -2.94 6.55
CA MET B 135 -41.74 -2.91 5.36
C MET B 135 -41.45 -1.67 4.52
N THR B 136 -41.49 -1.85 3.20
CA THR B 136 -41.33 -0.75 2.26
C THR B 136 -42.19 -1.02 1.02
N VAL B 137 -42.24 -0.03 0.14
CA VAL B 137 -42.91 -0.11 -1.16
C VAL B 137 -41.86 -0.32 -2.23
N ALA B 138 -42.16 -1.16 -3.19
CA ALA B 138 -41.33 -1.22 -4.38
C ALA B 138 -41.39 0.12 -5.11
N THR B 139 -40.24 0.63 -5.60
CA THR B 139 -38.98 -0.10 -5.74
C THR B 139 -37.79 0.50 -4.98
N LYS B 140 -37.71 1.84 -4.95
CA LYS B 140 -36.48 2.52 -4.51
C LYS B 140 -36.28 2.44 -3.00
N GLY B 141 -37.36 2.25 -2.24
CA GLY B 141 -37.21 2.06 -0.80
C GLY B 141 -36.57 0.74 -0.44
N ILE B 142 -36.54 -0.21 -1.38
CA ILE B 142 -36.10 -1.57 -1.07
C ILE B 142 -34.65 -1.61 -0.59
N PRO B 143 -33.71 -0.89 -1.21
CA PRO B 143 -32.34 -0.87 -0.67
C PRO B 143 -32.28 -0.39 0.77
N LEU B 144 -32.93 0.74 1.09
CA LEU B 144 -32.89 1.26 2.45
C LEU B 144 -33.50 0.27 3.42
N ALA B 145 -34.57 -0.40 3.00
CA ALA B 145 -35.26 -1.29 3.91
C ALA B 145 -34.38 -2.48 4.27
N TYR B 146 -33.67 -3.03 3.28
CA TYR B 146 -32.79 -4.17 3.53
C TYR B 146 -31.56 -3.78 4.30
N ALA B 147 -31.01 -2.58 4.02
CA ALA B 147 -29.93 -2.06 4.86
C ALA B 147 -30.35 -2.00 6.32
N ALA B 148 -31.51 -1.39 6.61
CA ALA B 148 -31.88 -1.22 8.02
C ALA B 148 -32.21 -2.58 8.64
N ALA B 149 -32.89 -3.45 7.89
CA ALA B 149 -33.26 -4.77 8.38
C ALA B 149 -32.05 -5.63 8.72
N SER B 150 -30.94 -5.49 7.98
CA SER B 150 -29.78 -6.34 8.25
C SER B 150 -29.16 -5.98 9.59
N TYR B 151 -29.16 -4.69 9.93
CA TYR B 151 -28.63 -4.28 11.23
C TYR B 151 -29.55 -4.69 12.35
N LEU B 152 -30.86 -4.69 12.10
CA LEU B 152 -31.88 -5.05 13.08
C LEU B 152 -32.16 -6.55 13.13
N ASN B 153 -31.68 -7.31 12.15
CA ASN B 153 -31.95 -8.74 12.04
C ASN B 153 -33.46 -9.05 12.09
N VAL B 154 -34.16 -8.53 11.11
CA VAL B 154 -35.58 -8.84 10.92
C VAL B 154 -35.83 -8.99 9.43
N PRO B 155 -36.86 -9.75 9.05
CA PRO B 155 -37.16 -9.90 7.63
C PRO B 155 -37.65 -8.58 7.03
N VAL B 156 -37.68 -8.57 5.71
CA VAL B 156 -38.15 -7.43 4.92
C VAL B 156 -39.40 -7.86 4.16
N VAL B 157 -40.41 -6.99 4.18
CA VAL B 157 -41.65 -7.20 3.45
C VAL B 157 -41.82 -6.05 2.45
N ILE B 158 -42.12 -6.38 1.20
CA ILE B 158 -42.23 -5.38 0.13
C ILE B 158 -43.68 -5.27 -0.34
N VAL B 159 -44.27 -4.12 -0.09
CA VAL B 159 -45.58 -3.78 -0.64
C VAL B 159 -45.46 -3.48 -2.13
N ARG B 160 -46.34 -4.06 -2.94
CA ARG B 160 -46.34 -3.87 -4.38
C ARG B 160 -47.43 -2.90 -4.79
N LYS B 161 -47.06 -1.94 -5.64
CA LYS B 161 -48.04 -1.05 -6.24
C LYS B 161 -48.77 -1.72 -7.39
N ASP B 162 -48.33 -2.91 -7.76
CA ASP B 162 -49.13 -3.79 -8.57
C ASP B 162 -50.10 -4.58 -7.70
N ASN B 163 -50.85 -5.38 -8.38
CA ASN B 163 -51.61 -6.49 -7.86
C ASN B 163 -51.40 -7.64 -8.84
N LYS B 164 -50.75 -7.37 -9.96
CA LYS B 164 -50.24 -8.30 -10.95
C LYS B 164 -49.67 -9.53 -10.26
N VAL B 165 -48.94 -9.28 -9.18
CA VAL B 165 -47.88 -10.18 -8.78
C VAL B 165 -48.44 -11.55 -8.39
N THR B 166 -47.65 -12.56 -8.71
CA THR B 166 -47.99 -13.95 -8.51
C THR B 166 -47.18 -14.46 -7.31
N GLU B 167 -47.66 -14.14 -6.11
CA GLU B 167 -47.17 -14.77 -4.89
C GLU B 167 -48.33 -15.12 -3.98
N GLY B 168 -49.37 -15.71 -4.55
CA GLY B 168 -50.45 -16.25 -3.77
C GLY B 168 -51.54 -15.22 -3.50
N SER B 169 -52.33 -15.53 -2.47
CA SER B 169 -53.46 -14.69 -2.10
C SER B 169 -52.96 -13.36 -1.56
N THR B 170 -53.57 -12.26 -2.00
CA THR B 170 -53.10 -10.93 -1.65
C THR B 170 -54.23 -10.09 -1.09
N VAL B 171 -53.87 -9.21 -0.17
CA VAL B 171 -54.73 -8.17 0.36
C VAL B 171 -54.34 -6.84 -0.28
N SER B 172 -55.32 -6.12 -0.81
CA SER B 172 -55.08 -4.85 -1.47
C SER B 172 -55.93 -3.77 -0.83
N ILE B 173 -55.40 -2.56 -0.81
CA ILE B 173 -56.15 -1.38 -0.42
C ILE B 173 -55.89 -0.29 -1.45
N ASN B 174 -56.66 0.77 -1.34
CA ASN B 174 -56.52 1.95 -2.17
C ASN B 174 -56.08 3.10 -1.31
N TYR B 175 -55.44 4.08 -1.92
CA TYR B 175 -54.95 5.24 -1.19
C TYR B 175 -54.77 6.35 -2.19
N VAL B 176 -54.79 7.58 -1.70
CA VAL B 176 -54.56 8.71 -2.58
C VAL B 176 -53.24 9.36 -2.21
N SER B 177 -52.32 9.29 -3.16
CA SER B 177 -51.18 10.16 -3.30
C SER B 177 -51.61 11.63 -3.26
N GLY B 178 -50.56 12.48 -3.07
CA GLY B 178 -50.93 13.87 -3.31
C GLY B 178 -50.74 14.35 -4.74
N SER B 179 -50.46 13.43 -5.67
CA SER B 179 -49.79 13.68 -6.94
C SER B 179 -50.73 13.72 -8.12
N SER B 180 -50.85 12.55 -8.74
CA SER B 180 -52.12 12.05 -9.18
C SER B 180 -53.03 11.99 -7.96
N ASN B 181 -54.01 12.86 -7.89
CA ASN B 181 -54.97 12.68 -6.83
C ASN B 181 -55.85 11.49 -7.16
N ARG B 182 -55.44 10.77 -8.20
CA ARG B 182 -55.91 9.43 -8.49
C ARG B 182 -55.77 8.54 -7.26
N ILE B 183 -56.70 7.61 -7.16
CA ILE B 183 -56.68 6.56 -6.15
C ILE B 183 -55.89 5.39 -6.72
N GLN B 184 -54.66 5.22 -6.25
CA GLN B 184 -53.88 4.05 -6.63
C GLN B 184 -54.10 2.94 -5.62
N THR B 185 -53.49 1.72 -5.92
CA THR B 185 -53.66 0.48 -5.18
C THR B 185 -52.31 -0.10 -4.78
N MET B 186 -52.20 -0.55 -3.53
CA MET B 186 -51.02 -1.23 -3.04
C MET B 186 -51.47 -2.50 -2.35
N SER B 187 -50.77 -3.59 -2.62
CA SER B 187 -51.15 -4.93 -2.19
C SER B 187 -50.01 -5.58 -1.41
N LEU B 188 -50.37 -6.63 -0.69
CA LEU B 188 -49.45 -7.36 0.16
C LEU B 188 -49.91 -8.82 0.27
N ALA B 189 -49.04 -9.76 -0.05
CA ALA B 189 -49.39 -11.17 0.05
C ALA B 189 -49.73 -11.55 1.49
N LYS B 190 -50.72 -12.43 1.64
CA LYS B 190 -51.21 -12.78 2.97
C LYS B 190 -50.19 -13.64 3.72
N ARG B 191 -49.49 -14.54 3.02
CA ARG B 191 -48.48 -15.37 3.68
C ARG B 191 -47.17 -14.64 3.92
N SER B 192 -47.09 -13.35 3.64
CA SER B 192 -45.86 -12.59 3.83
C SER B 192 -45.89 -11.74 5.08
N MET B 193 -46.87 -11.93 5.96
CA MET B 193 -46.93 -11.13 7.17
C MET B 193 -47.83 -11.80 8.19
N LYS B 194 -47.31 -11.98 9.41
CA LYS B 194 -48.08 -12.58 10.50
C LYS B 194 -48.95 -11.53 11.17
N THR B 195 -50.15 -11.95 11.58
CA THR B 195 -51.08 -11.07 12.28
C THR B 195 -50.45 -10.49 13.54
N GLY B 196 -50.81 -9.25 13.87
CA GLY B 196 -50.21 -8.59 15.02
C GLY B 196 -48.72 -8.27 14.97
N SER B 197 -48.09 -8.26 13.79
CA SER B 197 -46.67 -7.91 13.69
C SER B 197 -46.41 -6.43 13.97
N ASN B 198 -45.33 -6.15 14.70
CA ASN B 198 -44.82 -4.80 14.84
C ASN B 198 -43.94 -4.49 13.62
N VAL B 199 -44.31 -3.47 12.86
CA VAL B 199 -43.72 -3.21 11.56
C VAL B 199 -43.02 -1.87 11.59
N LEU B 200 -41.75 -1.86 11.20
CA LEU B 200 -41.06 -0.60 10.96
C LEU B 200 -41.15 -0.29 9.47
N ILE B 201 -41.77 0.85 9.15
CA ILE B 201 -41.90 1.34 7.77
C ILE B 201 -40.67 2.16 7.39
N ILE B 202 -40.04 1.83 6.25
CA ILE B 202 -38.91 2.56 5.71
C ILE B 202 -39.24 3.00 4.28
N ASP B 203 -39.04 4.29 3.98
CA ASP B 203 -39.17 4.71 2.59
C ASP B 203 -38.11 5.74 2.23
N ASP B 204 -37.92 5.93 0.93
CA ASP B 204 -36.87 6.84 0.48
C ASP B 204 -37.30 8.29 0.47
N PHE B 205 -38.59 8.57 0.32
CA PHE B 205 -39.03 9.93 0.05
C PHE B 205 -40.48 10.08 0.46
N MET B 206 -40.79 11.11 1.24
CA MET B 206 -42.14 11.43 1.68
C MET B 206 -42.47 12.89 1.39
N LYS B 207 -43.65 13.14 0.82
CA LYS B 207 -44.09 14.52 0.60
C LYS B 207 -45.29 14.85 1.50
N ALA B 208 -46.47 14.40 1.09
CA ALA B 208 -47.67 14.55 1.92
C ALA B 208 -47.86 13.41 2.89
N GLY B 209 -47.36 12.22 2.55
CA GLY B 209 -47.49 11.05 3.39
C GLY B 209 -48.58 10.10 2.99
N GLY B 210 -49.17 10.26 1.80
CA GLY B 210 -50.27 9.40 1.40
C GLY B 210 -49.84 7.99 1.07
N THR B 211 -48.61 7.83 0.58
CA THR B 211 -48.08 6.48 0.38
C THR B 211 -47.85 5.79 1.71
N ILE B 212 -47.23 6.50 2.66
CA ILE B 212 -46.98 5.91 3.96
C ILE B 212 -48.30 5.67 4.68
N ASN B 213 -49.23 6.62 4.57
CA ASN B 213 -50.57 6.43 5.11
C ASN B 213 -51.28 5.25 4.45
N GLY B 214 -51.09 5.05 3.14
CA GLY B 214 -51.56 3.82 2.53
C GLY B 214 -51.00 2.58 3.21
N MET B 215 -49.68 2.57 3.48
CA MET B 215 -49.05 1.39 4.11
C MET B 215 -49.62 1.14 5.50
N ILE B 216 -49.85 2.20 6.27
CA ILE B 216 -50.45 2.06 7.60
C ILE B 216 -51.85 1.47 7.49
N ASN B 217 -52.66 1.97 6.55
CA ASN B 217 -54.00 1.41 6.37
C ASN B 217 -53.92 -0.05 5.99
N LEU B 218 -52.92 -0.39 5.18
CA LEU B 218 -52.77 -1.78 4.77
C LEU B 218 -52.39 -2.67 5.94
N LEU B 219 -51.71 -2.12 6.95
CA LEU B 219 -51.32 -2.90 8.11
C LEU B 219 -52.50 -3.25 9.00
N ASP B 220 -53.58 -2.47 8.95
CA ASP B 220 -54.74 -2.80 9.77
C ASP B 220 -55.50 -4.01 9.23
N GLU B 221 -55.52 -4.18 7.92
CA GLU B 221 -56.04 -5.42 7.33
C GLU B 221 -55.29 -6.65 7.83
N PHE B 222 -54.13 -6.48 8.44
CA PHE B 222 -53.39 -7.56 9.07
C PHE B 222 -53.36 -7.40 10.57
N ASN B 223 -54.08 -6.43 11.11
CA ASN B 223 -54.00 -6.05 12.52
C ASN B 223 -52.55 -5.99 12.99
N ALA B 224 -51.73 -5.30 12.21
CA ALA B 224 -50.33 -5.09 12.57
C ALA B 224 -50.15 -3.67 13.10
N ASN B 225 -49.07 -3.46 13.85
CA ASN B 225 -48.81 -2.17 14.47
C ASN B 225 -47.63 -1.48 13.81
N VAL B 226 -47.65 -0.15 13.85
CA VAL B 226 -46.56 0.67 13.35
C VAL B 226 -45.55 0.81 14.48
N ALA B 227 -44.43 0.07 14.39
CA ALA B 227 -43.34 0.23 15.35
C ALA B 227 -42.61 1.55 15.17
N GLY B 228 -42.53 2.03 13.95
CA GLY B 228 -41.82 3.26 13.67
C GLY B 228 -41.88 3.53 12.17
N ILE B 229 -41.60 4.79 11.84
CA ILE B 229 -41.53 5.21 10.44
C ILE B 229 -40.25 5.98 10.23
N GLY B 230 -39.49 5.59 9.20
CA GLY B 230 -38.27 6.27 8.82
C GLY B 230 -38.11 6.53 7.33
N VAL B 231 -37.77 7.77 6.99
CA VAL B 231 -37.68 8.23 5.61
C VAL B 231 -36.33 8.91 5.41
N LEU B 232 -35.75 8.68 4.24
CA LEU B 232 -34.53 9.37 3.88
C LEU B 232 -34.77 10.86 3.67
N VAL B 233 -35.79 11.23 2.89
CA VAL B 233 -36.05 12.63 2.56
C VAL B 233 -37.52 12.95 2.78
N GLU B 234 -37.80 14.02 3.52
CA GLU B 234 -39.15 14.57 3.59
C GLU B 234 -39.20 15.92 2.88
N ALA B 235 -40.33 16.20 2.25
CA ALA B 235 -40.63 17.50 1.66
C ALA B 235 -41.25 18.44 2.69
N GLU B 236 -41.09 19.74 2.48
CA GLU B 236 -41.69 20.72 3.38
C GLU B 236 -43.20 20.77 3.18
N GLY B 237 -43.93 20.78 4.28
CA GLY B 237 -45.39 20.73 4.24
C GLY B 237 -45.92 19.37 3.82
N ARG B 241 -49.83 17.27 6.10
CA ARG B 241 -49.01 16.11 6.40
C ARG B 241 -49.84 15.08 7.16
N LEU B 242 -50.45 14.14 6.45
CA LEU B 242 -51.42 13.24 7.08
C LEU B 242 -50.81 12.28 8.09
N VAL B 243 -49.49 12.26 8.25
CA VAL B 243 -48.82 11.22 9.02
C VAL B 243 -48.63 11.67 10.46
N ASP B 244 -48.26 10.71 11.31
CA ASP B 244 -48.07 10.95 12.74
C ASP B 244 -46.60 11.18 13.08
N GLU B 245 -45.99 10.27 13.83
CA GLU B 245 -44.59 10.37 14.20
C GLU B 245 -43.72 9.63 13.19
N TYR B 246 -42.52 10.33 12.59
CA TYR B 246 -41.63 9.69 11.64
C TYR B 246 -40.27 10.24 11.98
N MET B 247 -39.25 9.62 11.42
CA MET B 247 -37.92 10.17 11.44
C MET B 247 -37.43 10.34 10.01
N SER B 248 -36.86 11.52 9.74
CA SER B 248 -36.30 11.86 8.44
C SER B 248 -34.86 12.30 8.63
N LEU B 249 -34.01 12.04 7.63
CA LEU B 249 -32.67 12.57 7.66
C LEU B 249 -32.54 13.92 6.97
N LEU B 250 -33.21 14.06 5.82
CA LEU B 250 -33.05 15.25 4.98
C LEU B 250 -34.39 15.89 4.72
N THR B 251 -34.35 17.20 4.49
CA THR B 251 -35.50 17.97 4.04
C THR B 251 -35.20 18.62 2.70
N LEU B 252 -36.07 18.56 1.71
CA LEU B 252 -35.89 19.08 0.36
C LEU B 252 -36.89 20.21 0.12
N SER B 253 -36.36 21.42 -0.11
CA SER B 253 -37.20 22.52 -0.54
C SER B 253 -37.40 22.43 -2.04
N THR B 254 -38.65 22.57 -2.47
CA THR B 254 -39.08 22.40 -3.86
C THR B 254 -38.07 22.94 -4.85
N ILE B 255 -37.83 22.17 -5.90
CA ILE B 255 -36.86 22.58 -6.92
C ILE B 255 -37.42 23.80 -7.64
N ASN B 256 -36.72 24.93 -7.52
CA ASN B 256 -37.03 26.08 -8.35
C ASN B 256 -36.53 25.74 -9.75
N MET B 257 -37.42 25.21 -10.59
CA MET B 257 -37.05 24.74 -11.92
C MET B 257 -36.47 25.86 -12.78
N LYS B 258 -36.81 27.10 -12.47
CA LYS B 258 -36.22 28.28 -13.13
C LYS B 258 -34.73 28.41 -12.86
N GLU B 259 -34.35 28.53 -11.58
CA GLU B 259 -33.00 28.88 -11.16
C GLU B 259 -32.00 27.75 -11.28
N LYS B 260 -32.45 26.52 -11.52
CA LYS B 260 -31.59 25.36 -11.39
C LYS B 260 -31.02 25.35 -9.96
N SER B 261 -31.82 24.99 -8.99
CA SER B 261 -31.34 25.08 -7.61
C SER B 261 -32.07 24.07 -6.72
N ILE B 262 -31.32 23.16 -6.11
CA ILE B 262 -31.84 22.29 -5.07
C ILE B 262 -31.34 22.78 -3.72
N GLU B 263 -32.27 22.99 -2.81
CA GLU B 263 -32.03 23.51 -1.48
C GLU B 263 -32.43 22.41 -0.51
N ILE B 264 -31.47 21.90 0.27
CA ILE B 264 -31.77 20.84 1.23
C ILE B 264 -31.02 21.03 2.54
N GLN B 265 -31.73 20.72 3.63
CA GLN B 265 -31.31 20.91 5.01
C GLN B 265 -31.50 19.61 5.78
N ASN B 266 -31.18 19.65 7.06
CA ASN B 266 -31.32 18.48 7.90
C ASN B 266 -32.80 18.10 8.06
N GLY B 267 -33.05 16.83 8.41
CA GLY B 267 -34.34 16.37 8.87
C GLY B 267 -34.50 16.49 10.37
N ASN B 268 -35.45 15.73 10.93
CA ASN B 268 -35.74 15.76 12.35
C ASN B 268 -34.96 14.73 13.16
N PHE B 269 -33.97 14.08 12.54
CA PHE B 269 -33.37 12.90 13.16
C PHE B 269 -32.65 13.22 14.47
N LEU B 270 -32.16 14.44 14.65
CA LEU B 270 -31.44 14.79 15.89
C LEU B 270 -32.29 14.56 17.12
N ARG B 271 -33.62 14.71 17.01
CA ARG B 271 -34.46 14.59 18.19
C ARG B 271 -34.53 13.17 18.75
N PHE B 272 -33.90 12.19 18.09
CA PHE B 272 -33.82 10.83 18.61
C PHE B 272 -32.50 10.55 19.30
N PHE B 273 -31.64 11.56 19.44
CA PHE B 273 -30.35 11.41 20.10
C PHE B 273 -30.37 12.12 21.46
N LYS C 2 -18.52 6.25 -20.41
CA LYS C 2 -19.09 7.57 -20.17
C LYS C 2 -18.47 8.21 -18.93
N PHE C 3 -18.98 9.39 -18.59
CA PHE C 3 -18.58 10.11 -17.39
C PHE C 3 -19.82 10.72 -16.76
N ARG C 4 -20.03 10.46 -15.47
CA ARG C 4 -20.90 11.34 -14.71
C ARG C 4 -20.33 12.75 -14.74
N ARG C 5 -21.18 13.74 -14.45
CA ARG C 5 -20.82 15.13 -14.73
C ARG C 5 -19.54 15.53 -14.01
N SER C 6 -19.40 15.07 -12.77
CA SER C 6 -18.21 15.39 -11.97
C SER C 6 -16.95 14.96 -12.68
N GLY C 7 -16.87 13.67 -13.06
CA GLY C 7 -15.72 13.20 -13.81
C GLY C 7 -15.50 13.98 -15.09
N ARG C 8 -16.59 14.40 -15.73
CA ARG C 8 -16.46 15.13 -17.00
C ARG C 8 -15.95 16.53 -16.76
N LEU C 9 -16.34 17.15 -15.64
CA LEU C 9 -15.77 18.42 -15.22
C LEU C 9 -14.26 18.31 -15.02
N VAL C 10 -13.82 17.25 -14.34
CA VAL C 10 -12.39 17.05 -14.10
C VAL C 10 -11.64 16.97 -15.42
N ASP C 11 -12.12 16.12 -16.33
CA ASP C 11 -11.39 15.92 -17.58
C ASP C 11 -11.50 17.14 -18.49
N LEU C 12 -12.66 17.81 -18.47
CA LEU C 12 -12.80 19.06 -19.20
C LEU C 12 -11.77 20.07 -18.73
N THR C 13 -11.60 20.19 -17.42
CA THR C 13 -10.66 21.15 -16.86
C THR C 13 -9.24 20.83 -17.30
N ASN C 14 -8.87 19.56 -17.23
CA ASN C 14 -7.51 19.15 -17.60
C ASN C 14 -7.26 19.39 -19.08
N TYR C 15 -8.27 19.12 -19.91
CA TYR C 15 -8.08 19.28 -21.35
C TYR C 15 -7.89 20.75 -21.71
N LEU C 16 -8.61 21.64 -21.03
CA LEU C 16 -8.47 23.06 -21.31
C LEU C 16 -7.12 23.57 -20.88
N LEU C 17 -6.66 23.14 -19.69
CA LEU C 17 -5.37 23.58 -19.19
C LEU C 17 -4.20 23.07 -20.05
N THR C 18 -4.34 21.91 -20.68
CA THR C 18 -3.26 21.37 -21.51
C THR C 18 -3.37 21.77 -22.99
N HIS C 19 -4.37 22.58 -23.35
CA HIS C 19 -4.50 23.09 -24.71
C HIS C 19 -4.82 24.57 -24.70
N PRO C 20 -4.03 25.39 -23.98
CA PRO C 20 -4.31 26.82 -23.94
C PRO C 20 -4.23 27.42 -25.34
N HIS C 21 -4.96 28.52 -25.55
CA HIS C 21 -4.97 29.29 -26.81
C HIS C 21 -5.34 28.44 -28.03
N GLU C 22 -6.00 27.30 -27.83
CA GLU C 22 -6.54 26.49 -28.90
C GLU C 22 -8.05 26.67 -28.99
N LEU C 23 -8.55 27.03 -30.16
CA LEU C 23 -9.99 27.10 -30.37
C LEU C 23 -10.52 25.68 -30.54
N ILE C 24 -11.27 25.21 -29.56
CA ILE C 24 -11.80 23.85 -29.56
C ILE C 24 -13.29 23.94 -29.88
N PRO C 25 -13.76 23.31 -30.95
CA PRO C 25 -15.19 23.37 -31.28
C PRO C 25 -16.01 22.70 -30.20
N LEU C 26 -17.15 23.33 -29.86
CA LEU C 26 -18.05 22.77 -28.86
C LEU C 26 -18.45 21.35 -29.20
N THR C 27 -18.38 20.97 -30.47
CA THR C 27 -18.67 19.61 -30.89
C THR C 27 -17.69 18.61 -30.27
N PHE C 28 -16.37 18.93 -30.33
CA PHE C 28 -15.34 17.97 -29.92
C PHE C 28 -15.62 17.39 -28.55
N PHE C 29 -16.13 18.21 -27.63
CA PHE C 29 -16.42 17.72 -26.28
C PHE C 29 -17.69 16.88 -26.23
N SER C 30 -18.73 17.26 -26.98
CA SER C 30 -19.97 16.49 -26.95
C SER C 30 -19.78 15.11 -27.58
N GLU C 31 -18.96 15.03 -28.62
CA GLU C 31 -18.58 13.73 -29.16
C GLU C 31 -17.76 12.94 -28.14
N ARG C 32 -16.86 13.62 -27.44
CA ARG C 32 -15.95 12.93 -26.54
C ARG C 32 -16.63 12.54 -25.24
N TYR C 33 -17.56 13.36 -24.76
CA TYR C 33 -18.17 13.15 -23.45
C TYR C 33 -19.58 12.59 -23.50
N GLU C 34 -20.04 12.10 -24.66
CA GLU C 34 -21.28 11.35 -24.76
C GLU C 34 -22.49 12.18 -24.30
N SER C 35 -22.54 13.44 -24.76
CA SER C 35 -23.41 14.40 -24.12
C SER C 35 -23.96 15.41 -25.12
N ALA C 36 -24.96 16.15 -24.67
CA ALA C 36 -25.54 17.22 -25.46
C ALA C 36 -24.72 18.49 -25.29
N LYS C 37 -24.57 19.23 -26.38
CA LYS C 37 -23.87 20.51 -26.34
C LYS C 37 -24.45 21.42 -25.28
N SER C 38 -25.74 21.24 -24.96
CA SER C 38 -26.36 22.03 -23.91
C SER C 38 -25.72 21.73 -22.56
N SER C 39 -25.52 20.44 -22.25
CA SER C 39 -24.87 20.09 -20.99
C SER C 39 -23.40 20.49 -20.99
N ILE C 40 -22.72 20.28 -22.12
CA ILE C 40 -21.32 20.68 -22.26
C ILE C 40 -21.18 22.18 -22.01
N SER C 41 -22.15 22.97 -22.49
CA SER C 41 -22.02 24.42 -22.41
C SER C 41 -22.22 24.92 -21.00
N GLU C 42 -23.02 24.24 -20.18
CA GLU C 42 -23.22 24.68 -18.80
C GLU C 42 -22.05 24.31 -17.90
N ASP C 43 -21.31 23.25 -18.25
CA ASP C 43 -20.10 22.95 -17.52
C ASP C 43 -18.96 23.87 -17.93
N LEU C 44 -18.92 24.28 -19.21
CA LEU C 44 -18.02 25.36 -19.61
C LEU C 44 -18.33 26.63 -18.83
N THR C 45 -19.59 26.82 -18.46
CA THR C 45 -19.98 27.96 -17.64
C THR C 45 -19.41 27.85 -16.24
N ILE C 46 -19.54 26.66 -15.64
CA ILE C 46 -18.93 26.42 -14.34
C ILE C 46 -17.42 26.58 -14.42
N ILE C 47 -16.81 26.02 -15.47
CA ILE C 47 -15.36 26.12 -15.60
C ILE C 47 -14.95 27.56 -15.79
N LYS C 48 -15.61 28.26 -16.71
CA LYS C 48 -15.26 29.65 -16.99
C LYS C 48 -15.27 30.54 -15.75
N GLN C 49 -16.37 30.50 -14.94
CA GLN C 49 -16.55 31.29 -13.69
C GLN C 49 -15.58 30.85 -12.61
N THR C 50 -15.39 29.54 -12.50
CA THR C 50 -14.38 29.10 -11.54
C THR C 50 -13.02 29.61 -11.99
N PHE C 51 -12.77 29.60 -13.31
CA PHE C 51 -11.47 30.04 -13.81
C PHE C 51 -11.23 31.51 -13.50
N GLU C 52 -12.27 32.34 -13.67
CA GLU C 52 -12.08 33.77 -13.45
C GLU C 52 -11.97 34.08 -11.97
N GLN C 53 -12.86 33.50 -11.17
CA GLN C 53 -12.86 33.78 -9.74
C GLN C 53 -11.53 33.40 -9.10
N GLN C 54 -10.91 32.32 -9.56
CA GLN C 54 -9.68 31.83 -8.97
C GLN C 54 -8.43 32.36 -9.65
N GLY C 55 -8.56 33.28 -10.61
CA GLY C 55 -7.39 33.85 -11.24
C GLY C 55 -6.62 32.89 -12.13
N ILE C 56 -7.30 31.88 -12.68
CA ILE C 56 -6.67 30.91 -13.57
C ILE C 56 -6.64 31.44 -14.99
N GLY C 57 -7.66 32.17 -15.38
CA GLY C 57 -7.66 32.66 -16.75
C GLY C 57 -9.08 32.88 -17.23
N THR C 58 -9.26 32.69 -18.53
CA THR C 58 -10.44 33.14 -19.24
C THR C 58 -10.87 32.09 -20.23
N LEU C 59 -12.13 31.65 -20.13
CA LEU C 59 -12.72 30.78 -21.12
C LEU C 59 -13.57 31.63 -22.06
N LEU C 60 -13.18 31.67 -23.33
CA LEU C 60 -13.85 32.49 -24.33
C LEU C 60 -14.60 31.58 -25.29
N THR C 61 -15.93 31.70 -25.29
CA THR C 61 -16.76 31.10 -26.32
C THR C 61 -16.91 32.05 -27.49
N VAL C 62 -16.82 31.51 -28.70
CA VAL C 62 -17.06 32.31 -29.89
C VAL C 62 -18.23 31.66 -30.65
N PRO C 63 -19.24 32.43 -31.04
CA PRO C 63 -20.47 31.83 -31.58
C PRO C 63 -20.28 31.34 -33.01
N GLY C 64 -21.27 30.58 -33.47
CA GLY C 64 -21.26 30.04 -34.82
C GLY C 64 -20.69 28.64 -34.87
N ALA C 65 -21.03 27.95 -35.96
CA ALA C 65 -20.51 26.60 -36.20
C ALA C 65 -19.02 26.60 -36.52
N ALA C 66 -18.46 27.77 -36.86
CA ALA C 66 -17.01 27.93 -36.99
C ALA C 66 -16.37 28.41 -35.69
N GLY C 67 -17.06 28.23 -34.57
CA GLY C 67 -16.55 28.69 -33.29
C GLY C 67 -16.31 27.61 -32.26
N GLY C 68 -16.27 27.99 -31.00
CA GLY C 68 -16.04 27.04 -29.92
C GLY C 68 -15.56 27.76 -28.66
N VAL C 69 -14.67 27.08 -27.94
CA VAL C 69 -14.12 27.59 -26.68
C VAL C 69 -12.61 27.71 -26.80
N LYS C 70 -12.07 28.75 -26.17
CA LYS C 70 -10.63 28.97 -26.13
C LYS C 70 -10.26 29.32 -24.69
N TYR C 71 -9.36 28.55 -24.10
CA TYR C 71 -8.85 28.88 -22.78
C TYR C 71 -7.66 29.82 -22.94
N ILE C 72 -7.76 30.99 -22.34
CA ILE C 72 -6.71 32.00 -22.32
C ILE C 72 -6.19 32.11 -20.90
N PRO C 73 -4.97 31.64 -20.61
CA PRO C 73 -4.38 31.86 -19.28
C PRO C 73 -4.23 33.35 -19.02
N LYS C 74 -4.54 33.75 -17.79
CA LYS C 74 -4.46 35.15 -17.37
C LYS C 74 -4.05 35.18 -15.91
N MET C 75 -3.51 36.31 -15.49
CA MET C 75 -3.06 36.49 -14.11
C MET C 75 -3.61 37.81 -13.63
N LYS C 76 -4.27 37.80 -12.48
CA LYS C 76 -4.82 39.05 -11.97
C LYS C 76 -3.71 39.90 -11.38
N GLN C 77 -3.92 41.21 -11.43
CA GLN C 77 -2.90 42.17 -10.99
C GLN C 77 -2.46 41.91 -9.57
N ALA C 78 -3.40 41.67 -8.66
CA ALA C 78 -3.01 41.53 -7.25
C ALA C 78 -2.07 40.37 -7.03
N GLU C 79 -2.17 39.30 -7.83
CA GLU C 79 -1.23 38.18 -7.70
C GLU C 79 0.10 38.50 -8.36
N ALA C 80 0.07 39.17 -9.51
CA ALA C 80 1.30 39.55 -10.18
C ALA C 80 2.14 40.46 -9.31
N GLU C 81 1.51 41.43 -8.63
CA GLU C 81 2.24 42.31 -7.75
C GLU C 81 2.88 41.54 -6.60
N GLU C 82 2.09 40.71 -5.93
CA GLU C 82 2.63 39.91 -4.83
C GLU C 82 3.79 39.05 -5.32
N PHE C 83 3.58 38.33 -6.42
CA PHE C 83 4.60 37.42 -6.91
C PHE C 83 5.89 38.17 -7.23
N VAL C 84 5.78 39.28 -7.98
CA VAL C 84 6.96 40.07 -8.32
C VAL C 84 7.61 40.65 -7.07
N GLN C 85 6.82 40.88 -6.02
CA GLN C 85 7.41 41.38 -4.78
C GLN C 85 8.15 40.27 -4.04
N THR C 86 7.65 39.03 -4.11
CA THR C 86 8.38 37.91 -3.54
C THR C 86 9.72 37.74 -4.24
N LEU C 87 9.71 37.76 -5.57
CA LEU C 87 10.92 37.56 -6.35
C LEU C 87 11.92 38.69 -6.13
N GLY C 88 11.43 39.93 -6.05
CA GLY C 88 12.33 41.04 -5.77
C GLY C 88 12.95 40.96 -4.39
N GLN C 89 12.24 40.43 -3.42
CA GLN C 89 12.80 40.28 -2.07
C GLN C 89 13.84 39.17 -2.03
N SER C 90 13.69 38.14 -2.88
CA SER C 90 14.68 37.08 -2.90
C SER C 90 15.95 37.53 -3.60
N LEU C 91 15.82 38.34 -4.64
CA LEU C 91 16.98 38.82 -5.37
C LEU C 91 17.68 39.96 -4.65
N ALA C 92 17.02 40.62 -3.71
CA ALA C 92 17.62 41.70 -2.93
C ALA C 92 18.46 41.20 -1.76
N ASN C 93 18.94 39.95 -1.83
CA ASN C 93 19.86 39.45 -0.82
C ASN C 93 21.29 39.65 -1.31
N PRO C 94 22.12 40.40 -0.60
CA PRO C 94 23.50 40.64 -1.06
C PRO C 94 24.31 39.38 -1.35
N GLU C 95 23.83 38.19 -0.96
CA GLU C 95 24.55 36.96 -1.27
C GLU C 95 24.70 36.71 -2.76
N ARG C 96 23.85 37.32 -3.58
CA ARG C 96 23.80 37.01 -5.00
C ARG C 96 24.76 37.84 -5.83
N ILE C 97 25.51 38.74 -5.22
CA ILE C 97 26.34 39.66 -5.99
C ILE C 97 27.62 38.96 -6.40
N LEU C 98 27.98 39.07 -7.66
CA LEU C 98 29.13 38.42 -8.24
C LEU C 98 30.14 39.46 -8.72
N PRO C 99 31.40 39.08 -8.88
CA PRO C 99 32.39 40.03 -9.38
C PRO C 99 31.96 40.65 -10.70
N GLY C 100 32.08 41.96 -10.78
CA GLY C 100 31.73 42.67 -12.00
C GLY C 100 30.31 43.19 -12.09
N GLY C 101 29.62 43.34 -10.96
CA GLY C 101 28.25 43.81 -10.99
C GLY C 101 27.24 42.77 -11.43
N TYR C 102 27.53 41.49 -11.21
CA TYR C 102 26.65 40.41 -11.64
C TYR C 102 25.87 39.89 -10.45
N VAL C 103 24.57 39.69 -10.64
CA VAL C 103 23.69 39.10 -9.65
C VAL C 103 23.48 37.64 -10.02
N TYR C 104 23.58 36.76 -9.03
CA TYR C 104 23.37 35.34 -9.27
C TYR C 104 21.89 35.08 -9.49
N LEU C 105 21.54 34.62 -10.68
CA LEU C 105 20.15 34.36 -11.05
C LEU C 105 19.85 32.88 -11.24
N THR C 106 20.88 32.04 -11.33
CA THR C 106 20.71 30.70 -11.88
C THR C 106 19.70 29.86 -11.10
N ASP C 107 19.58 30.11 -9.80
CA ASP C 107 18.72 29.25 -8.98
C ASP C 107 17.25 29.49 -9.26
N ILE C 108 16.82 30.76 -9.34
CA ILE C 108 15.41 31.01 -9.63
C ILE C 108 15.10 30.88 -11.12
N LEU C 109 16.09 31.04 -11.99
CA LEU C 109 15.93 30.75 -13.41
C LEU C 109 15.75 29.24 -13.62
N GLY C 110 15.92 28.48 -12.55
CA GLY C 110 15.83 27.04 -12.65
C GLY C 110 14.69 26.37 -11.90
N LYS C 111 13.92 27.15 -11.13
CA LYS C 111 12.87 26.58 -10.29
C LYS C 111 11.59 26.43 -11.09
N PRO C 112 11.04 25.21 -11.24
CA PRO C 112 9.76 25.06 -11.96
C PRO C 112 8.67 25.99 -11.46
N SER C 113 8.48 26.09 -10.15
CA SER C 113 7.38 26.87 -9.59
C SER C 113 7.50 28.34 -9.94
N VAL C 114 8.71 28.90 -9.84
CA VAL C 114 8.92 30.28 -10.21
C VAL C 114 8.80 30.47 -11.72
N LEU C 115 9.46 29.58 -12.49
CA LEU C 115 9.35 29.67 -13.94
C LEU C 115 7.91 29.64 -14.40
N SER C 116 7.07 28.87 -13.71
CA SER C 116 5.69 28.72 -14.16
C SER C 116 4.92 30.03 -14.07
N LYS C 117 5.08 30.79 -12.97
CA LYS C 117 4.33 32.04 -12.81
C LYS C 117 4.91 33.16 -13.64
N VAL C 118 6.24 33.21 -13.80
CA VAL C 118 6.85 34.17 -14.71
C VAL C 118 6.30 33.99 -16.12
N GLY C 119 6.32 32.75 -16.61
CA GLY C 119 5.76 32.47 -17.92
C GLY C 119 4.30 32.85 -18.03
N LYS C 120 3.50 32.49 -17.01
CA LYS C 120 2.08 32.86 -17.00
C LYS C 120 1.91 34.38 -17.02
N LEU C 121 2.70 35.10 -16.23
CA LEU C 121 2.61 36.56 -16.26
C LEU C 121 2.87 37.09 -17.66
N PHE C 122 4.01 36.72 -18.25
CA PHE C 122 4.32 37.13 -19.62
C PHE C 122 3.18 36.77 -20.56
N ALA C 123 2.71 35.51 -20.50
CA ALA C 123 1.67 35.05 -21.41
C ALA C 123 0.34 35.75 -21.17
N SER C 124 0.14 36.32 -19.98
CA SER C 124 -1.13 36.96 -19.68
C SER C 124 -1.20 38.37 -20.28
N VAL C 125 -0.13 39.16 -20.10
CA VAL C 125 -0.14 40.52 -20.63
C VAL C 125 -0.06 40.54 -22.15
N PHE C 126 0.61 39.57 -22.76
CA PHE C 126 0.70 39.50 -24.21
C PHE C 126 -0.34 38.56 -24.80
N ALA C 127 -1.36 38.21 -24.02
CA ALA C 127 -2.33 37.21 -24.45
C ALA C 127 -3.13 37.66 -25.67
N GLU C 128 -3.30 38.97 -25.85
CA GLU C 128 -4.18 39.50 -26.89
C GLU C 128 -3.43 40.00 -28.12
N ARG C 129 -2.12 39.75 -28.21
CA ARG C 129 -1.35 40.03 -29.41
C ARG C 129 -1.13 38.74 -30.18
N GLU C 130 -1.14 38.83 -31.51
CA GLU C 130 -0.86 37.66 -32.33
C GLU C 130 0.60 37.27 -32.14
N ILE C 131 0.83 36.02 -31.72
CA ILE C 131 2.16 35.49 -31.46
C ILE C 131 2.28 34.17 -32.21
N ASP C 132 3.28 34.07 -33.07
CA ASP C 132 3.59 32.80 -33.72
C ASP C 132 4.75 32.08 -33.07
N VAL C 133 5.62 32.81 -32.38
CA VAL C 133 6.92 32.30 -31.95
C VAL C 133 7.36 33.09 -30.74
N VAL C 134 7.96 32.40 -29.78
CA VAL C 134 8.74 33.03 -28.72
C VAL C 134 10.22 32.88 -29.10
N MET C 135 10.98 33.96 -28.99
CA MET C 135 12.40 33.95 -29.31
C MET C 135 13.19 34.41 -28.10
N THR C 136 14.33 33.76 -27.87
CA THR C 136 15.29 34.21 -26.88
C THR C 136 16.70 33.88 -27.38
N VAL C 137 17.70 34.37 -26.66
CA VAL C 137 19.10 34.04 -26.90
C VAL C 137 19.57 33.07 -25.84
N ALA C 138 20.37 32.09 -26.26
CA ALA C 138 21.07 31.24 -25.31
C ALA C 138 21.96 32.08 -24.40
N THR C 139 22.03 31.69 -23.12
CA THR C 139 21.38 30.50 -22.60
C THR C 139 20.29 30.70 -21.53
N LYS C 140 20.46 31.71 -20.66
CA LYS C 140 19.67 31.77 -19.43
C LYS C 140 18.25 32.26 -19.69
N GLY C 141 18.03 32.96 -20.79
CA GLY C 141 16.69 33.33 -21.21
C GLY C 141 15.83 32.13 -21.60
N ILE C 142 16.46 30.99 -21.88
CA ILE C 142 15.72 29.85 -22.45
C ILE C 142 14.64 29.32 -21.52
N PRO C 143 14.88 29.13 -20.22
CA PRO C 143 13.80 28.64 -19.35
C PRO C 143 12.58 29.53 -19.36
N LEU C 144 12.79 30.85 -19.30
CA LEU C 144 11.69 31.79 -19.46
C LEU C 144 11.01 31.61 -20.80
N ALA C 145 11.79 31.40 -21.86
CA ALA C 145 11.20 31.32 -23.20
C ALA C 145 10.19 30.18 -23.29
N TYR C 146 10.60 28.97 -22.88
CA TYR C 146 9.70 27.83 -22.98
C TYR C 146 8.55 27.92 -21.97
N ALA C 147 8.79 28.58 -20.82
CA ALA C 147 7.71 28.78 -19.86
C ALA C 147 6.58 29.57 -20.50
N ALA C 148 6.91 30.72 -21.10
CA ALA C 148 5.86 31.57 -21.67
C ALA C 148 5.26 30.96 -22.93
N ALA C 149 6.08 30.27 -23.72
CA ALA C 149 5.58 29.62 -24.93
C ALA C 149 4.63 28.47 -24.65
N SER C 150 4.74 27.82 -23.49
CA SER C 150 3.84 26.70 -23.22
C SER C 150 2.42 27.19 -22.94
N TYR C 151 2.29 28.34 -22.26
CA TYR C 151 0.99 28.97 -22.04
C TYR C 151 0.42 29.58 -23.30
N LEU C 152 1.25 29.93 -24.28
CA LEU C 152 0.75 30.52 -25.51
C LEU C 152 0.64 29.50 -26.64
N ASN C 153 1.12 28.28 -26.44
CA ASN C 153 1.13 27.24 -27.46
C ASN C 153 1.80 27.71 -28.75
N VAL C 154 3.02 28.24 -28.63
CA VAL C 154 3.81 28.63 -29.79
C VAL C 154 5.20 28.02 -29.68
N PRO C 155 5.89 27.78 -30.80
CA PRO C 155 7.25 27.25 -30.73
C PRO C 155 8.22 28.25 -30.12
N VAL C 156 9.42 27.76 -29.85
CA VAL C 156 10.54 28.56 -29.36
C VAL C 156 11.70 28.40 -30.32
N VAL C 157 12.33 29.51 -30.70
CA VAL C 157 13.56 29.45 -31.47
C VAL C 157 14.65 30.20 -30.71
N ILE C 158 15.85 29.64 -30.72
CA ILE C 158 16.96 30.07 -29.89
C ILE C 158 17.97 30.79 -30.77
N VAL C 159 18.31 32.03 -30.40
CA VAL C 159 19.41 32.76 -31.01
C VAL C 159 20.70 32.36 -30.31
N ARG C 160 21.77 32.18 -31.08
CA ARG C 160 23.05 31.70 -30.55
C ARG C 160 24.13 32.73 -30.78
N LYS C 161 25.30 32.50 -30.16
CA LYS C 161 26.53 33.22 -30.51
C LYS C 161 27.57 32.28 -31.17
N ASP C 162 27.18 31.03 -31.45
CA ASP C 162 28.01 30.06 -32.21
C ASP C 162 29.11 29.44 -31.35
N SER C 169 22.18 26.73 -43.57
CA SER C 169 22.80 28.06 -43.55
C SER C 169 22.38 28.83 -42.30
N THR C 170 22.86 30.07 -42.17
CA THR C 170 22.54 30.86 -40.99
C THR C 170 22.79 32.34 -41.27
N VAL C 171 21.94 33.18 -40.69
CA VAL C 171 22.02 34.64 -40.84
C VAL C 171 22.52 35.22 -39.53
N SER C 172 23.50 36.11 -39.61
CA SER C 172 24.07 36.74 -38.43
C SER C 172 23.93 38.25 -38.51
N ILE C 173 24.23 38.89 -37.39
CA ILE C 173 24.16 40.35 -37.27
C ILE C 173 24.96 40.72 -36.03
N ASN C 174 25.59 41.88 -36.06
CA ASN C 174 26.41 42.31 -34.94
C ASN C 174 25.80 43.52 -34.24
N TYR C 175 25.94 43.53 -32.92
CA TYR C 175 25.38 44.49 -32.00
C TYR C 175 26.48 44.84 -31.00
N VAL C 176 26.56 46.09 -30.56
CA VAL C 176 27.50 46.43 -29.49
C VAL C 176 26.72 46.78 -28.24
N SER C 177 27.04 46.08 -27.15
CA SER C 177 26.27 46.02 -25.92
C SER C 177 26.97 45.02 -25.02
N GLY C 178 26.48 44.84 -23.81
CA GLY C 178 27.14 43.94 -22.88
C GLY C 178 28.45 44.52 -22.38
N ILE C 183 32.31 44.26 -29.96
CA ILE C 183 31.80 43.51 -31.10
C ILE C 183 31.21 42.17 -30.66
N GLN C 184 29.90 42.06 -30.72
CA GLN C 184 29.19 40.81 -30.49
C GLN C 184 28.25 40.53 -31.64
N THR C 185 28.02 39.25 -31.93
CA THR C 185 27.19 38.86 -33.07
C THR C 185 26.13 37.85 -32.66
N MET C 186 25.02 37.88 -33.40
CA MET C 186 23.89 36.99 -33.21
C MET C 186 23.65 36.21 -34.48
N SER C 187 23.58 34.89 -34.37
CA SER C 187 23.25 34.07 -35.52
C SER C 187 21.90 33.39 -35.32
N LEU C 188 21.40 32.80 -36.41
CA LEU C 188 20.12 32.11 -36.45
C LEU C 188 19.97 31.42 -37.80
N ALA C 189 19.72 30.12 -37.81
CA ALA C 189 19.60 29.39 -39.07
C ALA C 189 18.38 29.86 -39.84
N LYS C 190 18.55 30.12 -41.14
CA LYS C 190 17.39 30.54 -41.94
C LYS C 190 16.25 29.54 -41.79
N ARG C 191 16.56 28.24 -41.74
CA ARG C 191 15.54 27.21 -41.58
C ARG C 191 14.76 27.38 -40.28
N SER C 192 15.28 28.16 -39.33
CA SER C 192 14.78 28.24 -37.95
C SER C 192 13.47 29.02 -37.79
N MET C 193 12.98 29.71 -38.82
CA MET C 193 11.76 30.49 -38.61
C MET C 193 11.18 30.91 -39.95
N LYS C 194 9.85 30.85 -40.05
CA LYS C 194 9.15 31.24 -41.26
C LYS C 194 8.96 32.74 -41.30
N THR C 195 9.23 33.33 -42.47
CA THR C 195 9.20 34.77 -42.63
C THR C 195 7.80 35.33 -42.41
N GLY C 196 7.72 36.52 -41.82
CA GLY C 196 6.44 37.13 -41.52
C GLY C 196 5.89 36.83 -40.16
N SER C 197 6.65 36.14 -39.30
CA SER C 197 6.15 35.69 -38.01
C SER C 197 6.09 36.84 -37.02
N ASN C 198 5.09 36.77 -36.14
CA ASN C 198 4.97 37.71 -35.03
C ASN C 198 5.69 37.11 -33.83
N VAL C 199 6.65 37.83 -33.29
CA VAL C 199 7.63 37.28 -32.36
C VAL C 199 7.54 38.04 -31.05
N LEU C 200 7.43 37.30 -29.96
CA LEU C 200 7.59 37.85 -28.63
C LEU C 200 9.02 37.54 -28.19
N ILE C 201 9.72 38.56 -27.69
CA ILE C 201 11.11 38.41 -27.29
C ILE C 201 11.16 38.35 -25.78
N ILE C 202 11.78 37.29 -25.26
CA ILE C 202 11.92 37.07 -23.83
C ILE C 202 13.40 36.95 -23.50
N ASP C 203 13.84 37.61 -22.43
CA ASP C 203 15.17 37.35 -21.90
C ASP C 203 15.20 37.67 -20.41
N ASP C 204 16.27 37.23 -19.76
CA ASP C 204 16.38 37.31 -18.31
C ASP C 204 16.66 38.73 -17.84
N PHE C 205 17.75 39.31 -18.30
CA PHE C 205 18.27 40.57 -17.77
C PHE C 205 18.70 41.44 -18.93
N MET C 206 18.19 42.67 -18.97
CA MET C 206 18.49 43.61 -20.04
C MET C 206 19.13 44.87 -19.48
N LYS C 207 20.14 45.37 -20.18
CA LYS C 207 20.84 46.59 -19.79
C LYS C 207 20.33 47.80 -20.56
N ALA C 208 21.16 48.24 -21.49
CA ALA C 208 20.85 49.29 -22.46
C ALA C 208 19.99 48.80 -23.60
N GLY C 209 19.88 47.49 -23.79
CA GLY C 209 19.01 46.91 -24.79
C GLY C 209 19.66 46.50 -26.10
N GLY C 210 20.99 46.46 -26.17
CA GLY C 210 21.63 46.12 -27.43
C GLY C 210 21.44 44.66 -27.81
N THR C 211 21.44 43.77 -26.82
CA THR C 211 21.14 42.37 -27.10
C THR C 211 19.75 42.22 -27.70
N ILE C 212 18.75 42.87 -27.11
CA ILE C 212 17.41 42.73 -27.68
C ILE C 212 17.28 43.52 -28.97
N ASN C 213 17.94 44.67 -29.07
CA ASN C 213 17.99 45.35 -30.35
C ASN C 213 18.64 44.48 -31.41
N GLY C 214 19.74 43.81 -31.05
CA GLY C 214 20.30 42.82 -31.95
C GLY C 214 19.28 41.79 -32.37
N MET C 215 18.39 41.40 -31.44
CA MET C 215 17.33 40.45 -31.79
C MET C 215 16.30 41.10 -32.69
N ILE C 216 15.88 42.34 -32.37
CA ILE C 216 14.98 43.07 -33.26
C ILE C 216 15.61 43.25 -34.63
N ASN C 217 16.87 43.69 -34.65
CA ASN C 217 17.57 43.89 -35.91
C ASN C 217 17.79 42.59 -36.67
N LEU C 218 17.81 41.45 -35.97
CA LEU C 218 17.87 40.18 -36.67
C LEU C 218 16.50 39.75 -37.18
N LEU C 219 15.42 40.19 -36.52
CA LEU C 219 14.09 39.86 -36.98
C LEU C 219 13.76 40.52 -38.31
N ASP C 220 14.46 41.63 -38.65
CA ASP C 220 14.25 42.28 -39.94
C ASP C 220 14.57 41.34 -41.09
N GLU C 221 15.76 40.74 -41.07
CA GLU C 221 16.21 39.85 -42.15
C GLU C 221 15.38 38.58 -42.26
N PHE C 222 14.40 38.38 -41.38
CA PHE C 222 13.42 37.33 -41.53
C PHE C 222 12.02 37.85 -41.76
N ASN C 223 11.83 39.18 -41.88
CA ASN C 223 10.51 39.76 -42.17
C ASN C 223 9.58 39.64 -40.97
N ALA C 224 10.16 39.65 -39.77
CA ALA C 224 9.41 39.33 -38.56
C ALA C 224 9.04 40.61 -37.82
N ASN C 225 7.81 40.64 -37.32
CA ASN C 225 7.35 41.73 -36.49
C ASN C 225 7.60 41.43 -35.03
N VAL C 226 7.84 42.48 -34.26
CA VAL C 226 8.04 42.36 -32.82
C VAL C 226 6.68 42.51 -32.16
N ALA C 227 6.05 41.38 -31.84
CA ALA C 227 4.76 41.40 -31.16
C ALA C 227 4.86 41.85 -29.70
N GLY C 228 6.05 41.91 -29.15
CA GLY C 228 6.26 42.29 -27.77
C GLY C 228 7.60 41.80 -27.27
N ILE C 229 8.05 42.41 -26.18
CA ILE C 229 9.30 42.03 -25.53
C ILE C 229 9.09 42.06 -24.03
N GLY C 230 9.50 41.00 -23.35
CA GLY C 230 9.39 40.94 -21.90
C GLY C 230 10.68 40.47 -21.28
N VAL C 231 11.06 41.12 -20.18
CA VAL C 231 12.31 40.81 -19.51
C VAL C 231 12.02 40.62 -18.02
N LEU C 232 12.82 39.77 -17.39
CA LEU C 232 12.68 39.58 -15.96
C LEU C 232 13.25 40.78 -15.19
N VAL C 233 14.48 41.17 -15.51
CA VAL C 233 15.15 42.25 -14.80
C VAL C 233 15.59 43.30 -15.80
N GLU C 234 15.46 44.56 -15.41
CA GLU C 234 15.89 45.72 -16.19
C GLU C 234 16.99 46.43 -15.41
N ALA C 235 18.02 46.87 -16.10
CA ALA C 235 19.11 47.60 -15.48
C ALA C 235 18.83 49.10 -15.58
N GLU C 236 19.05 49.82 -14.48
CA GLU C 236 18.73 51.23 -14.42
C GLU C 236 19.42 52.05 -15.51
N ASP C 244 12.17 50.29 -28.90
CA ASP C 244 10.89 49.59 -28.95
C ASP C 244 10.22 49.58 -27.57
N GLU C 245 9.06 48.92 -27.48
CA GLU C 245 8.31 48.82 -26.23
C GLU C 245 8.51 47.44 -25.63
N TYR C 246 8.78 47.40 -24.32
CA TYR C 246 9.08 46.17 -23.62
C TYR C 246 8.40 46.18 -22.26
N MET C 247 8.29 45.01 -21.66
CA MET C 247 7.78 44.90 -20.29
C MET C 247 8.85 44.30 -19.38
N SER C 248 9.12 44.99 -18.29
CA SER C 248 10.05 44.52 -17.28
C SER C 248 9.27 44.11 -16.04
N LEU C 249 9.85 43.17 -15.28
CA LEU C 249 9.24 42.77 -14.02
C LEU C 249 9.94 43.42 -12.83
N LEU C 250 11.26 43.36 -12.79
CA LEU C 250 12.04 44.03 -11.78
C LEU C 250 13.00 44.99 -12.46
N THR C 251 13.57 45.90 -11.67
CA THR C 251 14.57 46.83 -12.16
C THR C 251 15.71 46.89 -11.18
N LEU C 252 16.93 46.62 -11.66
CA LEU C 252 18.12 46.60 -10.83
C LEU C 252 18.85 47.93 -10.93
N SER C 253 19.17 48.51 -9.78
CA SER C 253 20.03 49.69 -9.72
C SER C 253 21.45 49.24 -9.45
N THR C 254 22.38 49.76 -10.24
CA THR C 254 23.75 49.25 -10.34
C THR C 254 24.30 48.86 -8.98
N ILE C 255 24.72 47.60 -8.89
CA ILE C 255 25.42 47.14 -7.70
C ILE C 255 26.69 47.97 -7.54
N ASN C 256 26.92 48.49 -6.34
CA ASN C 256 28.20 49.13 -6.09
C ASN C 256 29.07 48.25 -5.21
N MET C 257 30.24 47.91 -5.75
CA MET C 257 31.14 46.83 -5.35
C MET C 257 31.52 46.79 -3.88
N LYS C 258 31.42 47.89 -3.14
CA LYS C 258 32.14 47.84 -1.88
C LYS C 258 31.23 47.57 -0.69
N GLU C 259 30.05 48.19 -0.69
CA GLU C 259 29.20 48.16 0.50
C GLU C 259 28.28 46.96 0.56
N LYS C 260 28.22 46.12 -0.49
CA LYS C 260 27.33 44.97 -0.50
C LYS C 260 25.88 45.43 -0.69
N SER C 261 25.67 46.35 -1.64
CA SER C 261 24.40 47.05 -1.84
C SER C 261 23.76 46.61 -3.15
N ILE C 262 22.62 45.93 -3.04
CA ILE C 262 21.79 45.58 -4.19
C ILE C 262 20.45 46.29 -4.00
N GLU C 263 20.08 47.13 -4.95
CA GLU C 263 18.85 47.90 -4.88
C GLU C 263 17.94 47.49 -6.02
N ILE C 264 16.80 46.89 -5.68
CA ILE C 264 15.87 46.35 -6.67
C ILE C 264 14.47 46.90 -6.38
N GLN C 265 13.81 47.36 -7.43
CA GLN C 265 12.42 47.80 -7.34
C GLN C 265 11.65 47.16 -8.48
N ASN C 266 10.32 47.32 -8.44
CA ASN C 266 9.48 46.73 -9.46
C ASN C 266 9.69 47.39 -10.81
N GLY C 267 9.33 46.67 -11.86
CA GLY C 267 9.46 47.16 -13.21
C GLY C 267 8.23 47.90 -13.68
N ASN C 268 8.05 47.93 -15.00
CA ASN C 268 6.96 48.65 -15.62
C ASN C 268 5.74 47.77 -15.89
N PHE C 269 5.63 46.63 -15.21
CA PHE C 269 4.63 45.64 -15.61
C PHE C 269 3.21 46.09 -15.29
N LEU C 270 3.03 46.94 -14.28
CA LEU C 270 1.69 47.41 -13.94
C LEU C 270 1.08 48.24 -15.06
N ARG C 271 1.90 48.96 -15.83
CA ARG C 271 1.39 49.71 -16.97
C ARG C 271 0.64 48.83 -17.95
N PHE C 272 0.84 47.52 -17.90
CA PHE C 272 0.17 46.58 -18.77
C PHE C 272 -1.08 45.97 -18.14
N PHE C 273 -1.34 46.28 -16.88
CA PHE C 273 -2.59 45.87 -16.24
C PHE C 273 -3.63 46.99 -16.22
N LYS C 274 -3.20 48.23 -16.40
CA LYS C 274 -4.14 49.32 -16.65
C LYS C 274 -4.45 49.39 -18.14
N LYS D 2 -17.54 30.12 -0.01
CA LYS D 2 -17.58 28.67 -0.14
C LYS D 2 -17.41 28.27 -1.60
N PHE D 3 -17.85 27.07 -1.94
CA PHE D 3 -17.75 26.55 -3.30
C PHE D 3 -18.63 25.32 -3.39
N ARG D 4 -19.54 25.30 -4.37
CA ARG D 4 -20.28 24.09 -4.65
C ARG D 4 -19.34 23.02 -5.20
N ARG D 5 -19.82 21.78 -5.21
CA ARG D 5 -18.96 20.66 -5.62
C ARG D 5 -18.45 20.83 -7.05
N SER D 6 -19.25 21.45 -7.91
CA SER D 6 -18.85 21.62 -9.30
C SER D 6 -17.59 22.48 -9.40
N GLY D 7 -17.63 23.70 -8.85
CA GLY D 7 -16.46 24.56 -8.87
C GLY D 7 -15.31 24.02 -8.03
N ARG D 8 -15.62 23.41 -6.90
CA ARG D 8 -14.60 22.78 -6.08
C ARG D 8 -13.79 21.77 -6.89
N LEU D 9 -14.45 21.00 -7.75
CA LEU D 9 -13.72 20.03 -8.56
C LEU D 9 -12.83 20.70 -9.59
N VAL D 10 -13.30 21.81 -10.15
CA VAL D 10 -12.54 22.51 -11.18
C VAL D 10 -11.26 23.09 -10.59
N ASP D 11 -11.40 23.87 -9.51
CA ASP D 11 -10.25 24.44 -8.83
C ASP D 11 -9.31 23.36 -8.33
N LEU D 12 -9.87 22.32 -7.71
CA LEU D 12 -9.06 21.20 -7.24
C LEU D 12 -8.22 20.60 -8.36
N THR D 13 -8.84 20.37 -9.52
CA THR D 13 -8.07 19.82 -10.64
C THR D 13 -6.94 20.76 -11.05
N ASN D 14 -7.23 22.06 -11.16
CA ASN D 14 -6.17 23.00 -11.50
C ASN D 14 -5.05 23.01 -10.47
N TYR D 15 -5.40 22.96 -9.18
CA TYR D 15 -4.38 23.09 -8.14
C TYR D 15 -3.43 21.90 -8.14
N LEU D 16 -3.98 20.70 -8.33
CA LEU D 16 -3.17 19.50 -8.40
C LEU D 16 -2.29 19.49 -9.65
N LEU D 17 -2.87 19.87 -10.80
CA LEU D 17 -2.10 19.87 -12.03
C LEU D 17 -0.93 20.85 -11.97
N THR D 18 -1.09 21.95 -11.23
CA THR D 18 -0.04 22.95 -11.13
C THR D 18 0.84 22.77 -9.91
N HIS D 19 0.62 21.72 -9.10
CA HIS D 19 1.51 21.38 -7.99
C HIS D 19 1.84 19.89 -7.96
N PRO D 20 2.30 19.31 -9.08
CA PRO D 20 2.58 17.87 -9.08
C PRO D 20 3.68 17.52 -8.09
N HIS D 21 3.64 16.28 -7.58
CA HIS D 21 4.63 15.76 -6.62
C HIS D 21 4.71 16.57 -5.34
N GLU D 22 3.75 17.44 -5.10
CA GLU D 22 3.70 18.24 -3.88
C GLU D 22 2.71 17.61 -2.92
N LEU D 23 3.15 17.37 -1.68
CA LEU D 23 2.29 16.79 -0.67
C LEU D 23 1.44 17.89 -0.05
N ILE D 24 0.13 17.79 -0.21
CA ILE D 24 -0.79 18.85 0.15
C ILE D 24 -1.62 18.39 1.34
N PRO D 25 -1.60 19.11 2.46
CA PRO D 25 -2.43 18.69 3.61
C PRO D 25 -3.91 18.93 3.34
N LEU D 26 -4.71 17.94 3.72
CA LEU D 26 -6.15 18.04 3.50
C LEU D 26 -6.75 19.25 4.20
N THR D 27 -6.12 19.72 5.27
CA THR D 27 -6.59 20.93 5.93
C THR D 27 -6.46 22.15 5.03
N PHE D 28 -5.45 22.20 4.17
CA PHE D 28 -5.33 23.31 3.23
C PHE D 28 -6.56 23.41 2.34
N PHE D 29 -7.01 22.27 1.81
CA PHE D 29 -8.19 22.32 0.94
C PHE D 29 -9.46 22.60 1.75
N SER D 30 -9.47 22.19 3.03
CA SER D 30 -10.64 22.41 3.87
C SER D 30 -10.84 23.90 4.15
N GLU D 31 -9.78 24.59 4.57
CA GLU D 31 -9.89 26.01 4.80
C GLU D 31 -10.04 26.80 3.50
N ARG D 32 -9.63 26.21 2.37
CA ARG D 32 -9.69 26.91 1.09
C ARG D 32 -11.11 26.95 0.53
N TYR D 33 -11.84 25.84 0.67
CA TYR D 33 -13.21 25.75 0.22
C TYR D 33 -14.21 25.90 1.35
N GLU D 34 -13.74 26.01 2.60
CA GLU D 34 -14.60 26.15 3.77
C GLU D 34 -15.61 25.01 3.84
N SER D 35 -15.13 23.79 3.66
CA SER D 35 -15.96 22.59 3.69
C SER D 35 -15.32 21.56 4.61
N ALA D 36 -16.02 20.45 4.78
CA ALA D 36 -15.56 19.41 5.69
C ALA D 36 -14.52 18.53 5.02
N LYS D 37 -13.52 18.11 5.80
CA LYS D 37 -12.53 17.14 5.32
C LYS D 37 -13.21 15.91 4.75
N SER D 38 -14.41 15.59 5.23
CA SER D 38 -15.18 14.49 4.68
C SER D 38 -15.37 14.65 3.18
N SER D 39 -15.85 15.82 2.74
CA SER D 39 -16.23 15.99 1.34
C SER D 39 -15.01 16.13 0.43
N ILE D 40 -13.97 16.81 0.90
CA ILE D 40 -12.74 16.94 0.11
C ILE D 40 -12.21 15.58 -0.30
N SER D 41 -12.23 14.62 0.63
CA SER D 41 -11.76 13.27 0.34
C SER D 41 -12.60 12.61 -0.75
N GLU D 42 -13.88 12.97 -0.84
CA GLU D 42 -14.71 12.36 -1.86
C GLU D 42 -14.52 13.04 -3.20
N ASP D 43 -14.34 14.36 -3.19
CA ASP D 43 -13.89 15.04 -4.41
C ASP D 43 -12.58 14.45 -4.91
N LEU D 44 -11.62 14.20 -4.00
CA LEU D 44 -10.34 13.64 -4.41
C LEU D 44 -10.50 12.23 -4.98
N THR D 45 -11.41 11.43 -4.41
CA THR D 45 -11.73 10.14 -4.97
C THR D 45 -12.20 10.29 -6.42
N ILE D 46 -13.01 11.32 -6.68
CA ILE D 46 -13.50 11.55 -8.04
C ILE D 46 -12.35 11.89 -8.97
N ILE D 47 -11.50 12.83 -8.55
CA ILE D 47 -10.36 13.22 -9.36
C ILE D 47 -9.43 12.02 -9.58
N LYS D 48 -9.17 11.26 -8.53
CA LYS D 48 -8.26 10.13 -8.66
C LYS D 48 -8.76 9.16 -9.73
N GLN D 49 -10.03 8.79 -9.65
CA GLN D 49 -10.62 7.89 -10.61
C GLN D 49 -10.56 8.46 -12.03
N THR D 50 -10.89 9.74 -12.20
CA THR D 50 -10.80 10.37 -13.52
C THR D 50 -9.36 10.47 -14.01
N PHE D 51 -8.41 10.85 -13.14
CA PHE D 51 -7.02 11.00 -13.58
C PHE D 51 -6.47 9.67 -14.09
N GLU D 52 -6.73 8.58 -13.36
CA GLU D 52 -6.20 7.28 -13.78
C GLU D 52 -6.94 6.75 -15.01
N GLN D 53 -8.26 6.96 -15.06
CA GLN D 53 -9.02 6.56 -16.23
C GLN D 53 -8.56 7.31 -17.47
N GLN D 54 -8.29 8.60 -17.33
CA GLN D 54 -7.92 9.43 -18.46
C GLN D 54 -6.41 9.49 -18.70
N GLY D 55 -5.63 8.65 -18.02
CA GLY D 55 -4.18 8.62 -18.23
C GLY D 55 -3.46 9.89 -17.88
N ILE D 56 -4.00 10.69 -16.97
CA ILE D 56 -3.37 11.93 -16.55
C ILE D 56 -2.32 11.64 -15.49
N GLY D 57 -2.60 10.68 -14.62
CA GLY D 57 -1.75 10.39 -13.48
C GLY D 57 -2.56 9.74 -12.39
N THR D 58 -1.98 9.71 -11.19
CA THR D 58 -2.66 9.18 -10.03
C THR D 58 -2.41 10.06 -8.82
N LEU D 59 -3.33 9.96 -7.85
CA LEU D 59 -3.20 10.62 -6.56
C LEU D 59 -2.77 9.60 -5.51
N LEU D 60 -1.94 10.05 -4.58
CA LEU D 60 -1.51 9.25 -3.44
C LEU D 60 -1.93 9.98 -2.18
N THR D 61 -2.73 9.31 -1.35
CA THR D 61 -3.15 9.88 -0.08
C THR D 61 -2.19 9.41 1.00
N VAL D 62 -1.36 10.31 1.50
CA VAL D 62 -0.50 10.06 2.65
C VAL D 62 -1.38 10.18 3.90
N PRO D 63 -1.70 9.08 4.58
CA PRO D 63 -2.62 9.17 5.72
C PRO D 63 -1.97 9.82 6.92
N GLY D 64 -2.76 10.58 7.66
CA GLY D 64 -2.34 11.12 8.94
C GLY D 64 -2.43 12.64 9.00
N ALA D 65 -2.22 13.14 10.22
CA ALA D 65 -2.15 14.58 10.43
C ALA D 65 -0.89 15.17 9.82
N ALA D 66 0.13 14.35 9.56
CA ALA D 66 1.35 14.79 8.90
C ALA D 66 1.39 14.37 7.44
N GLY D 67 0.25 14.41 6.75
CA GLY D 67 0.17 13.94 5.37
C GLY D 67 -0.82 14.75 4.57
N GLY D 68 -1.43 14.10 3.59
CA GLY D 68 -2.37 14.74 2.69
C GLY D 68 -2.49 14.03 1.36
N VAL D 69 -2.54 14.79 0.27
CA VAL D 69 -2.68 14.22 -1.06
C VAL D 69 -1.54 14.72 -1.93
N LYS D 70 -1.18 13.89 -2.91
CA LYS D 70 -0.08 14.14 -3.82
C LYS D 70 -0.47 13.61 -5.18
N TYR D 71 -0.37 14.45 -6.21
CA TYR D 71 -0.62 14.09 -7.61
C TYR D 71 0.69 13.72 -8.31
N ILE D 72 0.72 12.53 -8.93
CA ILE D 72 1.88 11.99 -9.62
C ILE D 72 1.55 11.93 -11.12
N PRO D 73 2.14 12.80 -11.95
CA PRO D 73 2.00 12.62 -13.40
C PRO D 73 2.47 11.24 -13.82
N LYS D 74 1.63 10.55 -14.57
CA LYS D 74 1.98 9.25 -15.14
C LYS D 74 1.42 9.21 -16.54
N MET D 75 1.99 8.36 -17.38
CA MET D 75 1.48 8.16 -18.73
C MET D 75 1.31 6.67 -18.93
N LYS D 76 0.13 6.25 -19.39
CA LYS D 76 -0.11 4.83 -19.57
C LYS D 76 0.67 4.32 -20.78
N GLN D 77 0.99 3.02 -20.73
CA GLN D 77 1.85 2.44 -21.76
C GLN D 77 1.30 2.64 -23.16
N ALA D 78 -0.02 2.62 -23.31
CA ALA D 78 -0.63 2.73 -24.64
C ALA D 78 -0.23 4.03 -25.33
N GLU D 79 -0.47 5.18 -24.67
CA GLU D 79 -0.17 6.45 -25.31
C GLU D 79 1.33 6.66 -25.51
N ALA D 80 2.17 6.08 -24.66
CA ALA D 80 3.61 6.31 -24.76
C ALA D 80 4.17 5.70 -26.03
N GLU D 81 3.88 4.42 -26.30
CA GLU D 81 4.31 3.81 -27.55
C GLU D 81 3.71 4.53 -28.75
N GLU D 82 2.44 4.93 -28.65
CA GLU D 82 1.83 5.68 -29.73
C GLU D 82 2.61 6.95 -30.03
N PHE D 83 2.93 7.71 -28.98
CA PHE D 83 3.68 8.95 -29.15
C PHE D 83 5.10 8.67 -29.63
N VAL D 84 5.74 7.65 -29.07
CA VAL D 84 7.15 7.39 -29.38
C VAL D 84 7.32 7.08 -30.86
N GLN D 85 6.50 6.17 -31.41
CA GLN D 85 6.71 5.82 -32.81
C GLN D 85 5.98 6.75 -33.76
N THR D 86 5.14 7.67 -33.25
CA THR D 86 4.78 8.84 -34.04
C THR D 86 5.98 9.77 -34.14
N LEU D 87 6.67 9.98 -33.02
CA LEU D 87 7.87 10.80 -33.03
C LEU D 87 8.93 10.22 -33.96
N GLY D 88 9.13 8.90 -33.92
CA GLY D 88 10.08 8.28 -34.83
C GLY D 88 9.64 8.35 -36.27
N GLN D 89 8.32 8.25 -36.51
CA GLN D 89 7.78 8.47 -37.84
C GLN D 89 8.19 9.84 -38.37
N SER D 90 7.97 10.87 -37.57
CA SER D 90 8.31 12.23 -37.97
C SER D 90 9.80 12.44 -38.17
N LEU D 91 10.64 11.64 -37.52
CA LEU D 91 12.07 11.83 -37.63
C LEU D 91 12.68 11.07 -38.80
N ALA D 92 12.03 10.00 -39.26
CA ALA D 92 12.50 9.19 -40.39
C ALA D 92 12.45 9.92 -41.72
N ASN D 93 12.11 11.20 -41.74
CA ASN D 93 12.12 11.98 -42.97
C ASN D 93 13.55 12.17 -43.46
N PRO D 94 13.83 11.92 -44.75
CA PRO D 94 15.20 12.10 -45.25
C PRO D 94 15.65 13.55 -45.31
N GLU D 95 14.75 14.51 -45.52
CA GLU D 95 15.18 15.91 -45.49
C GLU D 95 15.73 16.31 -44.12
N ARG D 96 15.47 15.50 -43.09
CA ARG D 96 15.93 15.82 -41.75
C ARG D 96 17.43 15.80 -41.58
N ILE D 97 18.21 15.39 -42.61
CA ILE D 97 19.60 15.05 -42.34
C ILE D 97 20.56 16.15 -42.79
N LEU D 98 21.64 16.26 -42.05
CA LEU D 98 22.48 17.44 -41.99
C LEU D 98 23.50 17.39 -43.11
N PRO D 99 24.35 18.40 -43.16
CA PRO D 99 25.71 18.17 -43.66
C PRO D 99 26.61 17.66 -42.54
N GLY D 100 27.48 16.72 -42.88
CA GLY D 100 28.46 16.19 -41.96
C GLY D 100 28.11 14.84 -41.36
N GLY D 101 26.82 14.50 -41.30
CA GLY D 101 26.39 13.25 -40.73
C GLY D 101 25.67 13.35 -39.41
N TYR D 102 24.95 14.43 -39.20
CA TYR D 102 24.15 14.58 -37.99
C TYR D 102 22.68 14.31 -38.33
N VAL D 103 21.77 14.54 -37.37
CA VAL D 103 20.33 14.56 -37.64
C VAL D 103 19.71 15.75 -36.92
N TYR D 104 18.55 16.19 -37.43
CA TYR D 104 17.96 17.49 -37.09
C TYR D 104 16.70 17.30 -36.25
N LEU D 105 16.82 17.44 -34.93
CA LEU D 105 15.65 17.50 -34.07
C LEU D 105 15.43 18.89 -33.49
N THR D 106 16.22 19.88 -33.89
CA THR D 106 15.87 21.28 -33.62
C THR D 106 14.45 21.59 -34.05
N ASP D 107 13.99 20.93 -35.12
CA ASP D 107 12.63 21.10 -35.61
C ASP D 107 11.60 20.72 -34.54
N ILE D 108 11.92 19.75 -33.70
CA ILE D 108 10.93 19.17 -32.81
C ILE D 108 11.07 19.60 -31.35
N LEU D 109 12.26 20.03 -30.91
CA LEU D 109 12.42 20.50 -29.54
C LEU D 109 11.91 21.91 -29.34
N GLY D 110 11.34 22.53 -30.37
CA GLY D 110 10.74 23.83 -30.22
C GLY D 110 9.23 23.76 -30.06
N LYS D 111 8.64 22.62 -30.39
CA LYS D 111 7.19 22.49 -30.33
C LYS D 111 6.71 22.30 -28.89
N PRO D 112 5.74 23.10 -28.41
CA PRO D 112 5.23 22.88 -27.05
C PRO D 112 4.53 21.54 -26.89
N SER D 113 3.74 21.13 -27.88
CA SER D 113 2.94 19.91 -27.78
C SER D 113 3.81 18.67 -27.67
N VAL D 114 5.00 18.70 -28.26
CA VAL D 114 5.88 17.53 -28.24
C VAL D 114 6.73 17.51 -26.99
N LEU D 115 7.22 18.66 -26.55
CA LEU D 115 8.06 18.71 -25.37
C LEU D 115 7.31 18.26 -24.13
N SER D 116 6.03 18.65 -24.02
CA SER D 116 5.24 18.32 -22.84
C SER D 116 5.16 16.81 -22.65
N LYS D 117 4.92 16.07 -23.74
CA LYS D 117 4.71 14.63 -23.62
C LYS D 117 6.02 13.85 -23.48
N VAL D 118 7.10 14.34 -24.10
CA VAL D 118 8.42 13.77 -23.81
C VAL D 118 8.75 13.98 -22.34
N GLY D 119 8.59 15.22 -21.86
CA GLY D 119 8.77 15.49 -20.45
C GLY D 119 7.88 14.63 -19.58
N LYS D 120 6.61 14.47 -19.97
CA LYS D 120 5.69 13.63 -19.20
C LYS D 120 6.14 12.17 -19.21
N LEU D 121 6.52 11.65 -20.39
CA LEU D 121 7.05 10.30 -20.46
C LEU D 121 8.22 10.11 -19.50
N PHE D 122 9.19 11.03 -19.53
CA PHE D 122 10.34 10.95 -18.62
C PHE D 122 9.88 10.95 -17.16
N ALA D 123 9.11 11.96 -16.78
CA ALA D 123 8.59 12.07 -15.42
C ALA D 123 7.80 10.84 -15.00
N SER D 124 7.12 10.17 -15.94
CA SER D 124 6.31 9.03 -15.52
C SER D 124 7.19 7.83 -15.19
N VAL D 125 8.19 7.56 -16.02
CA VAL D 125 9.12 6.46 -15.77
C VAL D 125 9.83 6.65 -14.43
N PHE D 126 10.33 7.86 -14.16
CA PHE D 126 11.11 8.16 -12.97
C PHE D 126 10.25 8.68 -11.80
N ALA D 127 8.93 8.56 -11.90
CA ALA D 127 8.03 9.11 -10.89
C ALA D 127 8.35 8.62 -9.47
N GLU D 128 8.76 7.36 -9.31
CA GLU D 128 8.86 6.81 -7.96
C GLU D 128 10.24 6.95 -7.35
N ARG D 129 11.21 7.48 -8.10
CA ARG D 129 12.57 7.58 -7.61
C ARG D 129 12.76 8.88 -6.85
N GLU D 130 13.60 8.83 -5.82
CA GLU D 130 14.01 10.04 -5.12
C GLU D 130 14.85 10.90 -6.06
N ILE D 131 14.38 12.12 -6.35
CA ILE D 131 15.00 13.02 -7.31
C ILE D 131 15.01 14.42 -6.71
N ASP D 132 16.18 15.03 -6.61
CA ASP D 132 16.25 16.40 -6.13
C ASP D 132 16.43 17.41 -7.26
N VAL D 133 17.01 17.01 -8.39
CA VAL D 133 17.36 17.94 -9.43
C VAL D 133 17.42 17.17 -10.73
N VAL D 134 16.99 17.82 -11.82
CA VAL D 134 17.25 17.36 -13.18
C VAL D 134 18.50 18.06 -13.71
N MET D 135 19.39 17.33 -14.39
CA MET D 135 20.63 17.90 -14.91
C MET D 135 20.81 17.57 -16.38
N THR D 136 21.29 18.56 -17.14
CA THR D 136 21.58 18.36 -18.57
C THR D 136 22.78 19.24 -18.96
N VAL D 137 23.24 19.02 -20.18
CA VAL D 137 24.33 19.79 -20.78
C VAL D 137 23.73 20.83 -21.71
N ALA D 138 24.29 22.01 -21.68
CA ALA D 138 23.97 22.97 -22.72
C ALA D 138 24.45 22.43 -24.07
N THR D 139 23.62 22.61 -25.11
CA THR D 139 22.38 23.38 -25.02
C THR D 139 21.07 22.66 -25.42
N LYS D 140 21.11 21.65 -26.31
CA LYS D 140 19.87 21.12 -26.86
C LYS D 140 19.12 20.23 -25.88
N GLY D 141 19.82 19.65 -24.91
CA GLY D 141 19.15 18.90 -23.86
C GLY D 141 18.30 19.76 -22.96
N ILE D 142 18.53 21.08 -22.96
CA ILE D 142 17.87 21.97 -21.99
C ILE D 142 16.35 21.92 -22.09
N PRO D 143 15.73 21.98 -23.27
CA PRO D 143 14.26 21.91 -23.33
C PRO D 143 13.70 20.62 -22.76
N LEU D 144 14.32 19.48 -23.09
CA LEU D 144 13.90 18.22 -22.51
C LEU D 144 14.02 18.26 -20.98
N ALA D 145 15.07 18.89 -20.47
CA ALA D 145 15.28 18.89 -19.03
C ALA D 145 14.23 19.74 -18.32
N TYR D 146 13.95 20.92 -18.87
CA TYR D 146 12.89 21.77 -18.32
C TYR D 146 11.53 21.07 -18.37
N ALA D 147 11.27 20.33 -19.44
CA ALA D 147 9.98 19.67 -19.60
C ALA D 147 9.79 18.55 -18.58
N ALA D 148 10.79 17.67 -18.43
CA ALA D 148 10.75 16.64 -17.40
C ALA D 148 10.66 17.24 -16.01
N ALA D 149 11.49 18.26 -15.74
CA ALA D 149 11.54 18.86 -14.40
C ALA D 149 10.22 19.47 -13.98
N SER D 150 9.41 19.91 -14.95
CA SER D 150 8.19 20.62 -14.64
C SER D 150 7.12 19.67 -14.13
N TYR D 151 7.08 18.45 -14.67
CA TYR D 151 6.22 17.41 -14.16
C TYR D 151 6.72 16.84 -12.84
N LEU D 152 8.04 16.82 -12.62
CA LEU D 152 8.56 16.26 -11.38
C LEU D 152 8.65 17.32 -10.31
N ASN D 153 8.54 18.59 -10.69
CA ASN D 153 8.67 19.72 -9.78
C ASN D 153 10.02 19.66 -9.06
N VAL D 154 11.08 19.64 -9.85
CA VAL D 154 12.43 19.77 -9.28
C VAL D 154 13.17 20.84 -10.07
N PRO D 155 14.23 21.41 -9.50
CA PRO D 155 15.04 22.38 -10.25
C PRO D 155 15.77 21.72 -11.41
N VAL D 156 16.06 22.53 -12.43
CA VAL D 156 16.94 22.17 -13.53
C VAL D 156 18.32 22.73 -13.26
N VAL D 157 19.35 21.97 -13.64
CA VAL D 157 20.74 22.39 -13.52
C VAL D 157 21.41 22.18 -14.87
N ILE D 158 22.10 23.21 -15.35
CA ILE D 158 22.73 23.20 -16.67
C ILE D 158 24.25 23.03 -16.50
N VAL D 159 24.79 21.96 -17.06
CA VAL D 159 26.23 21.76 -17.08
C VAL D 159 26.82 22.54 -18.25
N ARG D 160 27.81 23.39 -17.99
CA ARG D 160 28.41 24.24 -19.03
C ARG D 160 29.65 23.59 -19.61
N LYS D 161 29.66 23.78 -21.10
CA LYS D 161 30.90 23.36 -21.74
C LYS D 161 31.91 24.50 -21.84
N ASP D 162 31.51 25.70 -21.46
CA ASP D 162 32.46 26.74 -21.16
C ASP D 162 32.97 26.59 -19.73
N ASN D 163 33.98 27.40 -19.41
CA ASN D 163 34.20 27.88 -18.05
C ASN D 163 34.30 29.40 -18.09
N LYS D 164 34.14 29.98 -19.28
CA LYS D 164 33.79 31.38 -19.45
C LYS D 164 32.89 31.92 -18.36
N VAL D 165 31.87 31.16 -17.98
CA VAL D 165 30.64 31.74 -17.50
C VAL D 165 30.82 32.49 -16.18
N THR D 166 30.03 33.56 -16.02
CA THR D 166 30.10 34.44 -14.87
C THR D 166 28.89 34.15 -13.99
N GLU D 167 29.00 33.11 -13.15
CA GLU D 167 28.00 32.77 -12.15
C GLU D 167 28.64 32.16 -10.91
N GLY D 168 29.73 32.76 -10.45
CA GLY D 168 30.24 32.37 -9.16
C GLY D 168 31.18 31.19 -9.24
N SER D 169 31.53 30.71 -8.05
CA SER D 169 32.56 29.69 -7.93
C SER D 169 32.12 28.40 -8.60
N THR D 170 33.06 27.72 -9.26
CA THR D 170 32.73 26.66 -10.21
C THR D 170 33.62 25.44 -9.97
N VAL D 171 33.07 24.25 -10.24
CA VAL D 171 33.80 23.00 -10.25
C VAL D 171 33.76 22.44 -11.67
N SER D 172 34.91 21.97 -12.15
CA SER D 172 35.04 21.45 -13.51
C SER D 172 35.81 20.14 -13.51
N ILE D 173 35.61 19.36 -14.56
CA ILE D 173 36.37 18.14 -14.81
C ILE D 173 36.61 18.02 -16.31
N ASN D 174 37.42 17.05 -16.67
CA ASN D 174 37.71 16.76 -18.06
C ASN D 174 37.12 15.41 -18.44
N TYR D 175 36.82 15.25 -19.71
CA TYR D 175 36.21 14.01 -20.18
C TYR D 175 36.53 13.86 -21.65
N VAL D 176 36.39 12.63 -22.14
CA VAL D 176 36.58 12.31 -23.55
C VAL D 176 35.23 12.00 -24.19
N SER D 177 34.92 12.67 -25.29
CA SER D 177 33.70 12.42 -26.05
C SER D 177 34.01 11.85 -27.42
N ILE D 183 40.10 16.14 -25.51
CA ILE D 183 39.50 16.22 -24.20
C ILE D 183 38.72 17.51 -24.12
N GLN D 184 37.50 17.42 -23.58
CA GLN D 184 36.65 18.57 -23.35
C GLN D 184 36.54 18.81 -21.85
N THR D 185 35.87 19.90 -21.49
CA THR D 185 35.64 20.28 -20.11
C THR D 185 34.16 20.55 -19.88
N MET D 186 33.67 20.19 -18.70
CA MET D 186 32.33 20.59 -18.29
C MET D 186 32.40 21.11 -16.87
N SER D 187 31.56 22.10 -16.59
CA SER D 187 31.64 22.87 -15.38
C SER D 187 30.26 22.93 -14.73
N LEU D 188 30.26 23.25 -13.44
CA LEU D 188 28.99 23.48 -12.75
C LEU D 188 29.24 24.37 -11.55
N ALA D 189 28.36 25.35 -11.35
CA ALA D 189 28.47 26.24 -10.21
C ALA D 189 28.31 25.44 -8.91
N LYS D 190 29.14 25.77 -7.92
CA LYS D 190 29.09 25.04 -6.66
C LYS D 190 27.77 25.26 -5.94
N ARG D 191 27.22 26.47 -6.00
CA ARG D 191 25.96 26.79 -5.34
C ARG D 191 24.76 26.31 -6.12
N SER D 192 24.96 25.63 -7.25
CA SER D 192 23.89 25.16 -8.11
C SER D 192 23.29 23.83 -7.69
N MET D 193 23.88 23.16 -6.70
CA MET D 193 23.35 21.85 -6.30
C MET D 193 23.93 21.48 -4.95
N LYS D 194 23.07 21.10 -4.02
CA LYS D 194 23.52 20.74 -2.69
C LYS D 194 24.20 19.37 -2.69
N THR D 195 25.04 19.16 -1.67
CA THR D 195 25.76 17.91 -1.54
C THR D 195 24.81 16.77 -1.19
N GLY D 196 25.06 15.59 -1.77
CA GLY D 196 24.19 14.45 -1.57
C GLY D 196 22.93 14.45 -2.40
N SER D 197 22.84 15.30 -3.42
CA SER D 197 21.64 15.38 -4.25
C SER D 197 21.46 14.12 -5.09
N ASN D 198 20.20 13.77 -5.31
CA ASN D 198 19.81 12.72 -6.24
C ASN D 198 19.43 13.38 -7.55
N VAL D 199 20.06 12.97 -8.64
CA VAL D 199 20.06 13.71 -9.88
C VAL D 199 19.49 12.84 -10.97
N LEU D 200 18.53 13.38 -11.72
CA LEU D 200 18.08 12.75 -12.96
C LEU D 200 18.82 13.43 -14.10
N ILE D 201 19.53 12.64 -14.88
CA ILE D 201 20.27 13.16 -16.02
C ILE D 201 19.42 13.01 -17.26
N ILE D 202 19.24 14.11 -17.99
CA ILE D 202 18.51 14.11 -19.26
C ILE D 202 19.41 14.71 -20.32
N ASP D 203 19.48 14.06 -21.48
CA ASP D 203 20.13 14.62 -22.63
C ASP D 203 19.29 14.31 -23.86
N ASP D 204 19.58 15.01 -24.95
CA ASP D 204 18.80 14.83 -26.17
C ASP D 204 19.29 13.66 -27.01
N PHE D 205 20.58 13.39 -27.04
CA PHE D 205 21.11 12.38 -27.94
C PHE D 205 22.36 11.79 -27.32
N MET D 206 22.43 10.46 -27.31
CA MET D 206 23.55 9.74 -26.73
C MET D 206 24.24 8.94 -27.82
N LYS D 207 25.57 9.02 -27.87
CA LYS D 207 26.34 8.32 -28.88
C LYS D 207 27.23 7.32 -28.14
N ALA D 208 28.53 7.59 -28.00
CA ALA D 208 29.38 6.75 -27.18
C ALA D 208 29.00 6.81 -25.71
N GLY D 209 28.41 7.92 -25.26
CA GLY D 209 28.11 8.11 -23.87
C GLY D 209 29.19 8.79 -23.06
N GLY D 210 30.14 9.45 -23.72
CA GLY D 210 31.18 10.14 -22.99
C GLY D 210 30.69 11.38 -22.27
N THR D 211 29.78 12.12 -22.91
CA THR D 211 29.25 13.33 -22.30
C THR D 211 28.48 13.00 -21.02
N ILE D 212 27.55 12.06 -21.11
CA ILE D 212 26.82 11.64 -19.93
C ILE D 212 27.76 11.07 -18.87
N ASN D 213 28.80 10.35 -19.29
CA ASN D 213 29.77 9.82 -18.32
C ASN D 213 30.59 10.92 -17.69
N GLY D 214 30.92 11.96 -18.45
CA GLY D 214 31.49 13.15 -17.82
C GLY D 214 30.55 13.77 -16.82
N MET D 215 29.26 13.85 -17.16
CA MET D 215 28.27 14.36 -16.20
C MET D 215 28.28 13.55 -14.91
N ILE D 216 28.31 12.22 -15.03
CA ILE D 216 28.37 11.35 -13.84
C ILE D 216 29.62 11.62 -13.01
N ASN D 217 30.79 11.73 -13.66
CA ASN D 217 32.02 12.01 -12.92
C ASN D 217 31.97 13.37 -12.24
N LEU D 218 31.29 14.34 -12.84
CA LEU D 218 31.16 15.65 -12.21
C LEU D 218 30.27 15.60 -10.98
N LEU D 219 29.32 14.66 -10.93
CA LEU D 219 28.49 14.55 -9.75
C LEU D 219 29.28 14.02 -8.56
N ASP D 220 30.33 13.23 -8.81
CA ASP D 220 31.21 12.80 -7.72
C ASP D 220 31.80 13.99 -6.98
N GLU D 221 32.21 15.02 -7.70
CA GLU D 221 32.70 16.24 -7.06
C GLU D 221 31.67 16.86 -6.13
N PHE D 222 30.42 16.45 -6.20
CA PHE D 222 29.37 16.94 -5.32
C PHE D 222 28.87 15.88 -4.35
N ASN D 223 29.46 14.68 -4.37
CA ASN D 223 28.93 13.53 -3.63
C ASN D 223 27.46 13.31 -3.96
N ALA D 224 27.10 13.57 -5.21
CA ALA D 224 25.74 13.40 -5.68
C ALA D 224 25.57 12.04 -6.35
N ASN D 225 24.31 11.65 -6.53
CA ASN D 225 23.94 10.32 -6.99
C ASN D 225 23.12 10.39 -8.26
N VAL D 226 23.28 9.38 -9.11
CA VAL D 226 22.51 9.25 -10.34
C VAL D 226 21.19 8.56 -10.00
N ALA D 227 20.11 9.36 -9.91
CA ALA D 227 18.80 8.78 -9.69
C ALA D 227 18.30 8.02 -10.92
N GLY D 228 18.81 8.37 -12.09
CA GLY D 228 18.30 7.85 -13.35
C GLY D 228 18.85 8.66 -14.52
N ILE D 229 18.79 8.09 -15.73
CA ILE D 229 19.34 8.71 -16.92
C ILE D 229 18.35 8.47 -18.06
N GLY D 230 17.88 9.55 -18.66
CA GLY D 230 16.93 9.46 -19.75
C GLY D 230 17.42 10.28 -20.93
N VAL D 231 17.36 9.71 -22.13
CA VAL D 231 17.78 10.42 -23.33
C VAL D 231 16.74 10.19 -24.41
N LEU D 232 16.52 11.22 -25.23
CA LEU D 232 15.57 11.12 -26.34
C LEU D 232 15.96 10.01 -27.31
N VAL D 233 17.19 10.07 -27.84
CA VAL D 233 17.65 9.17 -28.88
C VAL D 233 19.01 8.60 -28.48
N GLU D 234 19.25 7.35 -28.84
CA GLU D 234 20.53 6.69 -28.63
C GLU D 234 20.99 6.07 -29.94
N ALA D 235 22.31 5.89 -30.07
CA ALA D 235 22.88 5.33 -31.29
C ALA D 235 23.35 3.90 -31.07
N ARG D 241 29.84 1.36 -24.86
CA ARG D 241 28.77 1.82 -23.99
C ARG D 241 29.26 1.93 -22.55
N LEU D 242 29.93 3.02 -22.23
CA LEU D 242 30.46 3.00 -20.88
C LEU D 242 29.45 3.40 -19.81
N VAL D 243 28.19 3.64 -20.17
CA VAL D 243 27.17 4.05 -19.21
C VAL D 243 26.52 2.82 -18.59
N ASP D 244 25.75 3.03 -17.52
CA ASP D 244 25.08 1.96 -16.79
C ASP D 244 23.63 1.80 -17.23
N GLU D 245 22.68 2.08 -16.33
CA GLU D 245 21.25 1.99 -16.63
C GLU D 245 20.75 3.34 -17.12
N TYR D 246 20.15 3.35 -18.29
CA TYR D 246 19.55 4.55 -18.86
C TYR D 246 18.22 4.18 -19.48
N MET D 247 17.49 5.21 -19.91
CA MET D 247 16.24 5.02 -20.63
C MET D 247 16.29 5.87 -21.88
N SER D 248 15.97 5.26 -23.02
CA SER D 248 15.91 5.94 -24.29
C SER D 248 14.53 5.76 -24.91
N LEU D 249 14.07 6.81 -25.61
CA LEU D 249 12.79 6.75 -26.30
C LEU D 249 12.94 6.21 -27.72
N LEU D 250 14.01 6.60 -28.41
CA LEU D 250 14.26 6.19 -29.78
C LEU D 250 15.69 5.70 -29.91
N THR D 251 15.91 4.83 -30.90
CA THR D 251 17.23 4.36 -31.30
C THR D 251 17.41 4.69 -32.77
N LEU D 252 18.56 5.30 -33.11
CA LEU D 252 18.84 5.68 -34.49
C LEU D 252 20.09 4.95 -34.98
N SER D 253 19.93 4.07 -35.96
CA SER D 253 21.06 3.47 -36.69
C SER D 253 21.81 4.55 -37.48
N THR D 254 23.15 4.50 -37.43
CA THR D 254 24.01 5.41 -38.17
C THR D 254 23.44 5.74 -39.56
N ILE D 255 23.47 7.20 -39.91
CA ILE D 255 22.99 7.65 -41.21
C ILE D 255 23.92 7.11 -42.28
N ASN D 256 23.39 6.26 -43.16
CA ASN D 256 24.14 5.89 -44.36
C ASN D 256 24.10 7.09 -45.28
N MET D 257 25.16 7.91 -45.21
CA MET D 257 25.20 9.19 -45.92
C MET D 257 25.09 9.01 -47.42
N LYS D 260 21.21 8.11 -48.38
CA LYS D 260 20.30 9.08 -47.75
C LYS D 260 19.12 8.36 -47.11
N SER D 261 19.34 7.70 -45.98
CA SER D 261 18.25 7.01 -45.31
C SER D 261 18.50 6.94 -43.82
N ILE D 262 17.56 7.49 -43.07
CA ILE D 262 17.52 7.44 -41.62
C ILE D 262 16.62 6.27 -41.26
N GLU D 263 17.10 5.34 -40.43
CA GLU D 263 16.24 4.26 -39.96
C GLU D 263 16.26 4.24 -38.43
N ILE D 264 15.09 4.39 -37.84
CA ILE D 264 14.91 4.61 -36.41
C ILE D 264 13.93 3.56 -35.90
N GLN D 265 14.19 3.04 -34.71
CA GLN D 265 13.24 2.14 -34.07
C GLN D 265 13.09 2.53 -32.61
N ASN D 266 12.29 1.76 -31.88
CA ASN D 266 12.04 2.03 -30.48
C ASN D 266 13.32 2.00 -29.66
N GLY D 267 13.31 2.72 -28.54
CA GLY D 267 14.33 2.59 -27.53
C GLY D 267 13.96 1.54 -26.50
N ASN D 268 14.65 1.59 -25.37
CA ASN D 268 14.46 0.62 -24.31
C ASN D 268 13.34 1.00 -23.34
N PHE D 269 12.52 1.99 -23.67
CA PHE D 269 11.57 2.52 -22.70
C PHE D 269 10.50 1.51 -22.29
N LEU D 270 10.25 0.49 -23.11
CA LEU D 270 9.24 -0.50 -22.79
C LEU D 270 9.56 -1.28 -21.51
N ARG D 271 10.84 -1.54 -21.23
CA ARG D 271 11.14 -2.26 -19.99
C ARG D 271 10.78 -1.45 -18.75
N PHE D 272 10.52 -0.15 -18.89
CA PHE D 272 10.13 0.71 -17.78
C PHE D 272 8.63 0.91 -17.68
N PHE D 273 7.83 0.40 -18.61
CA PHE D 273 6.39 0.60 -18.50
C PHE D 273 5.70 -0.60 -17.90
N LYS D 274 6.48 -1.59 -17.53
CA LYS D 274 6.24 -2.39 -16.36
C LYS D 274 5.95 -1.49 -15.15
N LYS E 2 21.95 5.95 -6.04
CA LYS E 2 20.95 4.89 -6.16
C LYS E 2 21.57 3.51 -5.92
N PHE E 3 21.39 2.59 -6.88
CA PHE E 3 21.84 1.21 -6.75
C PHE E 3 22.27 0.69 -8.12
N ARG E 4 23.58 0.60 -8.34
CA ARG E 4 24.07 -0.11 -9.52
C ARG E 4 23.96 -1.62 -9.31
N ARG E 5 24.10 -2.37 -10.41
CA ARG E 5 23.83 -3.80 -10.39
C ARG E 5 24.72 -4.51 -9.40
N SER E 6 25.93 -4.00 -9.19
CA SER E 6 26.87 -4.57 -8.25
C SER E 6 26.33 -4.54 -6.82
N GLY E 7 25.95 -3.36 -6.32
CA GLY E 7 25.45 -3.27 -4.97
C GLY E 7 24.09 -3.94 -4.81
N ARG E 8 23.36 -4.10 -5.91
CA ARG E 8 22.08 -4.78 -5.88
C ARG E 8 22.27 -6.25 -5.57
N LEU E 9 23.27 -6.88 -6.19
CA LEU E 9 23.58 -8.27 -5.88
C LEU E 9 24.01 -8.44 -4.43
N VAL E 10 24.78 -7.49 -3.90
CA VAL E 10 25.27 -7.60 -2.54
C VAL E 10 24.11 -7.46 -1.54
N ASP E 11 23.24 -6.46 -1.78
CA ASP E 11 22.10 -6.27 -0.91
C ASP E 11 21.09 -7.42 -1.06
N LEU E 12 20.82 -7.84 -2.29
CA LEU E 12 19.89 -8.95 -2.50
C LEU E 12 20.39 -10.21 -1.81
N THR E 13 21.69 -10.47 -1.90
CA THR E 13 22.24 -11.64 -1.25
C THR E 13 22.03 -11.57 0.25
N ASN E 14 22.28 -10.39 0.85
CA ASN E 14 22.12 -10.26 2.29
C ASN E 14 20.65 -10.35 2.70
N TYR E 15 19.76 -9.71 1.92
CA TYR E 15 18.34 -9.75 2.22
C TYR E 15 17.81 -11.18 2.17
N LEU E 16 18.18 -11.92 1.13
CA LEU E 16 17.68 -13.28 0.99
C LEU E 16 18.19 -14.17 2.11
N LEU E 17 19.48 -14.07 2.43
CA LEU E 17 20.05 -14.90 3.49
C LEU E 17 19.45 -14.57 4.85
N THR E 18 19.10 -13.32 5.09
CA THR E 18 18.51 -12.96 6.37
C THR E 18 16.99 -13.12 6.40
N HIS E 19 16.36 -13.53 5.31
CA HIS E 19 14.90 -13.77 5.27
C HIS E 19 14.59 -15.12 4.63
N PRO E 20 15.19 -16.21 5.12
CA PRO E 20 14.91 -17.50 4.50
C PRO E 20 13.44 -17.88 4.70
N HIS E 21 12.90 -18.62 3.74
CA HIS E 21 11.56 -19.21 3.79
C HIS E 21 10.43 -18.20 3.75
N GLU E 22 10.71 -16.93 3.48
CA GLU E 22 9.69 -15.93 3.21
C GLU E 22 9.55 -15.73 1.71
N LEU E 23 8.31 -15.57 1.25
CA LEU E 23 8.07 -15.26 -0.15
C LEU E 23 8.08 -13.75 -0.30
N ILE E 24 9.06 -13.24 -1.04
CA ILE E 24 9.30 -11.80 -1.17
C ILE E 24 8.83 -11.38 -2.56
N PRO E 25 7.89 -10.45 -2.67
CA PRO E 25 7.40 -10.06 -4.00
C PRO E 25 8.46 -9.30 -4.77
N LEU E 26 8.56 -9.60 -6.07
CA LEU E 26 9.56 -8.93 -6.91
C LEU E 26 9.44 -7.42 -6.82
N THR E 27 8.23 -6.88 -6.71
CA THR E 27 8.03 -5.44 -6.65
C THR E 27 8.52 -4.84 -5.35
N PHE E 28 8.63 -5.63 -4.28
CA PHE E 28 9.33 -5.14 -3.09
C PHE E 28 10.78 -4.80 -3.44
N PHE E 29 11.41 -5.61 -4.28
CA PHE E 29 12.81 -5.38 -4.63
C PHE E 29 12.95 -4.30 -5.69
N SER E 30 12.05 -4.29 -6.69
CA SER E 30 12.12 -3.27 -7.74
C SER E 30 11.98 -1.86 -7.14
N GLU E 31 11.15 -1.71 -6.12
CA GLU E 31 11.06 -0.39 -5.50
C GLU E 31 12.26 -0.10 -4.61
N ARG E 32 12.77 -1.11 -3.90
CA ARG E 32 13.90 -0.90 -2.99
C ARG E 32 15.15 -0.46 -3.74
N TYR E 33 15.35 -0.99 -4.94
CA TYR E 33 16.49 -0.68 -5.81
C TYR E 33 16.15 0.30 -6.92
N GLU E 34 14.90 0.79 -7.02
CA GLU E 34 14.49 1.74 -8.06
C GLU E 34 14.88 1.23 -9.45
N SER E 35 14.67 -0.07 -9.66
CA SER E 35 15.03 -0.71 -10.91
C SER E 35 13.83 -1.48 -11.44
N ALA E 36 13.93 -1.88 -12.69
CA ALA E 36 12.85 -2.63 -13.30
C ALA E 36 12.85 -4.06 -12.76
N LYS E 37 11.65 -4.63 -12.61
CA LYS E 37 11.56 -6.04 -12.21
C LYS E 37 12.37 -6.93 -13.14
N SER E 38 12.52 -6.54 -14.41
CA SER E 38 13.29 -7.32 -15.35
C SER E 38 14.76 -7.42 -14.95
N SER E 39 15.33 -6.33 -14.42
CA SER E 39 16.70 -6.40 -13.91
C SER E 39 16.77 -7.23 -12.64
N ILE E 40 15.79 -7.07 -11.75
CA ILE E 40 15.74 -7.87 -10.53
C ILE E 40 15.70 -9.36 -10.86
N SER E 41 14.88 -9.74 -11.86
CA SER E 41 14.70 -11.15 -12.18
C SER E 41 16.02 -11.80 -12.59
N GLU E 42 16.81 -11.13 -13.44
CA GLU E 42 18.06 -11.76 -13.88
C GLU E 42 19.11 -11.71 -12.77
N ASP E 43 19.12 -10.63 -11.99
CA ASP E 43 19.97 -10.60 -10.81
C ASP E 43 19.65 -11.74 -9.85
N LEU E 44 18.37 -12.12 -9.75
CA LEU E 44 18.00 -13.28 -8.95
C LEU E 44 18.49 -14.59 -9.59
N THR E 45 18.64 -14.61 -10.92
CA THR E 45 19.13 -15.81 -11.58
C THR E 45 20.64 -15.98 -11.37
N ILE E 46 21.37 -14.88 -11.25
CA ILE E 46 22.76 -14.96 -10.86
C ILE E 46 22.86 -15.52 -9.44
N ILE E 47 21.99 -15.05 -8.55
CA ILE E 47 22.02 -15.51 -7.18
C ILE E 47 21.60 -16.96 -7.10
N LYS E 48 20.59 -17.34 -7.88
CA LYS E 48 20.10 -18.71 -7.81
C LYS E 48 21.20 -19.69 -8.20
N GLN E 49 21.93 -19.39 -9.28
CA GLN E 49 22.94 -20.33 -9.77
C GLN E 49 24.15 -20.38 -8.84
N THR E 50 24.56 -19.23 -8.29
CA THR E 50 25.65 -19.24 -7.33
C THR E 50 25.28 -20.00 -6.06
N PHE E 51 24.07 -19.77 -5.52
CA PHE E 51 23.65 -20.47 -4.29
C PHE E 51 23.65 -21.98 -4.51
N GLU E 52 23.14 -22.43 -5.66
CA GLU E 52 23.00 -23.86 -5.91
C GLU E 52 24.35 -24.49 -6.19
N GLN E 53 25.21 -23.79 -6.93
CA GLN E 53 26.53 -24.33 -7.22
C GLN E 53 27.39 -24.39 -5.97
N GLN E 54 27.26 -23.41 -5.09
CA GLN E 54 28.07 -23.36 -3.88
C GLN E 54 27.43 -24.05 -2.69
N GLY E 55 26.26 -24.66 -2.86
CA GLY E 55 25.63 -25.36 -1.75
C GLY E 55 25.05 -24.49 -0.67
N ILE E 56 24.69 -23.24 -1.00
CA ILE E 56 24.07 -22.35 -0.03
C ILE E 56 22.59 -22.66 0.10
N GLY E 57 21.92 -22.91 -1.01
CA GLY E 57 20.51 -23.24 -0.97
C GLY E 57 19.87 -23.02 -2.33
N THR E 58 18.55 -23.08 -2.32
CA THR E 58 17.75 -22.96 -3.52
C THR E 58 16.96 -21.66 -3.49
N LEU E 59 16.95 -20.97 -4.62
CA LEU E 59 16.06 -19.85 -4.86
C LEU E 59 14.86 -20.38 -5.63
N LEU E 60 13.68 -20.24 -5.07
CA LEU E 60 12.46 -20.71 -5.72
C LEU E 60 11.66 -19.50 -6.18
N THR E 61 11.40 -19.44 -7.48
CA THR E 61 10.57 -18.40 -8.06
C THR E 61 9.16 -18.96 -8.21
N VAL E 62 8.18 -18.35 -7.54
CA VAL E 62 6.78 -18.70 -7.73
C VAL E 62 6.16 -17.65 -8.65
N PRO E 63 5.60 -18.03 -9.79
CA PRO E 63 5.02 -17.04 -10.70
C PRO E 63 3.66 -16.55 -10.21
N GLY E 64 3.22 -15.46 -10.81
CA GLY E 64 1.92 -14.88 -10.52
C GLY E 64 2.04 -13.53 -9.84
N ALA E 65 0.89 -12.84 -9.78
CA ALA E 65 0.82 -11.53 -9.15
C ALA E 65 0.98 -11.62 -7.65
N ALA E 66 0.56 -12.73 -7.04
CA ALA E 66 0.77 -12.98 -5.62
C ALA E 66 2.03 -13.81 -5.37
N GLY E 67 2.99 -13.78 -6.28
CA GLY E 67 4.19 -14.58 -6.21
C GLY E 67 5.38 -13.83 -5.67
N GLY E 68 6.56 -14.25 -6.09
CA GLY E 68 7.81 -13.68 -5.62
C GLY E 68 8.89 -14.74 -5.61
N VAL E 69 9.91 -14.49 -4.80
CA VAL E 69 11.01 -15.44 -4.63
C VAL E 69 11.06 -15.88 -3.19
N LYS E 70 11.51 -17.12 -2.98
CA LYS E 70 11.76 -17.65 -1.65
C LYS E 70 13.16 -18.24 -1.62
N TYR E 71 13.93 -17.90 -0.60
CA TYR E 71 15.22 -18.52 -0.40
C TYR E 71 15.07 -19.67 0.60
N ILE E 72 15.35 -20.89 0.15
CA ILE E 72 15.31 -22.11 0.95
C ILE E 72 16.75 -22.54 1.22
N PRO E 73 17.21 -22.48 2.48
CA PRO E 73 18.53 -23.06 2.81
C PRO E 73 18.55 -24.55 2.53
N LYS E 74 19.65 -25.01 1.91
CA LYS E 74 19.81 -26.40 1.55
C LYS E 74 21.28 -26.76 1.68
N MET E 75 21.54 -27.95 2.20
CA MET E 75 22.89 -28.47 2.37
C MET E 75 23.06 -29.65 1.43
N LYS E 76 24.13 -29.64 0.65
CA LYS E 76 24.40 -30.76 -0.24
C LYS E 76 24.85 -31.98 0.56
N GLN E 77 24.47 -33.16 0.06
CA GLN E 77 24.78 -34.40 0.77
C GLN E 77 26.27 -34.56 0.99
N ALA E 78 27.10 -34.09 0.05
CA ALA E 78 28.54 -34.24 0.20
C ALA E 78 29.05 -33.40 1.37
N GLU E 79 28.45 -32.22 1.58
CA GLU E 79 28.84 -31.41 2.74
C GLU E 79 28.36 -32.04 4.03
N ALA E 80 27.21 -32.71 4.01
CA ALA E 80 26.67 -33.31 5.23
C ALA E 80 27.51 -34.51 5.66
N GLU E 81 27.83 -35.41 4.73
CA GLU E 81 28.67 -36.56 5.07
C GLU E 81 30.03 -36.12 5.61
N GLU E 82 30.61 -35.09 5.02
CA GLU E 82 31.91 -34.63 5.51
C GLU E 82 31.78 -33.95 6.87
N PHE E 83 30.78 -33.10 7.04
CA PHE E 83 30.64 -32.41 8.32
C PHE E 83 30.32 -33.38 9.44
N VAL E 84 29.56 -34.42 9.15
CA VAL E 84 29.14 -35.34 10.20
C VAL E 84 30.29 -36.26 10.61
N GLN E 85 31.15 -36.63 9.66
CA GLN E 85 32.30 -37.45 10.02
C GLN E 85 33.32 -36.62 10.80
N THR E 86 33.50 -35.36 10.41
CA THR E 86 34.43 -34.50 11.15
C THR E 86 33.91 -34.20 12.54
N LEU E 87 32.58 -34.12 12.69
CA LEU E 87 32.00 -33.99 14.02
C LEU E 87 31.93 -35.34 14.73
N GLY E 88 31.71 -36.42 13.97
CA GLY E 88 31.75 -37.75 14.56
C GLY E 88 33.11 -38.09 15.12
N GLN E 89 34.18 -37.77 14.39
CA GLN E 89 35.51 -38.01 14.93
C GLN E 89 35.82 -37.10 16.11
N SER E 90 35.29 -35.88 16.11
CA SER E 90 35.52 -34.97 17.22
C SER E 90 34.91 -35.49 18.51
N LEU E 91 33.74 -36.14 18.40
CA LEU E 91 33.07 -36.69 19.57
C LEU E 91 33.70 -37.97 20.07
N ALA E 92 34.61 -38.57 19.31
CA ALA E 92 35.22 -39.85 19.67
C ALA E 92 36.28 -39.72 20.75
N ASN E 93 36.67 -38.51 21.11
CA ASN E 93 37.72 -38.27 22.11
C ASN E 93 37.35 -38.86 23.46
N PRO E 94 38.11 -39.85 23.97
CA PRO E 94 37.74 -40.47 25.26
C PRO E 94 37.73 -39.53 26.45
N GLU E 95 38.21 -38.29 26.32
CA GLU E 95 38.09 -37.36 27.44
C GLU E 95 36.65 -36.99 27.73
N ARG E 96 35.75 -37.22 26.78
CA ARG E 96 34.38 -36.75 26.93
C ARG E 96 33.48 -37.70 27.71
N ILE E 97 33.96 -38.88 28.10
CA ILE E 97 33.11 -39.82 28.84
C ILE E 97 32.95 -39.33 30.27
N LEU E 98 31.72 -39.10 30.66
CA LEU E 98 31.36 -38.68 31.99
C LEU E 98 30.81 -39.85 32.78
N PRO E 99 30.77 -39.76 34.11
CA PRO E 99 30.21 -40.86 34.92
C PRO E 99 28.75 -41.11 34.58
N GLY E 100 28.41 -42.39 34.49
CA GLY E 100 27.06 -42.81 34.17
C GLY E 100 26.80 -43.08 32.71
N GLY E 101 27.85 -43.10 31.87
CA GLY E 101 27.65 -43.32 30.45
C GLY E 101 27.22 -42.09 29.68
N TYR E 102 27.72 -40.91 30.06
CA TYR E 102 27.41 -39.66 29.39
C TYR E 102 28.65 -39.15 28.68
N VAL E 103 28.43 -38.39 27.61
CA VAL E 103 29.53 -37.81 26.82
C VAL E 103 29.35 -36.30 26.78
N TYR E 104 30.46 -35.58 26.96
CA TYR E 104 30.48 -34.12 27.07
C TYR E 104 30.34 -33.49 25.69
N LEU E 105 29.12 -33.05 25.36
CA LEU E 105 28.84 -32.31 24.13
C LEU E 105 28.79 -30.81 24.35
N THR E 106 28.95 -30.35 25.60
CA THR E 106 28.62 -28.99 25.96
C THR E 106 29.43 -27.96 25.17
N ASP E 107 30.67 -28.29 24.83
CA ASP E 107 31.51 -27.33 24.11
C ASP E 107 31.04 -27.16 22.68
N ILE E 108 30.70 -28.26 22.00
CA ILE E 108 30.28 -28.18 20.60
C ILE E 108 28.89 -27.59 20.50
N LEU E 109 27.99 -27.97 21.42
CA LEU E 109 26.68 -27.36 21.54
C LEU E 109 26.73 -25.86 21.75
N GLY E 110 27.92 -25.30 21.97
CA GLY E 110 28.08 -23.87 22.18
C GLY E 110 28.92 -23.18 21.12
N LYS E 111 29.42 -23.94 20.16
CA LYS E 111 30.22 -23.34 19.10
C LYS E 111 29.32 -22.79 18.00
N PRO E 112 29.47 -21.52 17.62
CA PRO E 112 28.54 -20.96 16.62
C PRO E 112 28.68 -21.60 15.25
N SER E 113 29.92 -21.90 14.83
CA SER E 113 30.13 -22.49 13.51
C SER E 113 29.37 -23.80 13.36
N VAL E 114 29.46 -24.67 14.37
CA VAL E 114 28.88 -26.00 14.25
C VAL E 114 27.36 -25.94 14.40
N LEU E 115 26.87 -25.07 15.28
CA LEU E 115 25.42 -24.93 15.46
C LEU E 115 24.75 -24.50 14.18
N SER E 116 25.36 -23.56 13.45
CA SER E 116 24.78 -23.15 12.17
C SER E 116 24.77 -24.30 11.17
N LYS E 117 25.85 -25.09 11.15
CA LYS E 117 25.89 -26.23 10.22
C LYS E 117 24.85 -27.28 10.60
N VAL E 118 24.82 -27.65 11.88
CA VAL E 118 23.85 -28.64 12.35
C VAL E 118 22.43 -28.12 12.12
N GLY E 119 22.19 -26.84 12.42
CA GLY E 119 20.87 -26.29 12.18
C GLY E 119 20.49 -26.27 10.71
N LYS E 120 21.45 -25.89 9.85
CA LYS E 120 21.20 -25.91 8.42
C LYS E 120 20.89 -27.32 7.93
N LEU E 121 21.62 -28.32 8.44
CA LEU E 121 21.32 -29.71 8.07
C LEU E 121 19.87 -30.05 8.39
N PHE E 122 19.44 -29.81 9.63
CA PHE E 122 18.05 -30.08 10.00
C PHE E 122 17.10 -29.29 9.10
N ALA E 123 17.39 -28.00 8.92
CA ALA E 123 16.57 -27.16 8.06
C ALA E 123 16.53 -27.66 6.63
N SER E 124 17.61 -28.29 6.16
CA SER E 124 17.64 -28.77 4.78
C SER E 124 16.74 -29.99 4.61
N VAL E 125 16.89 -30.99 5.49
CA VAL E 125 16.10 -32.22 5.34
C VAL E 125 14.61 -31.98 5.61
N PHE E 126 14.25 -31.08 6.52
CA PHE E 126 12.86 -30.79 6.78
C PHE E 126 12.38 -29.53 6.08
N ALA E 127 13.08 -29.16 5.00
CA ALA E 127 12.81 -27.89 4.31
C ALA E 127 11.40 -27.84 3.74
N GLU E 128 10.93 -28.94 3.18
CA GLU E 128 9.69 -28.95 2.41
C GLU E 128 8.48 -29.43 3.22
N ARG E 129 8.65 -29.74 4.50
CA ARG E 129 7.52 -30.10 5.35
C ARG E 129 6.91 -28.85 5.96
N GLU E 130 5.59 -28.83 6.05
CA GLU E 130 4.91 -27.71 6.71
C GLU E 130 5.29 -27.68 8.17
N ILE E 131 5.91 -26.59 8.60
CA ILE E 131 6.43 -26.44 9.95
C ILE E 131 5.98 -25.10 10.48
N ASP E 132 5.14 -25.12 11.51
CA ASP E 132 4.77 -23.92 12.23
C ASP E 132 5.74 -23.56 13.35
N VAL E 133 6.45 -24.53 13.93
CA VAL E 133 7.17 -24.27 15.17
C VAL E 133 8.24 -25.34 15.38
N VAL E 134 9.35 -24.95 15.99
CA VAL E 134 10.34 -25.92 16.45
C VAL E 134 10.20 -26.07 17.95
N MET E 135 10.43 -27.26 18.48
CA MET E 135 10.28 -27.47 19.90
C MET E 135 11.43 -28.29 20.46
N THR E 136 11.89 -27.93 21.66
CA THR E 136 12.88 -28.72 22.37
C THR E 136 12.59 -28.62 23.87
N VAL E 137 13.42 -29.26 24.68
CA VAL E 137 13.37 -29.17 26.14
C VAL E 137 14.63 -28.51 26.65
N ALA E 138 14.49 -27.66 27.66
CA ALA E 138 15.64 -27.08 28.33
C ALA E 138 16.53 -28.21 28.86
N THR E 139 17.86 -28.03 28.75
CA THR E 139 18.48 -26.78 28.34
C THR E 139 19.37 -26.91 27.10
N LYS E 140 20.01 -28.06 26.93
CA LYS E 140 21.08 -28.19 25.95
C LYS E 140 20.55 -28.25 24.52
N GLY E 141 19.32 -28.73 24.33
CA GLY E 141 18.71 -28.72 23.01
C GLY E 141 18.40 -27.33 22.50
N ILE E 142 18.33 -26.35 23.40
CA ILE E 142 17.91 -25.00 23.03
C ILE E 142 18.76 -24.40 21.90
N PRO E 143 20.10 -24.43 21.96
CA PRO E 143 20.90 -23.90 20.85
C PRO E 143 20.56 -24.52 19.51
N LEU E 144 20.37 -25.84 19.48
CA LEU E 144 20.03 -26.52 18.24
C LEU E 144 18.66 -26.07 17.72
N ALA E 145 17.69 -25.97 18.62
CA ALA E 145 16.34 -25.60 18.19
C ALA E 145 16.31 -24.22 17.54
N TYR E 146 17.03 -23.26 18.12
CA TYR E 146 17.06 -21.91 17.55
C TYR E 146 17.87 -21.87 16.24
N ALA E 147 18.97 -22.63 16.18
CA ALA E 147 19.70 -22.76 14.92
C ALA E 147 18.80 -23.30 13.81
N ALA E 148 18.07 -24.39 14.07
CA ALA E 148 17.22 -24.94 13.03
C ALA E 148 16.08 -23.98 12.70
N ALA E 149 15.51 -23.36 13.74
CA ALA E 149 14.38 -22.48 13.54
C ALA E 149 14.77 -21.20 12.80
N SER E 150 16.02 -20.77 12.96
CA SER E 150 16.45 -19.55 12.27
C SER E 150 16.45 -19.77 10.75
N TYR E 151 17.00 -20.90 10.31
CA TYR E 151 16.95 -21.22 8.88
C TYR E 151 15.54 -21.48 8.40
N LEU E 152 14.68 -22.01 9.29
CA LEU E 152 13.32 -22.33 8.86
C LEU E 152 12.37 -21.16 9.04
N ASN E 153 12.80 -20.09 9.73
CA ASN E 153 11.94 -18.95 10.04
C ASN E 153 10.63 -19.39 10.72
N VAL E 154 10.78 -19.98 11.91
CA VAL E 154 9.61 -20.30 12.74
C VAL E 154 9.92 -19.97 14.19
N PRO E 155 8.89 -19.74 15.00
CA PRO E 155 9.12 -19.59 16.45
C PRO E 155 9.69 -20.86 17.06
N VAL E 156 10.32 -20.70 18.22
CA VAL E 156 10.76 -21.83 19.04
C VAL E 156 9.87 -21.96 20.27
N VAL E 157 9.49 -23.18 20.61
CA VAL E 157 8.74 -23.51 21.83
C VAL E 157 9.58 -24.45 22.68
N ILE E 158 9.78 -24.09 23.93
CA ILE E 158 10.67 -24.84 24.82
C ILE E 158 9.83 -25.55 25.86
N VAL E 159 9.81 -26.89 25.80
CA VAL E 159 9.21 -27.69 26.85
C VAL E 159 10.11 -27.67 28.08
N ARG E 160 9.51 -27.54 29.25
CA ARG E 160 10.24 -27.51 30.50
C ARG E 160 9.96 -28.79 31.27
N LYS E 161 10.97 -29.32 31.94
CA LYS E 161 10.70 -30.47 32.80
C LYS E 161 10.42 -30.05 34.23
N ASP E 162 10.36 -28.74 34.50
CA ASP E 162 9.93 -28.23 35.78
C ASP E 162 8.55 -27.60 35.64
N ASN E 163 7.63 -28.04 36.48
CA ASN E 163 6.42 -27.30 36.80
C ASN E 163 6.75 -26.10 37.68
N LYS E 164 8.04 -25.79 37.82
CA LYS E 164 8.49 -24.61 38.55
C LYS E 164 7.82 -23.33 38.13
N VAL E 165 7.48 -23.15 36.86
CA VAL E 165 7.72 -21.85 36.27
C VAL E 165 6.44 -21.04 36.11
N THR E 166 6.62 -19.75 35.93
CA THR E 166 5.63 -18.69 35.96
C THR E 166 5.30 -18.35 34.49
N GLU E 167 4.31 -19.06 33.93
CA GLU E 167 4.01 -18.85 32.52
C GLU E 167 2.54 -19.11 32.18
N GLY E 168 1.66 -18.90 33.17
CA GLY E 168 0.25 -19.13 32.97
C GLY E 168 -0.05 -20.62 33.05
N SER E 169 -1.27 -20.97 32.63
CA SER E 169 -1.72 -22.36 32.71
C SER E 169 -0.84 -23.27 31.87
N THR E 170 -0.70 -24.50 32.34
CA THR E 170 0.25 -25.45 31.79
C THR E 170 -0.39 -26.82 31.61
N VAL E 171 0.06 -27.51 30.57
CA VAL E 171 -0.27 -28.91 30.31
C VAL E 171 0.97 -29.73 30.55
N SER E 172 0.87 -30.71 31.43
CA SER E 172 1.99 -31.56 31.79
C SER E 172 1.70 -33.01 31.43
N ILE E 173 2.71 -33.83 31.60
CA ILE E 173 2.61 -35.26 31.30
C ILE E 173 3.75 -35.99 31.97
N ASN E 174 3.51 -37.21 32.41
CA ASN E 174 4.49 -38.01 33.13
C ASN E 174 5.19 -38.94 32.15
N TYR E 175 6.50 -38.76 32.02
CA TYR E 175 7.39 -39.62 31.24
C TYR E 175 8.50 -40.09 32.16
N VAL E 176 9.02 -41.30 31.89
CA VAL E 176 10.16 -41.83 32.62
C VAL E 176 11.19 -42.33 31.62
N SER E 177 12.45 -42.11 31.94
CA SER E 177 13.54 -42.42 31.05
C SER E 177 14.82 -42.39 31.86
N ARG E 182 12.67 -43.31 37.54
CA ARG E 182 11.72 -42.56 38.35
C ARG E 182 10.77 -41.85 37.39
N ILE E 183 9.65 -41.33 37.90
CA ILE E 183 8.72 -40.58 37.04
C ILE E 183 9.17 -39.12 36.94
N GLN E 184 9.33 -38.63 35.73
CA GLN E 184 9.76 -37.26 35.47
C GLN E 184 8.59 -36.48 34.88
N THR E 185 8.58 -35.17 35.12
CA THR E 185 7.53 -34.29 34.66
C THR E 185 8.06 -33.40 33.54
N MET E 186 7.27 -33.23 32.48
CA MET E 186 7.59 -32.23 31.46
C MET E 186 6.34 -31.42 31.13
N SER E 187 6.53 -30.11 31.01
CA SER E 187 5.44 -29.15 31.04
C SER E 187 5.53 -28.22 29.83
N LEU E 188 4.45 -27.47 29.63
CA LEU E 188 4.43 -26.38 28.66
C LEU E 188 3.13 -25.60 28.74
N ALA E 189 3.24 -24.28 28.89
CA ALA E 189 2.04 -23.45 29.00
C ALA E 189 1.16 -23.66 27.78
N LYS E 190 -0.15 -23.53 27.98
CA LYS E 190 -1.03 -23.60 26.84
C LYS E 190 -1.05 -22.31 26.04
N ARG E 191 -0.57 -21.21 26.63
CA ARG E 191 -0.39 -19.97 25.88
C ARG E 191 0.69 -20.09 24.82
N SER E 192 1.53 -21.10 24.94
CA SER E 192 2.80 -21.19 24.22
C SER E 192 2.70 -21.81 22.85
N MET E 193 1.63 -22.53 22.55
CA MET E 193 1.51 -23.16 21.24
C MET E 193 0.07 -23.16 20.76
N LYS E 194 -0.09 -22.87 19.46
CA LYS E 194 -1.38 -22.94 18.81
C LYS E 194 -1.78 -24.39 18.54
N THR E 195 -3.09 -24.62 18.51
CA THR E 195 -3.61 -25.95 18.22
C THR E 195 -3.41 -26.31 16.75
N GLY E 196 -3.28 -27.61 16.48
CA GLY E 196 -3.08 -28.07 15.13
C GLY E 196 -1.76 -27.71 14.51
N SER E 197 -0.85 -27.09 15.25
CA SER E 197 0.45 -26.72 14.70
C SER E 197 1.23 -27.97 14.31
N ASN E 198 2.08 -27.81 13.31
CA ASN E 198 2.95 -28.86 12.84
C ASN E 198 4.32 -28.60 13.44
N VAL E 199 4.72 -29.45 14.35
CA VAL E 199 5.86 -29.22 15.19
C VAL E 199 7.02 -30.04 14.66
N LEU E 200 8.19 -29.40 14.57
CA LEU E 200 9.43 -30.12 14.39
C LEU E 200 10.11 -30.24 15.75
N ILE E 201 10.43 -31.46 16.17
CA ILE E 201 11.08 -31.70 17.45
C ILE E 201 12.58 -31.84 17.22
N ILE E 202 13.37 -31.09 17.99
CA ILE E 202 14.82 -31.14 17.95
C ILE E 202 15.34 -31.36 19.37
N ASP E 203 16.29 -32.27 19.52
CA ASP E 203 16.97 -32.42 20.80
C ASP E 203 18.39 -32.95 20.58
N ASP E 204 19.23 -32.78 21.60
CA ASP E 204 20.65 -33.08 21.45
C ASP E 204 20.91 -34.57 21.36
N PHE E 205 20.49 -35.33 22.36
CA PHE E 205 20.98 -36.70 22.56
C PHE E 205 19.82 -37.56 23.02
N MET E 206 19.24 -38.31 22.09
CA MET E 206 18.12 -39.20 22.37
C MET E 206 18.67 -40.56 22.78
N LYS E 207 18.57 -40.88 24.07
CA LYS E 207 19.07 -42.17 24.55
C LYS E 207 17.91 -43.16 24.67
N ALA E 208 17.15 -43.09 25.76
CA ALA E 208 16.08 -44.05 25.89
C ALA E 208 14.88 -43.65 25.03
N GLY E 209 14.81 -42.39 24.61
CA GLY E 209 13.69 -41.91 23.83
C GLY E 209 12.46 -41.55 24.64
N GLY E 210 12.41 -41.95 25.91
CA GLY E 210 11.29 -41.64 26.77
C GLY E 210 11.09 -40.16 27.01
N THR E 211 12.07 -39.32 26.68
CA THR E 211 11.88 -37.87 26.77
C THR E 211 11.31 -37.29 25.49
N ILE E 212 11.70 -37.81 24.33
CA ILE E 212 11.07 -37.39 23.08
C ILE E 212 9.68 -38.00 22.95
N ASN E 213 9.52 -39.24 23.43
CA ASN E 213 8.18 -39.83 23.43
C ASN E 213 7.24 -39.10 24.37
N GLY E 214 7.77 -38.41 25.38
CA GLY E 214 6.93 -37.58 26.21
C GLY E 214 6.44 -36.35 25.47
N MET E 215 7.33 -35.71 24.69
CA MET E 215 6.93 -34.56 23.90
C MET E 215 5.83 -34.91 22.91
N ILE E 216 5.93 -36.09 22.27
CA ILE E 216 4.90 -36.52 21.34
C ILE E 216 3.55 -36.61 22.06
N ASN E 217 3.54 -37.28 23.21
CA ASN E 217 2.30 -37.41 23.97
C ASN E 217 1.86 -36.06 24.53
N LEU E 218 2.82 -35.20 24.88
CA LEU E 218 2.47 -33.84 25.25
C LEU E 218 1.89 -33.07 24.07
N LEU E 219 2.32 -33.40 22.84
CA LEU E 219 1.90 -32.62 21.69
C LEU E 219 0.40 -32.79 21.40
N ASP E 220 -0.10 -34.02 21.42
CA ASP E 220 -1.50 -34.19 21.06
C ASP E 220 -2.45 -33.76 22.18
N GLU E 221 -1.94 -33.39 23.36
CA GLU E 221 -2.75 -32.62 24.29
C GLU E 221 -3.00 -31.22 23.77
N PHE E 222 -2.22 -30.78 22.79
CA PHE E 222 -2.52 -29.58 22.03
C PHE E 222 -3.15 -29.89 20.69
N ASN E 223 -3.38 -31.16 20.39
CA ASN E 223 -3.81 -31.60 19.06
C ASN E 223 -2.88 -31.05 17.98
N ALA E 224 -1.60 -30.95 18.32
CA ALA E 224 -0.54 -30.61 17.38
C ALA E 224 -0.04 -31.87 16.67
N ASN E 225 0.67 -31.67 15.57
CA ASN E 225 1.22 -32.77 14.79
C ASN E 225 2.75 -32.74 14.81
N VAL E 226 3.36 -33.91 14.90
CA VAL E 226 4.82 -34.02 14.82
C VAL E 226 5.19 -33.98 13.35
N ALA E 227 5.77 -32.86 12.91
CA ALA E 227 6.19 -32.71 11.53
C ALA E 227 7.54 -33.34 11.26
N GLY E 228 8.19 -33.90 12.27
CA GLY E 228 9.47 -34.55 12.11
C GLY E 228 10.27 -34.40 13.38
N ILE E 229 11.26 -35.29 13.53
CA ILE E 229 12.11 -35.33 14.71
C ILE E 229 13.56 -35.35 14.25
N GLY E 230 14.36 -34.42 14.78
CA GLY E 230 15.78 -34.40 14.51
C GLY E 230 16.58 -34.45 15.80
N VAL E 231 17.45 -35.44 15.92
CA VAL E 231 18.37 -35.53 17.04
C VAL E 231 19.79 -35.50 16.49
N LEU E 232 20.72 -34.92 17.26
CA LEU E 232 22.09 -34.88 16.82
C LEU E 232 22.77 -36.24 17.00
N VAL E 233 22.59 -36.85 18.17
CA VAL E 233 23.17 -38.17 18.42
C VAL E 233 22.10 -39.05 19.05
N GLU E 234 21.84 -40.20 18.43
CA GLU E 234 21.04 -41.24 19.03
C GLU E 234 21.95 -42.24 19.72
N ALA E 235 21.49 -42.75 20.86
CA ALA E 235 22.25 -43.76 21.58
C ALA E 235 21.73 -45.14 21.23
N GLU E 245 8.93 -41.80 13.04
CA GLU E 245 10.20 -41.65 12.33
C GLU E 245 11.02 -40.49 12.89
N TYR E 246 12.34 -40.63 12.86
CA TYR E 246 13.22 -39.58 13.31
C TYR E 246 14.51 -39.61 12.50
N MET E 247 15.28 -38.53 12.59
CA MET E 247 16.56 -38.42 11.92
C MET E 247 17.64 -38.13 12.94
N SER E 248 18.75 -38.87 12.85
CA SER E 248 19.87 -38.71 13.75
C SER E 248 21.14 -38.46 12.96
N LEU E 249 21.97 -37.56 13.46
CA LEU E 249 23.25 -37.28 12.81
C LEU E 249 24.30 -38.30 13.18
N LEU E 250 24.24 -38.84 14.40
CA LEU E 250 25.27 -39.72 14.91
C LEU E 250 24.64 -40.79 15.77
N THR E 251 25.28 -41.96 15.79
CA THR E 251 24.86 -43.09 16.63
C THR E 251 25.96 -43.38 17.64
N LEU E 252 25.60 -43.43 18.91
CA LEU E 252 26.57 -43.69 19.97
C LEU E 252 26.42 -45.12 20.46
N SER E 253 27.46 -45.92 20.29
CA SER E 253 27.55 -47.23 20.93
C SER E 253 27.68 -47.07 22.44
N THR E 254 27.09 -48.03 23.14
CA THR E 254 27.19 -48.08 24.60
C THR E 254 28.64 -47.97 25.03
N ILE E 255 28.89 -47.05 25.97
CA ILE E 255 30.22 -46.90 26.51
C ILE E 255 30.40 -47.96 27.59
N ASN E 256 31.25 -48.92 27.32
CA ASN E 256 31.61 -49.88 28.34
C ASN E 256 32.51 -49.16 29.35
N MET E 257 31.91 -48.74 30.48
CA MET E 257 32.57 -47.91 31.48
C MET E 257 33.78 -48.58 32.14
N LYS E 258 33.98 -49.85 31.87
CA LYS E 258 35.19 -50.56 32.24
C LYS E 258 36.41 -50.14 31.43
N GLU E 259 36.21 -49.61 30.24
CA GLU E 259 37.28 -49.03 29.46
C GLU E 259 37.23 -47.52 29.60
N LYS E 260 37.96 -46.82 28.74
CA LYS E 260 37.72 -45.41 28.45
C LYS E 260 37.74 -45.24 26.94
N SER E 261 36.66 -45.68 26.27
CA SER E 261 36.63 -45.70 24.82
C SER E 261 35.26 -45.27 24.31
N ILE E 262 35.25 -44.28 23.41
CA ILE E 262 34.06 -43.86 22.68
C ILE E 262 34.16 -44.43 21.28
N GLU E 263 33.07 -45.03 20.81
CA GLU E 263 32.96 -45.46 19.42
C GLU E 263 31.66 -44.88 18.89
N ILE E 264 31.76 -43.93 17.97
CA ILE E 264 30.59 -43.24 17.47
C ILE E 264 30.52 -43.43 15.96
N GLN E 265 29.32 -43.70 15.47
CA GLN E 265 29.07 -44.05 14.08
C GLN E 265 28.11 -43.05 13.47
N ASN E 266 28.07 -43.02 12.14
CA ASN E 266 27.11 -42.18 11.45
C ASN E 266 25.69 -42.58 11.80
N GLY E 267 24.80 -41.60 11.91
CA GLY E 267 23.40 -41.85 12.13
C GLY E 267 22.71 -42.26 10.85
N ASN E 268 21.40 -42.00 10.81
CA ASN E 268 20.54 -42.40 9.70
C ASN E 268 20.25 -41.23 8.75
N PHE E 269 21.10 -40.20 8.74
CA PHE E 269 20.70 -38.98 8.04
C PHE E 269 20.72 -39.15 6.52
N LEU E 270 21.53 -40.06 5.99
CA LEU E 270 21.56 -40.27 4.55
C LEU E 270 20.26 -40.87 4.02
N ARG E 271 19.49 -41.55 4.87
CA ARG E 271 18.15 -42.00 4.47
C ARG E 271 17.26 -40.83 4.06
N PHE E 272 17.56 -39.63 4.51
CA PHE E 272 16.74 -38.46 4.21
C PHE E 272 17.27 -37.65 3.03
N PHE E 273 18.43 -38.01 2.49
CA PHE E 273 18.95 -37.35 1.30
C PHE E 273 18.56 -38.09 0.03
N LYS E 274 18.30 -39.39 0.11
CA LYS E 274 17.76 -40.14 -1.01
C LYS E 274 16.25 -40.28 -0.87
N LYS F 2 36.32 -21.68 -11.72
CA LYS F 2 36.39 -20.23 -11.60
C LYS F 2 34.98 -19.63 -11.39
N PHE F 3 34.94 -18.32 -11.22
CA PHE F 3 33.69 -17.59 -11.02
C PHE F 3 33.74 -16.30 -11.81
N ARG F 4 32.58 -15.93 -12.35
CA ARG F 4 32.31 -14.63 -12.93
C ARG F 4 32.28 -13.56 -11.83
N ARG F 5 32.54 -12.30 -12.23
CA ARG F 5 32.55 -11.20 -11.27
C ARG F 5 31.25 -11.13 -10.47
N SER F 6 30.13 -11.48 -11.11
CA SER F 6 28.83 -11.44 -10.44
C SER F 6 28.70 -12.55 -9.41
N GLY F 7 28.85 -13.80 -9.84
CA GLY F 7 28.82 -14.92 -8.92
C GLY F 7 29.90 -14.86 -7.86
N ARG F 8 30.98 -14.11 -8.12
CA ARG F 8 32.00 -13.94 -7.11
C ARG F 8 31.53 -12.97 -6.04
N LEU F 9 30.86 -11.90 -6.45
CA LEU F 9 30.27 -10.96 -5.51
C LEU F 9 29.28 -11.65 -4.60
N VAL F 10 28.47 -12.55 -5.14
CA VAL F 10 27.42 -13.23 -4.38
C VAL F 10 28.05 -14.16 -3.35
N ASP F 11 29.03 -14.96 -3.78
CA ASP F 11 29.68 -15.89 -2.88
C ASP F 11 30.52 -15.15 -1.84
N LEU F 12 31.20 -14.08 -2.27
CA LEU F 12 31.98 -13.28 -1.34
C LEU F 12 31.10 -12.69 -0.25
N THR F 13 29.91 -12.21 -0.61
CA THR F 13 29.00 -11.66 0.39
C THR F 13 28.56 -12.73 1.39
N ASN F 14 28.14 -13.90 0.89
CA ASN F 14 27.75 -14.98 1.78
C ASN F 14 28.90 -15.43 2.68
N TYR F 15 30.12 -15.52 2.12
CA TYR F 15 31.22 -15.99 2.95
C TYR F 15 31.52 -15.01 4.08
N LEU F 16 31.46 -13.71 3.79
CA LEU F 16 31.71 -12.72 4.84
C LEU F 16 30.59 -12.75 5.89
N LEU F 17 29.34 -12.79 5.44
CA LEU F 17 28.22 -12.78 6.37
C LEU F 17 28.24 -14.00 7.30
N THR F 18 28.72 -15.13 6.81
CA THR F 18 28.77 -16.36 7.60
C THR F 18 30.11 -16.54 8.30
N HIS F 19 31.00 -15.54 8.24
CA HIS F 19 32.28 -15.59 8.95
C HIS F 19 32.62 -14.23 9.54
N PRO F 20 31.71 -13.63 10.31
CA PRO F 20 31.99 -12.31 10.89
C PRO F 20 33.13 -12.37 11.92
N HIS F 21 33.74 -11.21 12.15
CA HIS F 21 34.81 -11.05 13.14
C HIS F 21 35.98 -12.01 12.91
N GLU F 22 36.20 -12.38 11.65
CA GLU F 22 37.22 -13.34 11.26
C GLU F 22 38.16 -12.66 10.27
N LEU F 23 39.45 -12.60 10.60
CA LEU F 23 40.44 -11.99 9.74
C LEU F 23 40.76 -12.98 8.62
N ILE F 24 40.33 -12.64 7.41
CA ILE F 24 40.52 -13.48 6.23
C ILE F 24 41.66 -12.88 5.39
N PRO F 25 42.72 -13.61 5.11
CA PRO F 25 43.76 -13.08 4.25
C PRO F 25 43.27 -13.01 2.81
N LEU F 26 43.64 -11.91 2.12
CA LEU F 26 43.23 -11.72 0.74
C LEU F 26 43.62 -12.90 -0.14
N THR F 27 44.78 -13.50 0.15
CA THR F 27 45.21 -14.68 -0.57
C THR F 27 44.19 -15.82 -0.47
N PHE F 28 43.48 -15.91 0.65
CA PHE F 28 42.45 -16.94 0.75
C PHE F 28 41.39 -16.77 -0.33
N PHE F 29 41.01 -15.52 -0.61
CA PHE F 29 39.98 -15.30 -1.62
C PHE F 29 40.53 -15.36 -3.03
N SER F 30 41.78 -14.93 -3.23
CA SER F 30 42.38 -15.03 -4.56
C SER F 30 42.45 -16.49 -5.01
N GLU F 31 42.80 -17.39 -4.09
CA GLU F 31 42.84 -18.81 -4.44
C GLU F 31 41.45 -19.41 -4.55
N ARG F 32 40.51 -18.99 -3.68
CA ARG F 32 39.17 -19.53 -3.72
C ARG F 32 38.50 -19.25 -5.05
N TYR F 33 38.73 -18.06 -5.60
CA TYR F 33 38.10 -17.63 -6.83
C TYR F 33 39.01 -17.68 -8.05
N GLU F 34 40.28 -18.08 -7.88
CA GLU F 34 41.24 -18.10 -8.99
C GLU F 34 41.27 -16.76 -9.72
N SER F 35 41.53 -15.71 -8.96
CA SER F 35 41.47 -14.35 -9.49
C SER F 35 42.63 -13.56 -8.94
N ALA F 36 42.94 -12.46 -9.61
CA ALA F 36 43.96 -11.56 -9.10
C ALA F 36 43.48 -10.94 -7.80
N LYS F 37 44.40 -10.80 -6.84
CA LYS F 37 44.08 -10.01 -5.66
C LYS F 37 43.67 -8.60 -6.03
N SER F 38 44.12 -8.12 -7.19
CA SER F 38 43.58 -6.89 -7.78
C SER F 38 42.06 -6.95 -7.91
N SER F 39 41.55 -8.03 -8.50
CA SER F 39 40.11 -8.10 -8.75
C SER F 39 39.33 -8.38 -7.47
N ILE F 40 39.95 -9.09 -6.53
CA ILE F 40 39.31 -9.37 -5.25
C ILE F 40 39.10 -8.10 -4.44
N SER F 41 40.11 -7.22 -4.42
CA SER F 41 40.04 -6.05 -3.54
C SER F 41 38.98 -5.06 -3.99
N GLU F 42 38.68 -5.02 -5.30
CA GLU F 42 37.65 -4.11 -5.77
C GLU F 42 36.25 -4.65 -5.51
N ASP F 43 36.08 -5.98 -5.54
CA ASP F 43 34.81 -6.55 -5.11
C ASP F 43 34.55 -6.28 -3.64
N LEU F 44 35.57 -6.43 -2.80
CA LEU F 44 35.44 -6.04 -1.40
C LEU F 44 35.12 -4.55 -1.26
N THR F 45 35.60 -3.72 -2.19
CA THR F 45 35.23 -2.31 -2.21
C THR F 45 33.73 -2.14 -2.39
N ILE F 46 33.13 -2.89 -3.32
CA ILE F 46 31.70 -2.82 -3.55
C ILE F 46 30.94 -3.33 -2.32
N ILE F 47 31.36 -4.48 -1.81
CA ILE F 47 30.72 -5.05 -0.63
C ILE F 47 30.80 -4.08 0.53
N LYS F 48 31.97 -3.46 0.72
CA LYS F 48 32.14 -2.52 1.83
C LYS F 48 31.16 -1.36 1.70
N GLN F 49 31.08 -0.78 0.51
CA GLN F 49 30.23 0.37 0.30
C GLN F 49 28.75 0.00 0.43
N THR F 50 28.36 -1.14 -0.13
CA THR F 50 26.98 -1.59 0.04
C THR F 50 26.68 -1.92 1.50
N PHE F 51 27.59 -2.61 2.18
CA PHE F 51 27.35 -2.94 3.58
C PHE F 51 27.20 -1.68 4.42
N GLU F 52 28.00 -0.66 4.12
CA GLU F 52 27.99 0.57 4.92
C GLU F 52 26.74 1.39 4.69
N GLN F 53 26.30 1.52 3.43
CA GLN F 53 25.14 2.33 3.15
C GLN F 53 23.84 1.62 3.57
N GLN F 54 23.81 0.30 3.44
CA GLN F 54 22.63 -0.48 3.82
C GLN F 54 22.57 -0.80 5.32
N GLY F 55 23.57 -0.39 6.11
CA GLY F 55 23.49 -0.66 7.54
C GLY F 55 23.64 -2.13 7.89
N ILE F 56 24.41 -2.88 7.10
CA ILE F 56 24.69 -4.27 7.40
C ILE F 56 25.91 -4.38 8.30
N GLY F 57 26.93 -3.57 8.04
CA GLY F 57 28.13 -3.54 8.85
C GLY F 57 29.28 -2.94 8.07
N THR F 58 30.49 -3.19 8.57
CA THR F 58 31.68 -2.60 8.00
C THR F 58 32.67 -3.67 7.58
N LEU F 59 33.42 -3.37 6.53
CA LEU F 59 34.50 -4.24 6.07
C LEU F 59 35.81 -3.55 6.39
N LEU F 60 36.49 -4.03 7.43
CA LEU F 60 37.79 -3.48 7.82
C LEU F 60 38.91 -4.19 7.05
N THR F 61 39.77 -3.40 6.41
CA THR F 61 40.92 -3.92 5.69
C THR F 61 42.19 -3.62 6.48
N VAL F 62 42.89 -4.67 6.87
CA VAL F 62 44.16 -4.55 7.59
C VAL F 62 45.29 -4.80 6.59
N PRO F 63 46.18 -3.85 6.36
CA PRO F 63 47.27 -4.06 5.40
C PRO F 63 48.29 -5.07 5.89
N GLY F 64 49.33 -5.30 5.09
CA GLY F 64 50.40 -6.20 5.47
C GLY F 64 50.11 -7.65 5.17
N ALA F 65 51.18 -8.44 5.07
CA ALA F 65 51.06 -9.86 4.78
C ALA F 65 50.41 -10.62 5.94
N ALA F 66 50.35 -10.02 7.12
CA ALA F 66 49.70 -10.63 8.27
C ALA F 66 48.25 -10.17 8.43
N GLY F 67 47.78 -9.25 7.59
CA GLY F 67 46.44 -8.71 7.71
C GLY F 67 45.39 -9.43 6.87
N GLY F 68 44.45 -8.66 6.35
CA GLY F 68 43.33 -9.22 5.60
C GLY F 68 42.09 -8.39 5.83
N VAL F 69 40.93 -8.95 5.46
CA VAL F 69 39.65 -8.27 5.58
C VAL F 69 38.82 -8.94 6.68
N LYS F 70 38.09 -8.11 7.43
CA LYS F 70 37.26 -8.60 8.52
C LYS F 70 35.88 -7.95 8.40
N TYR F 71 34.84 -8.77 8.48
CA TYR F 71 33.47 -8.25 8.47
C TYR F 71 33.01 -8.05 9.91
N ILE F 72 32.56 -6.85 10.24
CA ILE F 72 32.04 -6.56 11.57
C ILE F 72 30.58 -6.13 11.46
N PRO F 73 29.64 -6.95 11.92
CA PRO F 73 28.22 -6.53 11.94
C PRO F 73 28.06 -5.27 12.77
N LYS F 74 27.33 -4.30 12.22
CA LYS F 74 27.08 -3.02 12.86
C LYS F 74 25.64 -2.65 12.58
N MET F 75 25.02 -1.98 13.54
CA MET F 75 23.67 -1.49 13.38
C MET F 75 23.69 0.02 13.49
N LYS F 76 22.99 0.70 12.59
CA LYS F 76 22.93 2.15 12.66
C LYS F 76 21.95 2.58 13.75
N GLN F 77 22.18 3.81 14.24
CA GLN F 77 21.39 4.33 15.36
C GLN F 77 19.92 4.48 15.00
N ALA F 78 19.62 4.86 13.76
CA ALA F 78 18.23 5.01 13.35
C ALA F 78 17.48 3.69 13.49
N GLU F 79 18.08 2.60 13.01
CA GLU F 79 17.41 1.31 13.12
C GLU F 79 17.39 0.83 14.56
N ALA F 80 18.38 1.22 15.35
CA ALA F 80 18.39 0.83 16.76
C ALA F 80 17.24 1.50 17.51
N GLU F 81 17.09 2.82 17.36
CA GLU F 81 15.99 3.53 18.00
C GLU F 81 14.64 3.00 17.56
N GLU F 82 14.47 2.80 16.25
CA GLU F 82 13.20 2.32 15.73
C GLU F 82 12.84 0.95 16.30
N PHE F 83 13.83 0.05 16.37
CA PHE F 83 13.52 -1.30 16.85
C PHE F 83 13.21 -1.29 18.34
N VAL F 84 13.93 -0.49 19.14
CA VAL F 84 13.65 -0.47 20.57
C VAL F 84 12.29 0.14 20.83
N GLN F 85 11.87 1.10 20.00
CA GLN F 85 10.55 1.69 20.14
C GLN F 85 9.46 0.66 19.91
N THR F 86 9.52 -0.03 18.77
CA THR F 86 8.57 -1.11 18.47
C THR F 86 8.55 -2.15 19.57
N LEU F 87 9.74 -2.60 19.99
CA LEU F 87 9.82 -3.57 21.07
C LEU F 87 9.18 -3.03 22.33
N GLY F 88 9.45 -1.78 22.67
CA GLY F 88 8.84 -1.19 23.87
C GLY F 88 7.32 -1.12 23.77
N GLN F 89 6.81 -0.68 22.62
CA GLN F 89 5.36 -0.58 22.45
C GLN F 89 4.69 -1.94 22.63
N SER F 90 5.26 -2.98 22.01
CA SER F 90 4.68 -4.31 22.11
C SER F 90 4.81 -4.87 23.52
N LEU F 91 5.78 -4.38 24.28
CA LEU F 91 5.92 -4.83 25.65
C LEU F 91 4.99 -4.06 26.59
N ALA F 92 4.62 -2.83 26.21
CA ALA F 92 3.74 -1.99 27.03
C ALA F 92 2.29 -2.51 27.07
N ASN F 93 2.07 -3.73 26.56
CA ASN F 93 0.74 -4.29 26.42
C ASN F 93 0.31 -4.96 27.71
N PRO F 94 -0.84 -4.59 28.29
CA PRO F 94 -1.18 -5.07 29.63
C PRO F 94 -1.47 -6.56 29.74
N GLU F 95 -1.70 -7.26 28.62
CA GLU F 95 -1.87 -8.71 28.73
C GLU F 95 -0.59 -9.44 29.12
N ARG F 96 0.57 -8.80 29.01
CA ARG F 96 1.81 -9.37 29.50
C ARG F 96 1.99 -9.22 31.01
N ILE F 97 1.06 -8.54 31.68
CA ILE F 97 1.14 -8.36 33.12
C ILE F 97 0.66 -9.64 33.80
N LEU F 98 1.58 -10.35 34.42
CA LEU F 98 1.30 -11.62 35.07
C LEU F 98 1.43 -11.48 36.59
N PRO F 99 0.97 -12.48 37.36
CA PRO F 99 1.01 -12.37 38.82
C PRO F 99 2.41 -12.24 39.37
N GLY F 100 2.60 -11.25 40.25
CA GLY F 100 3.88 -11.00 40.88
C GLY F 100 4.53 -9.70 40.45
N GLY F 101 3.98 -9.02 39.46
CA GLY F 101 4.58 -7.80 38.94
C GLY F 101 5.57 -8.05 37.83
N TYR F 102 5.28 -9.01 36.96
CA TYR F 102 6.22 -9.42 35.92
C TYR F 102 5.66 -9.20 34.54
N VAL F 103 6.54 -9.34 33.56
CA VAL F 103 6.18 -9.28 32.16
C VAL F 103 6.28 -10.68 31.57
N TYR F 104 5.44 -10.96 30.59
CA TYR F 104 5.53 -12.18 29.82
C TYR F 104 6.33 -11.88 28.56
N LEU F 105 7.51 -12.51 28.43
CA LEU F 105 8.40 -12.32 27.29
C LEU F 105 8.57 -13.56 26.44
N THR F 106 7.95 -14.68 26.81
CA THR F 106 8.27 -15.94 26.17
C THR F 106 7.97 -15.90 24.67
N ASP F 107 6.90 -15.19 24.29
CA ASP F 107 6.56 -15.10 22.87
C ASP F 107 7.61 -14.32 22.10
N ILE F 108 8.14 -13.25 22.69
CA ILE F 108 9.12 -12.41 21.99
C ILE F 108 10.47 -13.12 21.91
N LEU F 109 10.92 -13.71 23.01
CA LEU F 109 12.16 -14.46 23.02
C LEU F 109 12.11 -15.71 22.14
N GLY F 110 10.97 -16.06 21.57
CA GLY F 110 10.92 -17.20 20.68
C GLY F 110 10.93 -16.80 19.21
N LYS F 111 10.84 -15.50 18.90
CA LYS F 111 10.79 -15.04 17.51
C LYS F 111 12.19 -14.93 16.91
N PRO F 112 12.55 -15.75 15.93
CA PRO F 112 13.89 -15.64 15.33
C PRO F 112 14.19 -14.26 14.79
N SER F 113 13.20 -13.58 14.20
CA SER F 113 13.41 -12.24 13.66
C SER F 113 13.74 -11.24 14.77
N VAL F 114 13.06 -11.35 15.91
CA VAL F 114 13.37 -10.47 17.04
C VAL F 114 14.77 -10.78 17.58
N LEU F 115 15.12 -12.06 17.67
CA LEU F 115 16.39 -12.46 18.26
C LEU F 115 17.56 -11.92 17.44
N SER F 116 17.48 -12.05 16.12
CA SER F 116 18.54 -11.58 15.26
C SER F 116 18.79 -10.10 15.45
N LYS F 117 17.73 -9.32 15.65
CA LYS F 117 17.91 -7.88 15.79
C LYS F 117 18.49 -7.49 17.15
N VAL F 118 17.92 -8.01 18.24
CA VAL F 118 18.54 -7.80 19.55
C VAL F 118 19.99 -8.25 19.52
N GLY F 119 20.25 -9.42 18.95
CA GLY F 119 21.61 -9.95 18.89
C GLY F 119 22.56 -9.05 18.13
N LYS F 120 22.13 -8.56 16.95
CA LYS F 120 22.97 -7.66 16.19
C LYS F 120 23.19 -6.34 16.91
N LEU F 121 22.19 -5.87 17.65
CA LEU F 121 22.37 -4.63 18.40
C LEU F 121 23.43 -4.80 19.48
N PHE F 122 23.31 -5.85 20.29
CA PHE F 122 24.36 -6.17 21.24
C PHE F 122 25.69 -6.30 20.51
N ALA F 123 25.73 -7.12 19.46
CA ALA F 123 26.98 -7.37 18.75
C ALA F 123 27.54 -6.10 18.14
N SER F 124 26.67 -5.20 17.72
CA SER F 124 27.13 -3.91 17.21
C SER F 124 27.79 -3.08 18.30
N VAL F 125 27.14 -2.95 19.46
CA VAL F 125 27.62 -2.05 20.50
C VAL F 125 28.95 -2.53 21.07
N PHE F 126 29.10 -3.85 21.29
CA PHE F 126 30.34 -4.40 21.84
C PHE F 126 31.30 -4.89 20.75
N ALA F 127 31.18 -4.37 19.53
CA ALA F 127 31.94 -4.91 18.39
C ALA F 127 33.44 -4.68 18.55
N GLU F 128 33.84 -3.51 19.04
CA GLU F 128 35.27 -3.21 19.16
C GLU F 128 35.88 -3.77 20.43
N ARG F 129 35.08 -4.21 21.39
CA ARG F 129 35.64 -4.92 22.53
C ARG F 129 36.03 -6.33 22.09
N GLU F 130 37.23 -6.75 22.43
CA GLU F 130 37.66 -8.11 22.11
C GLU F 130 36.89 -9.08 23.00
N ILE F 131 36.05 -9.90 22.37
CA ILE F 131 35.17 -10.82 23.08
C ILE F 131 35.53 -12.23 22.67
N ASP F 132 35.74 -13.10 23.67
CA ASP F 132 35.98 -14.53 23.44
C ASP F 132 34.75 -15.38 23.69
N VAL F 133 33.91 -15.00 24.65
CA VAL F 133 32.79 -15.83 25.10
C VAL F 133 31.61 -14.91 25.37
N VAL F 134 30.41 -15.43 25.13
CA VAL F 134 29.17 -14.83 25.62
C VAL F 134 28.65 -15.72 26.74
N MET F 135 28.31 -15.12 27.88
CA MET F 135 27.83 -15.86 29.05
C MET F 135 26.43 -15.38 29.45
N THR F 136 25.54 -16.33 29.71
CA THR F 136 24.24 -16.04 30.32
C THR F 136 23.94 -17.13 31.34
N VAL F 137 22.88 -16.95 32.10
CA VAL F 137 22.39 -17.98 33.01
C VAL F 137 21.08 -18.52 32.45
N ALA F 138 20.95 -19.84 32.46
CA ALA F 138 19.65 -20.46 32.21
C ALA F 138 18.57 -19.77 33.05
N THR F 139 17.40 -19.56 32.44
CA THR F 139 17.06 -20.12 31.15
C THR F 139 16.72 -19.11 30.04
N LYS F 140 16.14 -17.94 30.38
CA LYS F 140 15.53 -17.11 29.35
C LYS F 140 16.55 -16.17 28.71
N GLY F 141 17.67 -15.93 29.40
CA GLY F 141 18.77 -15.23 28.75
C GLY F 141 19.39 -15.98 27.59
N ILE F 142 19.14 -17.29 27.51
CA ILE F 142 19.84 -18.12 26.52
C ILE F 142 19.57 -17.68 25.08
N PRO F 143 18.33 -17.47 24.65
CA PRO F 143 18.10 -17.05 23.26
C PRO F 143 18.90 -15.82 22.86
N LEU F 144 18.89 -14.79 23.70
CA LEU F 144 19.63 -13.58 23.40
C LEU F 144 21.12 -13.83 23.36
N ALA F 145 21.62 -14.69 24.24
CA ALA F 145 23.03 -15.02 24.27
C ALA F 145 23.48 -15.61 22.94
N TYR F 146 22.75 -16.60 22.43
CA TYR F 146 23.13 -17.23 21.17
C TYR F 146 22.94 -16.29 19.99
N ALA F 147 21.96 -15.40 20.03
CA ALA F 147 21.81 -14.45 18.94
C ALA F 147 23.00 -13.51 18.87
N ALA F 148 23.44 -12.99 20.02
CA ALA F 148 24.57 -12.08 20.05
C ALA F 148 25.88 -12.79 19.71
N ALA F 149 26.04 -14.01 20.20
CA ALA F 149 27.29 -14.74 19.98
C ALA F 149 27.47 -15.12 18.53
N SER F 150 26.37 -15.36 17.79
CA SER F 150 26.49 -15.71 16.38
C SER F 150 27.07 -14.56 15.56
N TYR F 151 26.61 -13.33 15.79
CA TYR F 151 27.20 -12.19 15.08
C TYR F 151 28.62 -11.93 15.54
N LEU F 152 28.93 -12.21 16.80
CA LEU F 152 30.28 -11.98 17.29
C LEU F 152 31.20 -13.16 17.02
N ASN F 153 30.65 -14.28 16.57
CA ASN F 153 31.44 -15.48 16.27
C ASN F 153 32.22 -15.95 17.50
N VAL F 154 31.49 -16.25 18.57
CA VAL F 154 32.10 -16.74 19.81
C VAL F 154 31.21 -17.81 20.42
N PRO F 155 31.78 -18.65 21.29
CA PRO F 155 30.95 -19.63 22.00
C PRO F 155 30.02 -18.97 23.02
N VAL F 156 28.96 -19.70 23.37
CA VAL F 156 28.09 -19.36 24.50
C VAL F 156 28.35 -20.35 25.64
N VAL F 157 28.50 -19.83 26.86
CA VAL F 157 28.50 -20.65 28.06
C VAL F 157 27.27 -20.29 28.87
N ILE F 158 26.61 -21.30 29.44
CA ILE F 158 25.35 -21.14 30.15
C ILE F 158 25.58 -21.48 31.62
N VAL F 159 25.40 -20.48 32.48
CA VAL F 159 25.52 -20.67 33.92
C VAL F 159 24.24 -21.31 34.44
N ARG F 160 24.39 -22.26 35.35
CA ARG F 160 23.26 -22.99 35.89
C ARG F 160 23.05 -22.59 37.35
N LYS F 161 21.81 -22.29 37.71
CA LYS F 161 21.41 -22.09 39.10
C LYS F 161 21.13 -23.39 39.81
N ASP F 162 21.48 -24.49 39.18
CA ASP F 162 21.34 -25.85 39.67
C ASP F 162 22.71 -26.39 40.02
N ASN F 163 22.77 -27.71 40.20
CA ASN F 163 23.97 -28.48 39.85
C ASN F 163 23.56 -29.90 39.52
N LYS F 164 22.33 -30.12 39.05
CA LYS F 164 22.04 -31.37 38.36
C LYS F 164 23.09 -31.62 37.30
N VAL F 165 23.35 -30.64 36.43
CA VAL F 165 23.70 -30.98 35.06
C VAL F 165 25.09 -31.61 35.01
N THR F 166 25.15 -32.78 34.38
CA THR F 166 26.35 -33.59 34.29
C THR F 166 27.18 -33.08 33.12
N GLU F 167 27.96 -32.04 33.39
CA GLU F 167 28.87 -31.46 32.42
C GLU F 167 30.31 -31.61 32.89
N GLY F 168 30.62 -32.78 33.45
CA GLY F 168 31.90 -32.92 34.08
C GLY F 168 31.95 -32.11 35.35
N SER F 169 33.17 -31.80 35.77
CA SER F 169 33.34 -31.13 37.05
C SER F 169 32.95 -29.66 36.93
N THR F 170 32.57 -29.07 38.06
CA THR F 170 31.80 -27.83 38.06
C THR F 170 32.34 -26.90 39.14
N VAL F 171 32.33 -25.60 38.88
CA VAL F 171 32.71 -24.58 39.84
C VAL F 171 31.47 -23.77 40.20
N SER F 172 31.22 -23.60 41.50
CA SER F 172 30.03 -22.95 42.02
C SER F 172 30.42 -21.78 42.90
N ILE F 173 29.53 -20.79 42.96
CA ILE F 173 29.64 -19.70 43.93
C ILE F 173 28.24 -19.45 44.50
N ASN F 174 28.20 -18.71 45.59
CA ASN F 174 26.96 -18.27 46.18
C ASN F 174 26.82 -16.78 45.97
N TYR F 175 25.58 -16.31 45.90
CA TYR F 175 25.32 -14.90 45.65
C TYR F 175 23.99 -14.50 46.28
N VAL F 176 23.87 -13.22 46.60
CA VAL F 176 22.62 -12.68 47.17
C VAL F 176 21.92 -11.89 46.08
N SER F 177 20.71 -12.32 45.74
CA SER F 177 19.90 -11.62 44.75
C SER F 177 18.53 -11.30 45.35
N ASN F 181 15.13 -13.01 50.35
CA ASN F 181 16.52 -12.57 50.26
C ASN F 181 17.45 -13.55 50.97
N ARG F 182 17.55 -14.75 50.42
CA ARG F 182 18.45 -15.75 50.96
C ARG F 182 19.36 -16.26 49.84
N ILE F 183 20.35 -17.07 50.23
CA ILE F 183 21.49 -17.33 49.38
C ILE F 183 21.11 -18.25 48.22
N GLN F 184 21.60 -17.90 47.03
CA GLN F 184 21.45 -18.73 45.84
C GLN F 184 22.83 -19.13 45.33
N THR F 185 22.86 -20.20 44.53
CA THR F 185 24.08 -20.72 43.97
C THR F 185 24.01 -20.71 42.44
N MET F 186 25.14 -20.41 41.80
CA MET F 186 25.25 -20.55 40.35
C MET F 186 26.57 -21.23 40.00
N SER F 187 26.52 -22.03 38.95
CA SER F 187 27.60 -22.95 38.67
C SER F 187 27.94 -22.88 37.18
N LEU F 188 29.04 -23.54 36.84
CA LEU F 188 29.57 -23.56 35.49
C LEU F 188 30.62 -24.67 35.38
N ALA F 189 30.53 -25.50 34.34
CA ALA F 189 31.54 -26.51 34.09
C ALA F 189 32.93 -25.88 34.01
N LYS F 190 33.89 -26.45 34.74
CA LYS F 190 35.24 -25.92 34.70
C LYS F 190 35.87 -26.00 33.30
N ARG F 191 35.42 -26.93 32.47
CA ARG F 191 35.97 -27.12 31.13
C ARG F 191 35.35 -26.20 30.08
N SER F 192 34.59 -25.18 30.48
CA SER F 192 33.80 -24.42 29.52
C SER F 192 34.38 -23.04 29.22
N MET F 193 35.44 -22.62 29.90
CA MET F 193 36.00 -21.31 29.64
C MET F 193 37.48 -21.28 29.97
N LYS F 194 38.28 -20.80 29.02
CA LYS F 194 39.71 -20.71 29.22
C LYS F 194 40.04 -19.52 30.11
N THR F 195 41.19 -19.62 30.79
CA THR F 195 41.64 -18.55 31.68
C THR F 195 41.89 -17.28 30.89
N GLY F 196 41.52 -16.14 31.45
CA GLY F 196 41.74 -14.87 30.80
C GLY F 196 40.74 -14.49 29.74
N SER F 197 39.70 -15.29 29.51
CA SER F 197 38.73 -14.99 28.47
C SER F 197 38.02 -13.68 28.76
N ASN F 198 37.73 -12.93 27.70
CA ASN F 198 36.95 -11.71 27.82
C ASN F 198 35.50 -12.05 27.53
N VAL F 199 34.64 -11.81 28.51
CA VAL F 199 33.28 -12.35 28.49
C VAL F 199 32.28 -11.23 28.38
N LEU F 200 31.38 -11.35 27.39
CA LEU F 200 30.17 -10.54 27.34
C LEU F 200 29.06 -11.26 28.10
N ILE F 201 28.50 -10.59 29.11
CA ILE F 201 27.39 -11.14 29.87
C ILE F 201 26.10 -10.57 29.30
N ILE F 202 25.16 -11.47 28.96
CA ILE F 202 23.87 -11.10 28.41
C ILE F 202 22.77 -11.69 29.28
N ASP F 203 21.75 -10.90 29.57
CA ASP F 203 20.60 -11.45 30.29
C ASP F 203 19.31 -10.83 29.80
N ASP F 204 18.21 -11.55 30.05
CA ASP F 204 16.88 -11.05 29.74
C ASP F 204 16.51 -9.84 30.60
N PHE F 205 16.63 -9.96 31.91
CA PHE F 205 16.02 -8.97 32.81
C PHE F 205 16.97 -8.67 33.96
N MET F 206 17.01 -7.40 34.37
CA MET F 206 17.80 -6.97 35.51
C MET F 206 16.99 -6.07 36.43
N LYS F 207 17.07 -6.34 37.74
CA LYS F 207 16.39 -5.53 38.74
C LYS F 207 17.45 -4.71 39.45
N ALA F 208 18.02 -5.18 40.57
CA ALA F 208 19.15 -4.52 41.22
C ALA F 208 20.49 -5.11 40.80
N GLY F 209 20.49 -6.24 40.11
CA GLY F 209 21.72 -6.80 39.58
C GLY F 209 22.38 -7.88 40.41
N GLY F 210 21.65 -8.54 41.32
CA GLY F 210 22.27 -9.55 42.16
C GLY F 210 22.79 -10.73 41.38
N THR F 211 22.04 -11.18 40.37
CA THR F 211 22.47 -12.37 39.65
C THR F 211 23.57 -12.04 38.64
N ILE F 212 23.53 -10.85 38.05
CA ILE F 212 24.63 -10.44 37.18
C ILE F 212 25.90 -10.28 37.99
N ASN F 213 25.78 -9.70 39.18
CA ASN F 213 26.93 -9.60 40.07
C ASN F 213 27.41 -10.98 40.50
N GLY F 214 26.50 -11.95 40.60
CA GLY F 214 26.92 -13.32 40.86
C GLY F 214 27.76 -13.89 39.73
N MET F 215 27.40 -13.56 38.48
CA MET F 215 28.14 -14.09 37.34
C MET F 215 29.52 -13.44 37.23
N ILE F 216 29.62 -12.16 37.55
CA ILE F 216 30.91 -11.47 37.61
C ILE F 216 31.83 -12.18 38.60
N ASN F 217 31.30 -12.55 39.76
CA ASN F 217 32.09 -13.26 40.76
C ASN F 217 32.44 -14.67 40.32
N LEU F 218 31.54 -15.33 39.57
CA LEU F 218 31.90 -16.63 39.03
C LEU F 218 33.05 -16.51 38.04
N LEU F 219 33.17 -15.39 37.36
CA LEU F 219 34.25 -15.21 36.40
C LEU F 219 35.59 -15.10 37.11
N ASP F 220 35.60 -14.57 38.33
CA ASP F 220 36.82 -14.57 39.16
C ASP F 220 37.38 -15.98 39.30
N GLU F 221 36.53 -16.95 39.60
CA GLU F 221 36.97 -18.33 39.74
C GLU F 221 37.53 -18.89 38.45
N PHE F 222 37.35 -18.19 37.34
CA PHE F 222 37.98 -18.55 36.08
C PHE F 222 39.08 -17.58 35.67
N ASN F 223 39.32 -16.55 36.47
CA ASN F 223 40.25 -15.48 36.10
C ASN F 223 39.88 -14.88 34.74
N ALA F 224 38.58 -14.68 34.52
CA ALA F 224 38.11 -14.11 33.26
C ALA F 224 37.77 -12.62 33.44
N ASN F 225 37.49 -11.97 32.33
CA ASN F 225 37.24 -10.54 32.33
C ASN F 225 35.84 -10.23 31.82
N VAL F 226 35.24 -9.19 32.38
CA VAL F 226 33.96 -8.68 31.93
C VAL F 226 34.25 -7.70 30.79
N ALA F 227 34.03 -8.15 29.56
CA ALA F 227 34.17 -7.28 28.40
C ALA F 227 32.98 -6.33 28.26
N GLY F 228 31.82 -6.73 28.77
CA GLY F 228 30.64 -5.90 28.61
C GLY F 228 29.45 -6.62 29.21
N ILE F 229 28.38 -5.86 29.41
CA ILE F 229 27.16 -6.40 30.01
C ILE F 229 25.97 -5.84 29.24
N GLY F 230 25.11 -6.73 28.73
CA GLY F 230 23.94 -6.31 27.99
C GLY F 230 22.64 -6.86 28.53
N VAL F 231 21.65 -6.01 28.72
CA VAL F 231 20.39 -6.45 29.27
C VAL F 231 19.27 -6.01 28.33
N LEU F 232 18.31 -6.91 28.12
CA LEU F 232 17.10 -6.56 27.40
C LEU F 232 16.34 -5.47 28.13
N VAL F 233 15.95 -5.74 29.37
CA VAL F 233 15.15 -4.81 30.15
C VAL F 233 15.80 -4.62 31.51
N GLU F 234 15.90 -3.36 31.96
CA GLU F 234 16.22 -3.05 33.34
C GLU F 234 14.98 -2.49 34.06
N ALA F 235 14.87 -2.81 35.34
CA ALA F 235 13.82 -2.29 36.20
C ALA F 235 14.35 -1.10 37.00
N GLU F 236 13.47 -0.50 37.80
CA GLU F 236 13.89 0.56 38.72
C GLU F 236 13.77 0.10 40.16
N ARG F 241 21.59 -1.12 43.06
CA ARG F 241 22.24 -1.43 41.79
C ARG F 241 23.67 -1.92 42.01
N LEU F 242 23.80 -3.22 42.27
CA LEU F 242 25.11 -3.73 42.59
C LEU F 242 26.04 -3.84 41.38
N VAL F 243 25.55 -3.58 40.17
CA VAL F 243 26.35 -3.84 38.98
C VAL F 243 27.10 -2.61 38.49
N ASP F 244 27.99 -2.83 37.52
CA ASP F 244 28.95 -1.83 37.04
C ASP F 244 28.41 -1.03 35.88
N GLU F 245 29.07 -1.17 34.72
CA GLU F 245 28.61 -0.62 33.47
C GLU F 245 27.84 -1.68 32.70
N TYR F 246 26.64 -1.34 32.26
CA TYR F 246 25.83 -2.25 31.47
C TYR F 246 25.13 -1.47 30.36
N MET F 247 24.59 -2.21 29.42
CA MET F 247 23.77 -1.60 28.38
C MET F 247 22.37 -2.21 28.46
N SER F 248 21.35 -1.35 28.50
CA SER F 248 19.96 -1.78 28.49
C SER F 248 19.26 -1.27 27.25
N LEU F 249 18.40 -2.11 26.69
CA LEU F 249 17.51 -1.65 25.62
C LEU F 249 16.29 -0.96 26.20
N LEU F 250 15.69 -1.54 27.23
CA LEU F 250 14.42 -1.06 27.76
C LEU F 250 14.51 -0.85 29.27
N THR F 251 13.62 0.01 29.76
CA THR F 251 13.45 0.25 31.18
C THR F 251 12.00 0.00 31.54
N LEU F 252 11.80 -0.82 32.56
CA LEU F 252 10.47 -1.21 33.03
C LEU F 252 10.23 -0.58 34.40
N SER F 253 9.22 0.28 34.48
CA SER F 253 8.74 0.84 35.75
C SER F 253 7.70 -0.07 36.36
N THR F 254 7.87 -0.39 37.66
CA THR F 254 7.08 -1.39 38.39
C THR F 254 5.64 -1.47 37.88
N ILE F 255 5.17 -2.70 37.63
CA ILE F 255 3.78 -2.86 37.24
C ILE F 255 2.90 -2.54 38.43
N ASN F 256 2.12 -1.47 38.34
CA ASN F 256 1.14 -1.29 39.41
C ASN F 256 0.01 -2.29 39.18
N MET F 257 0.01 -3.36 39.96
CA MET F 257 -0.83 -4.52 39.65
C MET F 257 -2.32 -4.21 39.65
N LYS F 258 -2.74 -3.11 40.28
CA LYS F 258 -4.18 -2.86 40.32
C LYS F 258 -4.63 -2.11 39.08
N GLU F 259 -4.04 -0.95 38.81
CA GLU F 259 -4.39 -0.25 37.60
C GLU F 259 -4.06 -1.06 36.35
N LYS F 260 -3.29 -2.13 36.48
CA LYS F 260 -2.78 -2.90 35.34
C LYS F 260 -1.99 -1.99 34.41
N SER F 261 -1.20 -1.10 35.00
CA SER F 261 -0.44 -0.09 34.27
C SER F 261 1.01 -0.52 34.18
N ILE F 262 1.46 -0.85 32.99
CA ILE F 262 2.84 -1.24 32.73
C ILE F 262 3.46 -0.17 31.85
N GLU F 263 4.44 0.56 32.37
CA GLU F 263 5.13 1.61 31.63
C GLU F 263 6.54 1.16 31.25
N ILE F 264 6.97 1.51 30.04
CA ILE F 264 8.26 1.11 29.52
C ILE F 264 8.82 2.26 28.69
N GLN F 265 9.98 2.75 29.08
CA GLN F 265 10.71 3.74 28.31
C GLN F 265 11.98 3.10 27.76
N ASN F 266 12.77 3.90 27.05
CA ASN F 266 14.02 3.42 26.47
C ASN F 266 15.04 3.13 27.57
N GLY F 267 16.04 2.30 27.21
CA GLY F 267 17.16 2.03 28.08
C GLY F 267 18.24 3.08 27.92
N ASN F 268 19.48 2.70 28.22
CA ASN F 268 20.61 3.59 28.05
C ASN F 268 21.38 3.32 26.76
N PHE F 269 20.86 2.47 25.88
CA PHE F 269 21.63 1.99 24.74
C PHE F 269 22.11 3.13 23.84
N LEU F 270 21.36 4.24 23.79
CA LEU F 270 21.76 5.35 22.93
C LEU F 270 23.10 5.94 23.36
N ARG F 271 23.45 5.81 24.64
CA ARG F 271 24.74 6.31 25.12
C ARG F 271 25.92 5.62 24.46
N PHE F 272 25.69 4.45 23.86
CA PHE F 272 26.75 3.66 23.28
C PHE F 272 26.87 3.86 21.77
N PHE F 273 26.24 4.90 21.23
CA PHE F 273 26.28 5.14 19.79
C PHE F 273 27.03 6.43 19.47
PB G4P G . -38.19 -17.44 -20.50
O1B G4P G . -39.13 -18.28 -19.66
O2B G4P G . -37.52 -18.33 -21.51
O3B G4P G . -38.99 -16.42 -21.27
O3A G4P G . -37.00 -16.79 -19.55
PA G4P G . -37.16 -16.07 -18.06
O1A G4P G . -35.88 -15.35 -17.73
O2A G4P G . -38.29 -15.09 -18.10
O5' G4P G . -37.43 -17.16 -16.87
C5' G4P G . -38.23 -16.74 -15.79
C4' G4P G . -39.36 -17.70 -15.65
O4' G4P G . -39.26 -18.39 -14.55
C3' G4P G . -40.83 -16.93 -15.54
O3' G4P G . -41.83 -17.95 -15.89
C2' G4P G . -41.00 -16.70 -14.36
O2' G4P G . -42.46 -16.46 -14.10
C1' G4P G . -40.56 -18.13 -13.82
N9 G4P G . -40.42 -18.12 -12.52
C8 G4P G . -39.85 -17.08 -11.89
N7 G4P G . -39.86 -17.37 -10.56
C5 G4P G . -40.42 -18.57 -10.42
C6 G4P G . -40.71 -19.44 -9.19
O6 G4P G . -40.40 -19.06 -8.11
N1 G4P G . -41.33 -20.71 -9.37
C2 G4P G . -41.70 -21.19 -10.68
N2 G4P G . -42.33 -22.48 -10.84
N3 G4P G . -41.42 -20.35 -11.84
C4 G4P G . -40.77 -19.03 -11.64
PC G4P G . -42.16 -17.94 -17.49
O1C G4P G . -41.39 -19.00 -18.22
O2C G4P G . -41.67 -16.58 -17.93
O3C G4P G . -43.79 -18.13 -17.70
PD G4P G . -44.74 -19.25 -16.96
O1D G4P G . -45.03 -18.79 -15.55
O2D G4P G . -44.03 -20.58 -16.94
O3D G4P G . -46.04 -19.38 -17.71
PB G4P H . -48.55 12.51 -0.31
O1B G4P H . -48.34 13.41 -1.49
O2B G4P H . -49.15 13.34 0.81
O3B G4P H . -49.52 11.42 -0.71
O3A G4P H . -47.11 11.88 0.19
PA G4P H . -46.33 10.60 -0.49
O1A G4P H . -46.14 9.52 0.55
O2A G4P H . -47.12 10.06 -1.66
O5' G4P H . -44.84 11.07 -1.01
C5' G4P H . -44.47 10.76 -2.33
C4' G4P H . -44.36 12.04 -3.08
O4' G4P H . -43.11 12.41 -3.19
C3' G4P H . -44.95 11.88 -4.64
O3' G4P H . -45.37 13.22 -5.11
C2' G4P H . -43.97 11.54 -5.30
O2' G4P H . -44.20 11.90 -6.74
C1' G4P H . -42.86 12.50 -4.66
N9 G4P H . -41.62 12.14 -4.95
C8 G4P H . -41.24 10.84 -4.90
N7 G4P H . -39.93 10.80 -5.23
C5 G4P H . -39.53 12.04 -5.50
C6 G4P H . -38.18 12.63 -5.93
O6 G4P H . -37.25 11.92 -6.08
N1 G4P H . -38.05 14.04 -6.13
C2 G4P H . -39.18 14.90 -5.94
N2 G4P H . -39.06 16.34 -6.14
N3 G4P H . -40.46 14.34 -5.53
C4 G4P H . -40.59 12.87 -5.31
PC G4P H . -46.73 13.94 -4.52
O1C G4P H . -46.55 14.34 -3.09
O2C G4P H . -47.87 12.94 -4.57
O3C G4P H . -47.07 15.30 -5.40
PD G4P H . -45.96 16.17 -6.25
O1D G4P H . -45.06 15.25 -7.05
O2D G4P H . -45.10 17.00 -5.32
O3D G4P H . -46.66 17.12 -7.18
PB G4P I . 23.00 47.25 -23.55
O1B G4P I . 24.38 46.77 -23.14
O2B G4P I . 22.71 48.60 -22.93
O3B G4P I . 22.91 47.51 -25.03
O3A G4P I . 21.84 46.15 -23.11
PA G4P I . 21.88 44.49 -23.13
O1A G4P I . 20.54 44.01 -23.64
O2A G4P I . 22.97 43.99 -24.06
O5' G4P I . 22.11 43.83 -21.63
C5' G4P I . 23.11 42.87 -21.38
C4' G4P I . 23.76 43.20 -20.07
O4' G4P I . 23.11 42.69 -19.04
C3' G4P I . 25.36 42.74 -19.91
O3' G4P I . 26.14 43.84 -19.31
C2' G4P I . 25.34 41.81 -19.10
O2' G4P I . 26.68 41.71 -18.43
C1' G4P I . 24.22 42.35 -18.08
N9 G4P I . 23.83 41.45 -17.20
C8 G4P I . 23.20 40.33 -17.65
N7 G4P I . 22.91 39.58 -16.57
C5 G4P I . 23.33 40.23 -15.49
C6 G4P I . 23.28 39.89 -14.00
O6 G4P I . 22.77 38.88 -13.64
N1 G4P I . 23.83 40.82 -13.05
C2 G4P I . 24.43 42.05 -13.47
N2 G4P I . 25.00 42.97 -12.48
N3 G4P I . 24.48 42.37 -14.90
C4 G4P I . 23.91 41.41 -15.89
PC G4P I . 26.87 44.98 -20.26
O1C G4P I . 25.91 46.11 -20.57
O2C G4P I . 27.28 44.34 -21.57
O3C G4P I . 28.21 45.61 -19.53
PD G4P I . 28.62 45.45 -17.95
O1D G4P I . 28.47 44.01 -17.53
O2D G4P I . 27.73 46.32 -17.09
O3D G4P I . 30.06 45.87 -17.77
PB G4P J . 17.91 -8.81 42.79
O1B G4P J . 16.93 -9.91 43.07
O2B G4P J . 17.76 -7.71 43.82
O3B G4P J . 19.33 -9.30 42.90
O3A G4P J . 17.69 -8.25 41.25
PA G4P J . 18.04 -9.10 39.88
O1A G4P J . 19.28 -8.56 39.23
O2A G4P J . 18.25 -10.57 40.22
O5' G4P J . 16.83 -8.97 38.77
C5' G4P J . 16.25 -10.13 38.27
C4' G4P J . 15.08 -10.43 39.13
O4' G4P J . 14.03 -9.84 38.63
C3' G4P J . 14.77 -12.06 39.05
O3' G4P J . 13.82 -12.40 40.12
C2' G4P J . 14.28 -12.25 37.94
O2' G4P J . 13.34 -13.43 38.00
C1' G4P J . 13.43 -10.91 37.75
N9 G4P J . 13.20 -10.45 36.53
C8 G4P J . 14.04 -10.16 35.51
N7 G4P J . 13.31 -9.63 34.46
C5 G4P J . 12.00 -9.69 34.88
C6 G4P J . 10.60 -9.33 34.34
O6 G4P J . 10.44 -8.92 33.25
N1 G4P J . 9.43 -9.51 35.16
C2 G4P J . 9.58 -10.02 36.50
N2 G4P J . 8.51 -10.24 37.43
N3 G4P J . 10.86 -10.35 37.00
C4 G4P J . 12.02 -10.16 36.15
PC G4P J . 14.44 -12.66 41.62
O1C G4P J . 14.42 -11.38 42.43
O2C G4P J . 15.86 -13.15 41.49
O3C G4P J . 13.51 -13.80 42.37
PD G4P J . 11.92 -14.02 41.99
O1D G4P J . 11.80 -14.43 40.54
O2D G4P J . 11.17 -12.71 42.20
O3D G4P J . 11.32 -15.08 42.87
#